data_3L3O
#
_entry.id   3L3O
#
_cell.length_a   69.110
_cell.length_b   217.028
_cell.length_c   115.654
_cell.angle_alpha   90.00
_cell.angle_beta   89.98
_cell.angle_gamma   90.00
#
_symmetry.space_group_name_H-M   'P 1 21 1'
#
loop_
_entity.id
_entity.type
_entity.pdbx_description
1 polymer 'Complement C3'
2 polymer 'Complement C3'
3 polymer 'Staphylococcal complement inhibitor'
4 polymer 'Complement C3'
5 non-polymer 2-acetamido-2-deoxy-beta-D-glucopyranose
#
loop_
_entity_poly.entity_id
_entity_poly.type
_entity_poly.pdbx_seq_one_letter_code
_entity_poly.pdbx_strand_id
1 'polypeptide(L)'
;SPMYSIITPNILRLESEETMVLEAHDAQGDVPVTVTVHDFPGKKLVLSSEKTVLTPATNHMGNVTFTIPANREFKSEKGR
NKFVTVQATFGTQVVEKVVLVSLQSGYLFIQTDKTIYTPGSTVLYRIFTVNHKLLPVGRTVMVNIENPEGIPVKQDSLSS
QNQLGVLPLSWDIPELVNMGQWKIRAYYENSPQQVFSTEFEVKEYVLPSFEVIVEPTEKFYYIYNEKGLEVTITARFLYG
KKVEGTAFVIFGIQDGEQRISLPESLKRIPIEDGSGEVVLSRKVLLDGVQNPRAEDLVGKSLYVSATVILHSGSDMVQAE
RSGIPIVTSPYQIHFTKTPKYFKPGMPFDLMVFVTNPDGSPAYRVPVAVQGEDTVQSLTQGDGVAKLSINTHPSQKPLSI
TVRTKKQELSEAEQATRTMQALPYSTVGNSNNYLHLSVLRTELRPGETLNVNFLLRMDRAHEAKIRYYTYLIMNKGRLLK
AGRQVREPGQDLVVLPLSITTDFIPSFRLVAYYTLIGASGQREVVADSVWVDVKDSCVGSLVVKSGQSEDRQPVPGQQMT
LKIEGDHGARVVLVAVDKGVFVLNKKNKLTQSKIWDVVEKADIGCTPGSGKDYAGVFSDAGLTFTSSSGQQTAQRAELQC
PQPAA
;
A,D
2 'polypeptide(L)'
;SNLDEDIIAEENIVSRSEFPESWLWNVEDLKEPPKNGISTKLMNIFLKDSITTWEILAVSMSDKKGICVADPFEVTVMQD
FFIDLRLPYSVVRNEQVEIRAVLYNYRQNQELKVRVELLHNPAFCSLATTKRRHQQTVTIPPKSSLSVPYVIVPLKTGLQ
EVEVKAAVYHHFISDGVRKSLKVVPEGIRMNKTVAVRTLDPERLGR
;
B,E
3 'polypeptide(L)'
;GTSSTSLPTSNEYQNEKLANELKSLLDELNVNELATGSLNTYYKRTIKISGQKAMYALKSKDFKKMSEAKYQLQKIYNEI
DEALKSKY
;
M,P
4 'polypeptide(L)'
;SEETKENEGFTVTAEGKGQGTLSVVTMYHAKAKDQLTCNKFDLKVTIKPAPETEKRPQDAKNTMILEICTRYRGDQDATM
SILDISMMTGFAPDTDDLKQLANGVDRYISKYELDKAFSDRNTLIIYLDKVSHSEDDCLAFKVHQYFNVELIQPGAVKVY
AYYNLEESCTRFYHPEKEDGKLNKLCRDELCRCAEENCFIQKSDDKVTLEERLDKACEPGVDYVYKTRLVKVQLSNDFDE
YIMAIEQTIKSGSDEVQVGQQRTFISPIKCREALKLEEKKHYLMWGLSSDFWGEKPNLSYIIGKDTWVEHWPEEDECQDE
ENQKQCQDLGAFTESMVVFGCPN
;
F,C
#
loop_
_chem_comp.id
_chem_comp.type
_chem_comp.name
_chem_comp.formula
NAG D-saccharide, beta linking 2-acetamido-2-deoxy-beta-D-glucopyranose 'C8 H15 N O6'
#
# COMPACT_ATOMS: atom_id res chain seq x y z
N SER A 1 23.62 31.68 -58.12
CA SER A 1 24.37 30.45 -58.39
C SER A 1 23.79 29.28 -57.59
N PRO A 2 23.10 28.35 -58.28
CA PRO A 2 22.49 27.20 -57.61
C PRO A 2 23.54 26.36 -56.90
N MET A 3 23.16 25.74 -55.77
CA MET A 3 24.04 24.83 -55.04
C MET A 3 23.31 23.60 -54.52
N TYR A 4 23.90 22.43 -54.77
CA TYR A 4 23.28 21.19 -54.36
C TYR A 4 24.08 20.56 -53.24
N SER A 5 23.39 20.15 -52.18
CA SER A 5 24.04 19.56 -51.03
C SER A 5 23.60 18.13 -50.75
N ILE A 6 24.57 17.30 -50.37
CA ILE A 6 24.30 15.92 -50.01
C ILE A 6 24.68 15.66 -48.56
N ILE A 7 23.75 15.08 -47.80
CA ILE A 7 23.93 14.85 -46.37
C ILE A 7 23.60 13.41 -45.98
N THR A 8 24.59 12.70 -45.46
CA THR A 8 24.39 11.31 -45.09
C THR A 8 24.95 11.01 -43.71
N PRO A 9 24.58 9.84 -43.16
CA PRO A 9 25.23 9.32 -41.97
C PRO A 9 26.72 9.07 -42.20
N ASN A 10 27.51 9.37 -41.17
CA ASN A 10 28.97 9.17 -41.16
C ASN A 10 29.46 7.78 -41.51
N ILE A 11 28.61 6.81 -41.27
CA ILE A 11 28.94 5.40 -41.43
C ILE A 11 27.67 4.66 -41.78
N LEU A 12 27.65 4.03 -42.94
CA LEU A 12 26.44 3.35 -43.37
C LEU A 12 26.38 1.94 -42.80
N ARG A 13 25.34 1.19 -43.14
CA ARG A 13 25.17 -0.15 -42.61
C ARG A 13 24.56 -1.08 -43.64
N LEU A 14 24.93 -2.35 -43.56
CA LEU A 14 24.44 -3.33 -44.50
C LEU A 14 23.03 -3.78 -44.17
N GLU A 15 22.27 -4.13 -45.20
CA GLU A 15 20.98 -4.80 -45.03
C GLU A 15 20.00 -4.00 -44.19
N SER A 16 20.19 -2.69 -44.14
CA SER A 16 19.27 -1.82 -43.42
C SER A 16 19.02 -0.57 -44.22
N GLU A 17 17.87 0.05 -43.99
CA GLU A 17 17.52 1.28 -44.68
C GLU A 17 18.30 2.44 -44.13
N GLU A 18 18.85 3.24 -45.04
CA GLU A 18 19.47 4.49 -44.65
C GLU A 18 18.80 5.60 -45.42
N THR A 19 19.12 6.83 -45.06
CA THR A 19 18.47 7.98 -45.66
C THR A 19 19.45 9.10 -45.90
N MET A 20 19.31 9.82 -47.01
CA MET A 20 20.17 10.97 -47.18
C MET A 20 19.40 12.11 -47.79
N VAL A 21 19.76 13.32 -47.37
CA VAL A 21 19.00 14.52 -47.68
C VAL A 21 19.53 15.23 -48.93
N LEU A 22 18.60 15.37 -49.87
CA LEU A 22 18.88 16.06 -51.11
C LEU A 22 18.34 17.46 -50.97
N GLU A 23 19.14 18.45 -51.38
CA GLU A 23 18.71 19.84 -51.33
C GLU A 23 19.14 20.64 -52.58
N ALA A 24 18.26 21.52 -53.04
CA ALA A 24 18.58 22.44 -54.11
C ALA A 24 18.50 23.86 -53.60
N HIS A 25 19.65 24.49 -53.42
CA HIS A 25 19.71 25.83 -52.88
C HIS A 25 19.75 26.89 -53.98
N ASP A 26 18.72 27.73 -54.06
CA ASP A 26 18.71 28.89 -54.96
C ASP A 26 18.46 28.53 -56.42
N ALA A 27 17.84 27.39 -56.67
CA ALA A 27 17.57 27.00 -58.04
C ALA A 27 16.10 27.13 -58.38
N GLN A 28 15.80 27.12 -59.68
CA GLN A 28 14.44 27.36 -60.16
C GLN A 28 13.79 26.13 -60.78
N GLY A 29 12.47 26.05 -60.64
CA GLY A 29 11.68 24.98 -61.22
C GLY A 29 12.09 23.60 -60.73
N ASP A 30 11.39 22.57 -61.20
CA ASP A 30 11.64 21.20 -60.77
C ASP A 30 13.04 20.74 -61.18
N VAL A 31 13.70 20.03 -60.27
CA VAL A 31 15.01 19.45 -60.53
C VAL A 31 15.01 17.95 -60.25
N PRO A 32 15.16 17.14 -61.30
CA PRO A 32 15.14 15.68 -61.14
C PRO A 32 16.51 15.19 -60.71
N VAL A 33 16.54 14.24 -59.77
CA VAL A 33 17.78 13.73 -59.23
C VAL A 33 17.83 12.20 -59.20
N THR A 34 18.98 11.65 -59.57
CA THR A 34 19.21 10.21 -59.56
C THR A 34 20.36 9.93 -58.60
N VAL A 35 20.21 8.91 -57.78
CA VAL A 35 21.26 8.58 -56.82
C VAL A 35 21.74 7.13 -56.91
N THR A 36 23.05 6.97 -56.86
CA THR A 36 23.69 5.69 -57.09
C THR A 36 24.89 5.44 -56.16
N VAL A 37 24.96 4.22 -55.65
CA VAL A 37 26.08 3.82 -54.83
C VAL A 37 26.90 2.79 -55.59
N HIS A 38 28.23 2.91 -55.49
CA HIS A 38 29.11 1.93 -56.10
C HIS A 38 30.12 1.44 -55.07
N ASP A 39 30.56 0.18 -55.19
CA ASP A 39 31.63 -0.32 -54.34
C ASP A 39 32.84 0.57 -54.56
N PHE A 40 33.78 0.53 -53.64
CA PHE A 40 34.96 1.37 -53.77
C PHE A 40 36.25 0.57 -53.60
N PRO A 41 37.22 0.81 -54.49
CA PRO A 41 36.99 1.66 -55.67
C PRO A 41 36.54 0.82 -56.88
N GLY A 42 36.14 1.50 -57.96
CA GLY A 42 35.72 0.83 -59.18
C GLY A 42 34.26 1.08 -59.55
N LYS A 43 33.57 0.01 -59.92
CA LYS A 43 32.14 0.07 -60.24
C LYS A 43 31.46 -1.29 -60.05
N LYS A 44 30.46 -1.32 -59.17
CA LYS A 44 29.62 -2.51 -58.98
C LYS A 44 28.13 -2.10 -59.08
N LEU A 45 27.87 -0.79 -59.01
CA LEU A 45 26.52 -0.22 -59.09
C LEU A 45 25.56 -0.83 -58.06
N VAL A 46 25.99 -0.89 -56.81
CA VAL A 46 25.27 -1.62 -55.77
C VAL A 46 23.85 -1.10 -55.51
N LEU A 47 23.58 0.14 -55.89
CA LEU A 47 22.25 0.70 -55.69
C LEU A 47 22.03 1.99 -56.47
N SER A 48 21.19 1.89 -57.49
CA SER A 48 20.96 2.99 -58.40
C SER A 48 19.46 3.25 -58.55
N SER A 49 18.67 2.26 -58.18
CA SER A 49 17.24 2.24 -58.49
C SER A 49 16.53 3.56 -58.22
N GLU A 50 16.99 4.28 -57.21
CA GLU A 50 16.23 5.40 -56.67
C GLU A 50 16.32 6.70 -57.47
N LYS A 51 15.16 7.30 -57.71
CA LYS A 51 15.03 8.60 -58.39
C LYS A 51 14.03 9.51 -57.69
N THR A 52 14.27 10.82 -57.79
CA THR A 52 13.40 11.79 -57.14
C THR A 52 13.58 13.18 -57.73
N VAL A 53 12.61 14.06 -57.46
CA VAL A 53 12.60 15.42 -58.01
C VAL A 53 12.36 16.41 -56.88
N LEU A 54 13.10 17.52 -56.86
CA LEU A 54 12.94 18.54 -55.83
C LEU A 54 12.01 19.66 -56.27
N THR A 55 10.73 19.51 -55.98
CA THR A 55 9.73 20.48 -56.41
C THR A 55 9.83 21.78 -55.62
N PRO A 56 9.56 22.92 -56.29
CA PRO A 56 9.42 24.21 -55.61
C PRO A 56 8.31 24.14 -54.57
N ALA A 57 7.47 23.12 -54.67
CA ALA A 57 6.46 22.89 -53.65
C ALA A 57 7.13 22.65 -52.31
N THR A 58 7.99 21.62 -52.28
CA THR A 58 8.65 21.17 -51.07
C THR A 58 10.02 21.85 -50.89
N ASN A 59 10.09 23.14 -51.20
CA ASN A 59 11.30 23.92 -51.00
C ASN A 59 12.60 23.19 -51.36
N HIS A 60 12.53 22.33 -52.38
CA HIS A 60 13.72 21.66 -52.89
C HIS A 60 14.41 20.77 -51.85
N MET A 61 13.63 20.03 -51.08
CA MET A 61 14.23 19.10 -50.10
C MET A 61 13.90 17.64 -50.34
N GLY A 62 14.94 16.83 -50.46
CA GLY A 62 14.80 15.47 -50.95
C GLY A 62 14.88 14.34 -49.95
N ASN A 63 14.22 13.23 -50.27
CA ASN A 63 14.27 12.01 -49.48
C ASN A 63 14.98 10.86 -50.17
N VAL A 64 15.98 10.34 -49.49
CA VAL A 64 16.74 9.20 -49.97
C VAL A 64 16.49 7.96 -49.08
N THR A 65 15.94 6.91 -49.67
CA THR A 65 15.76 5.64 -48.99
C THR A 65 16.42 4.54 -49.79
N PHE A 66 17.38 3.86 -49.17
CA PHE A 66 18.11 2.82 -49.88
C PHE A 66 18.61 1.71 -48.95
N THR A 67 18.83 0.53 -49.52
CA THR A 67 19.32 -0.62 -48.75
C THR A 67 20.46 -1.30 -49.49
N ILE A 68 21.66 -1.15 -48.96
CA ILE A 68 22.85 -1.79 -49.51
C ILE A 68 22.92 -3.27 -49.17
N PRO A 69 22.91 -4.14 -50.19
CA PRO A 69 22.98 -5.59 -50.02
C PRO A 69 24.32 -6.04 -49.45
N ALA A 70 24.52 -7.34 -49.29
CA ALA A 70 25.78 -7.84 -48.75
C ALA A 70 26.44 -8.88 -49.68
N ASN A 71 26.84 -8.42 -50.87
CA ASN A 71 27.42 -9.31 -51.86
C ASN A 71 28.80 -9.80 -51.47
N ARG A 72 29.28 -10.84 -52.16
CA ARG A 72 30.66 -11.28 -52.01
C ARG A 72 31.61 -10.12 -52.27
N GLU A 73 32.10 -9.54 -51.17
CA GLU A 73 33.07 -8.42 -51.15
C GLU A 73 34.06 -8.45 -52.33
N LYS A 78 40.74 -9.08 -44.75
CA LYS A 78 40.07 -7.90 -44.24
C LYS A 78 40.98 -7.15 -43.27
N GLY A 79 40.42 -6.65 -42.17
CA GLY A 79 41.18 -5.85 -41.23
C GLY A 79 41.33 -4.40 -41.69
N ARG A 80 40.97 -4.15 -42.95
CA ARG A 80 41.02 -2.81 -43.55
C ARG A 80 39.64 -2.33 -43.96
N ASN A 81 39.19 -1.24 -43.37
CA ASN A 81 37.84 -0.73 -43.62
C ASN A 81 37.43 -0.73 -45.09
N LYS A 82 36.25 -1.27 -45.39
CA LYS A 82 35.65 -1.20 -46.72
C LYS A 82 34.82 0.08 -46.83
N PHE A 83 34.81 0.69 -48.00
CA PHE A 83 34.11 1.97 -48.22
C PHE A 83 33.11 1.91 -49.36
N VAL A 84 32.38 3.02 -49.57
CA VAL A 84 31.55 3.21 -50.76
C VAL A 84 31.51 4.66 -51.23
N THR A 85 31.28 4.84 -52.52
CA THR A 85 31.18 6.15 -53.12
C THR A 85 29.72 6.40 -53.54
N VAL A 86 29.08 7.34 -52.86
CA VAL A 86 27.71 7.71 -53.17
C VAL A 86 27.77 8.76 -54.26
N GLN A 87 26.77 8.74 -55.16
CA GLN A 87 26.76 9.64 -56.32
C GLN A 87 25.36 10.17 -56.61
N ALA A 88 25.15 11.45 -56.34
CA ALA A 88 23.84 12.09 -56.54
C ALA A 88 23.91 13.09 -57.67
N THR A 89 23.10 12.87 -58.69
CA THR A 89 23.12 13.70 -59.89
C THR A 89 21.85 14.52 -60.04
N PHE A 90 21.95 15.82 -59.73
CA PHE A 90 20.84 16.75 -59.93
C PHE A 90 20.88 17.25 -61.38
N GLY A 91 19.83 16.97 -62.14
CA GLY A 91 19.84 17.30 -63.57
C GLY A 91 21.05 16.67 -64.24
N THR A 92 22.02 17.49 -64.60
CA THR A 92 23.27 16.99 -65.18
C THR A 92 24.40 17.04 -64.17
N GLN A 93 24.36 18.04 -63.30
CA GLN A 93 25.36 18.23 -62.26
C GLN A 93 25.51 16.97 -61.40
N VAL A 94 26.75 16.65 -61.01
CA VAL A 94 27.01 15.39 -60.32
C VAL A 94 27.92 15.49 -59.09
N VAL A 95 27.30 15.40 -57.91
CA VAL A 95 28.01 15.46 -56.64
C VAL A 95 28.14 14.08 -56.00
N GLU A 96 29.23 13.85 -55.29
CA GLU A 96 29.50 12.53 -54.71
C GLU A 96 30.44 12.59 -53.50
N LYS A 97 30.36 11.59 -52.62
CA LYS A 97 31.22 11.51 -51.44
C LYS A 97 31.61 10.07 -51.08
N VAL A 98 32.74 9.92 -50.40
CA VAL A 98 33.33 8.63 -50.08
C VAL A 98 33.26 8.32 -48.59
N VAL A 99 32.25 7.54 -48.19
CA VAL A 99 31.98 7.28 -46.77
C VAL A 99 32.44 5.91 -46.30
N LEU A 100 32.45 5.73 -44.99
CA LEU A 100 32.77 4.44 -44.34
C LEU A 100 31.52 3.56 -44.11
N VAL A 101 31.66 2.25 -44.31
CA VAL A 101 30.57 1.31 -44.01
C VAL A 101 31.01 0.24 -43.01
N SER A 102 30.05 -0.29 -42.29
CA SER A 102 30.33 -1.33 -41.29
C SER A 102 29.56 -2.62 -41.55
N LEU A 103 30.19 -3.75 -41.24
CA LEU A 103 29.57 -5.06 -41.37
C LEU A 103 28.63 -5.30 -40.20
N GLN A 104 28.78 -4.51 -39.15
CA GLN A 104 27.89 -4.59 -38.00
C GLN A 104 26.44 -4.59 -38.45
N SER A 105 25.82 -5.76 -38.29
CA SER A 105 24.42 -5.93 -38.65
C SER A 105 23.54 -5.15 -37.67
N GLY A 106 23.57 -5.56 -36.40
CA GLY A 106 22.77 -4.91 -35.38
C GLY A 106 23.18 -5.33 -33.99
N TYR A 107 22.20 -5.77 -33.20
CA TYR A 107 22.44 -6.23 -31.85
C TYR A 107 21.98 -7.65 -31.62
N LEU A 108 22.44 -8.22 -30.51
CA LEU A 108 22.00 -9.52 -30.03
C LEU A 108 21.94 -9.49 -28.50
N PHE A 109 20.85 -9.98 -27.93
CA PHE A 109 20.79 -10.11 -26.48
C PHE A 109 20.42 -11.55 -26.14
N ILE A 110 21.01 -12.03 -25.04
CA ILE A 110 20.79 -13.39 -24.62
C ILE A 110 20.21 -13.39 -23.22
N GLN A 111 19.32 -14.33 -22.97
CA GLN A 111 18.63 -14.40 -21.70
C GLN A 111 18.76 -15.81 -21.21
N THR A 112 19.10 -15.99 -19.94
CA THR A 112 19.16 -17.32 -19.37
C THR A 112 18.12 -17.36 -18.26
N ASP A 113 17.49 -18.51 -18.04
CA ASP A 113 16.39 -18.55 -17.07
C ASP A 113 16.91 -18.17 -15.70
N LYS A 114 18.03 -18.78 -15.30
CA LYS A 114 18.67 -18.41 -14.05
C LYS A 114 20.05 -17.77 -14.29
N THR A 115 20.68 -17.29 -13.23
CA THR A 115 21.99 -16.67 -13.31
C THR A 115 23.05 -17.67 -13.01
N ILE A 116 22.60 -18.86 -12.61
CA ILE A 116 23.46 -19.84 -12.01
C ILE A 116 22.74 -21.17 -12.04
N TYR A 117 23.46 -22.22 -12.44
CA TYR A 117 22.92 -23.57 -12.58
C TYR A 117 23.80 -24.56 -11.83
N THR A 118 23.25 -25.73 -11.51
CA THR A 118 24.05 -26.80 -10.93
C THR A 118 24.31 -27.84 -12.00
N PRO A 119 25.42 -28.58 -11.87
CA PRO A 119 25.72 -29.65 -12.81
C PRO A 119 24.52 -30.56 -13.01
N GLY A 120 24.07 -30.67 -14.25
CA GLY A 120 23.00 -31.56 -14.51
C GLY A 120 21.66 -30.85 -14.58
N SER A 121 21.66 -29.54 -14.39
CA SER A 121 20.46 -28.74 -14.56
C SER A 121 20.54 -28.00 -15.88
N THR A 122 19.53 -28.18 -16.72
CA THR A 122 19.50 -27.58 -18.06
C THR A 122 19.40 -26.06 -18.03
N VAL A 123 20.06 -25.40 -18.97
CA VAL A 123 20.02 -23.95 -19.06
C VAL A 123 19.22 -23.52 -20.26
N LEU A 124 18.11 -22.84 -19.98
CA LEU A 124 17.24 -22.27 -21.01
C LEU A 124 17.78 -20.90 -21.48
N TYR A 125 17.78 -20.65 -22.78
CA TYR A 125 18.22 -19.33 -23.24
C TYR A 125 17.57 -18.87 -24.50
N ARG A 126 17.33 -17.57 -24.53
CA ARG A 126 16.74 -16.92 -25.69
C ARG A 126 17.75 -15.94 -26.31
N ILE A 127 17.79 -15.91 -27.63
CA ILE A 127 18.60 -14.92 -28.33
C ILE A 127 17.62 -13.95 -28.99
N PHE A 128 17.57 -12.73 -28.50
CA PHE A 128 16.74 -11.75 -29.14
C PHE A 128 17.59 -11.16 -30.26
N THR A 129 17.06 -11.09 -31.49
CA THR A 129 17.83 -10.61 -32.65
C THR A 129 17.25 -9.36 -33.33
N VAL A 130 18.01 -8.27 -33.37
CA VAL A 130 17.48 -7.01 -33.92
C VAL A 130 18.48 -6.12 -34.66
N ASN A 131 17.94 -5.26 -35.53
CA ASN A 131 18.72 -4.26 -36.26
C ASN A 131 19.04 -3.06 -35.40
N HIS A 132 19.67 -2.05 -36.00
CA HIS A 132 20.17 -0.91 -35.21
C HIS A 132 19.04 -0.04 -34.66
N LYS A 133 17.82 -0.33 -35.11
CA LYS A 133 16.65 0.39 -34.64
C LYS A 133 15.96 -0.43 -33.55
N LEU A 134 16.63 -1.48 -33.11
CA LEU A 134 16.07 -2.34 -32.07
C LEU A 134 14.77 -2.97 -32.53
N LEU A 135 14.57 -3.02 -33.84
CA LEU A 135 13.41 -3.71 -34.40
C LEU A 135 13.78 -5.16 -34.67
N PRO A 136 12.83 -6.07 -34.52
CA PRO A 136 13.16 -7.47 -34.73
C PRO A 136 13.43 -7.70 -36.19
N VAL A 137 14.63 -8.16 -36.48
CA VAL A 137 14.95 -8.59 -37.82
C VAL A 137 15.25 -10.10 -37.84
N GLY A 138 15.37 -10.66 -39.04
CA GLY A 138 15.60 -12.07 -39.19
C GLY A 138 16.82 -12.36 -40.03
N ARG A 139 17.88 -12.80 -39.37
CA ARG A 139 19.11 -13.21 -40.05
C ARG A 139 19.45 -14.63 -39.59
N THR A 140 20.67 -15.07 -39.85
CA THR A 140 21.15 -16.34 -39.33
C THR A 140 22.18 -16.05 -38.25
N VAL A 141 22.11 -16.80 -37.14
CA VAL A 141 22.98 -16.55 -36.00
C VAL A 141 23.75 -17.81 -35.60
N MET A 142 24.99 -17.65 -35.15
CA MET A 142 25.74 -18.79 -34.65
C MET A 142 25.82 -18.63 -33.16
N VAL A 143 25.77 -19.73 -32.43
CA VAL A 143 25.77 -19.63 -30.98
C VAL A 143 26.68 -20.66 -30.32
N ASN A 144 27.70 -20.19 -29.61
CA ASN A 144 28.64 -21.08 -28.95
C ASN A 144 28.34 -21.17 -27.45
N ILE A 145 28.70 -22.29 -26.83
CA ILE A 145 28.66 -22.35 -25.39
C ILE A 145 30.05 -22.71 -24.85
N GLU A 146 30.83 -21.68 -24.51
CA GLU A 146 32.20 -21.86 -24.05
C GLU A 146 32.21 -22.32 -22.62
N ASN A 147 33.08 -23.25 -22.29
CA ASN A 147 33.30 -23.59 -20.89
C ASN A 147 34.28 -22.58 -20.26
N PRO A 148 34.55 -22.69 -18.96
CA PRO A 148 35.21 -21.57 -18.27
C PRO A 148 36.68 -21.43 -18.63
N GLU A 149 37.19 -22.32 -19.47
CA GLU A 149 38.55 -22.19 -19.97
C GLU A 149 38.48 -21.81 -21.44
N GLY A 150 37.31 -21.31 -21.85
CA GLY A 150 37.14 -20.70 -23.15
C GLY A 150 36.84 -21.64 -24.31
N ILE A 151 36.72 -22.93 -24.05
CA ILE A 151 36.61 -23.87 -25.16
C ILE A 151 35.18 -24.23 -25.54
N PRO A 152 34.73 -23.77 -26.71
CA PRO A 152 33.38 -24.09 -27.20
C PRO A 152 33.04 -25.56 -26.97
N VAL A 153 32.02 -25.82 -26.16
CA VAL A 153 31.58 -27.20 -25.94
C VAL A 153 30.30 -27.48 -26.69
N LYS A 154 29.79 -26.48 -27.39
CA LYS A 154 28.63 -26.67 -28.25
C LYS A 154 28.29 -25.43 -29.03
N GLN A 155 27.94 -25.63 -30.30
CA GLN A 155 27.47 -24.57 -31.18
C GLN A 155 26.31 -25.08 -32.01
N ASP A 156 25.39 -24.16 -32.35
CA ASP A 156 24.34 -24.41 -33.33
C ASP A 156 24.33 -23.24 -34.29
N SER A 157 23.63 -23.42 -35.41
CA SER A 157 23.40 -22.34 -36.34
C SER A 157 21.90 -22.23 -36.64
N LEU A 158 21.34 -21.08 -36.31
CA LEU A 158 19.90 -20.89 -36.38
C LEU A 158 19.46 -19.61 -37.15
N SER A 159 18.32 -19.68 -37.82
CA SER A 159 17.80 -18.50 -38.52
C SER A 159 16.64 -17.95 -37.73
N SER A 160 16.50 -16.62 -37.74
CA SER A 160 15.43 -15.97 -37.00
C SER A 160 14.32 -15.54 -37.94
N GLN A 161 14.29 -16.14 -39.13
CA GLN A 161 13.29 -15.81 -40.11
C GLN A 161 11.91 -16.32 -39.72
N ASN A 162 10.95 -15.40 -39.69
CA ASN A 162 9.57 -15.66 -39.26
C ASN A 162 9.47 -16.15 -37.83
N GLN A 163 10.41 -15.72 -36.99
CA GLN A 163 10.38 -16.11 -35.58
C GLN A 163 10.24 -14.87 -34.71
N LEU A 164 9.92 -13.75 -35.36
CA LEU A 164 9.61 -12.53 -34.65
C LEU A 164 10.75 -12.15 -33.72
N GLY A 165 11.96 -12.55 -34.11
CA GLY A 165 13.18 -12.11 -33.45
C GLY A 165 13.52 -12.84 -32.17
N VAL A 166 12.89 -13.99 -31.95
CA VAL A 166 13.11 -14.69 -30.71
C VAL A 166 13.46 -16.17 -30.93
N LEU A 167 14.69 -16.52 -30.58
CA LEU A 167 15.17 -17.88 -30.72
C LEU A 167 15.26 -18.60 -29.37
N PRO A 168 14.26 -19.45 -29.07
CA PRO A 168 14.35 -20.30 -27.89
C PRO A 168 15.47 -21.28 -28.06
N LEU A 169 16.01 -21.75 -26.94
CA LEU A 169 17.13 -22.68 -26.95
C LEU A 169 17.39 -23.28 -25.58
N SER A 170 18.12 -24.39 -25.56
CA SER A 170 18.53 -24.99 -24.30
C SER A 170 19.87 -25.68 -24.45
N TRP A 171 20.41 -26.12 -23.31
CA TRP A 171 21.65 -26.87 -23.25
C TRP A 171 21.64 -27.62 -21.94
N ASP A 172 21.82 -28.94 -22.02
CA ASP A 172 21.84 -29.80 -20.83
C ASP A 172 23.24 -29.86 -20.23
N ILE A 173 23.43 -29.22 -19.09
CA ILE A 173 24.71 -29.24 -18.40
C ILE A 173 25.04 -30.66 -17.98
N PRO A 174 26.20 -31.16 -18.44
CA PRO A 174 26.66 -32.53 -18.16
C PRO A 174 26.80 -32.73 -16.67
N GLU A 175 26.83 -33.97 -16.21
CA GLU A 175 26.90 -34.24 -14.78
C GLU A 175 28.23 -33.83 -14.13
N LEU A 176 29.33 -34.25 -14.72
CA LEU A 176 30.63 -33.78 -14.26
C LEU A 176 31.04 -32.72 -15.25
N VAL A 177 31.50 -31.59 -14.73
CA VAL A 177 32.00 -30.53 -15.57
C VAL A 177 32.59 -29.44 -14.69
N ASN A 178 33.50 -28.64 -15.25
CA ASN A 178 34.13 -27.60 -14.46
C ASN A 178 33.08 -26.65 -13.92
N MET A 179 33.11 -26.39 -12.62
CA MET A 179 32.40 -25.26 -12.05
C MET A 179 33.12 -24.03 -12.56
N GLY A 180 32.53 -22.86 -12.43
CA GLY A 180 33.18 -21.66 -12.94
C GLY A 180 32.26 -20.85 -13.83
N GLN A 181 32.79 -19.77 -14.41
CA GLN A 181 31.92 -18.86 -15.16
C GLN A 181 31.82 -19.23 -16.62
N TRP A 182 30.73 -19.87 -17.00
CA TRP A 182 30.53 -20.19 -18.39
C TRP A 182 30.02 -19.00 -19.20
N LYS A 183 30.07 -19.13 -20.52
CA LYS A 183 29.74 -18.02 -21.38
C LYS A 183 28.94 -18.54 -22.57
N ILE A 184 27.99 -17.74 -23.03
CA ILE A 184 27.24 -18.03 -24.24
C ILE A 184 27.55 -16.94 -25.23
N ARG A 185 28.13 -17.29 -26.38
CA ARG A 185 28.48 -16.29 -27.37
C ARG A 185 27.74 -16.48 -28.67
N ALA A 186 27.31 -15.36 -29.27
CA ALA A 186 26.59 -15.38 -30.54
C ALA A 186 26.85 -14.16 -31.40
N TYR A 187 26.97 -14.40 -32.70
CA TYR A 187 27.22 -13.36 -33.69
C TYR A 187 26.34 -13.57 -34.91
N TYR A 188 26.14 -12.51 -35.69
CA TYR A 188 25.40 -12.65 -36.94
C TYR A 188 26.30 -13.31 -37.98
N GLU A 189 25.76 -14.28 -38.72
CA GLU A 189 26.59 -15.04 -39.66
C GLU A 189 27.25 -14.09 -40.65
N ASN A 190 26.71 -12.89 -40.78
CA ASN A 190 27.29 -11.90 -41.65
C ASN A 190 28.58 -11.31 -41.10
N SER A 191 28.61 -11.10 -39.79
CA SER A 191 29.71 -10.38 -39.16
C SER A 191 30.19 -11.07 -37.89
N PRO A 192 31.17 -11.95 -38.04
CA PRO A 192 31.74 -12.72 -36.93
C PRO A 192 32.39 -11.86 -35.85
N GLN A 193 33.04 -10.77 -36.26
CA GLN A 193 33.79 -9.94 -35.33
C GLN A 193 32.92 -9.33 -34.23
N GLN A 194 31.72 -8.86 -34.55
CA GLN A 194 30.86 -8.30 -33.53
C GLN A 194 30.20 -9.50 -32.88
N VAL A 195 30.80 -9.97 -31.79
CA VAL A 195 30.32 -11.10 -31.01
C VAL A 195 29.51 -10.59 -29.83
N PHE A 196 28.59 -11.42 -29.34
CA PHE A 196 27.80 -11.05 -28.17
C PHE A 196 27.88 -12.16 -27.13
N SER A 197 27.92 -11.77 -25.86
CA SER A 197 28.17 -12.72 -24.79
C SER A 197 27.32 -12.42 -23.59
N THR A 198 26.81 -13.47 -22.96
CA THR A 198 26.28 -13.40 -21.61
C THR A 198 26.86 -14.57 -20.86
N GLU A 199 27.03 -14.43 -19.55
CA GLU A 199 27.59 -15.50 -18.73
C GLU A 199 26.54 -16.23 -17.91
N PHE A 200 26.98 -17.35 -17.32
CA PHE A 200 26.23 -18.01 -16.25
C PHE A 200 27.16 -18.90 -15.44
N GLU A 201 27.02 -18.86 -14.12
CA GLU A 201 27.88 -19.65 -13.23
C GLU A 201 27.38 -21.08 -13.09
N VAL A 202 28.30 -22.02 -13.05
CA VAL A 202 27.93 -23.39 -12.74
C VAL A 202 28.62 -23.79 -11.45
N LYS A 203 27.82 -24.16 -10.45
CA LYS A 203 28.30 -24.39 -9.09
C LYS A 203 27.46 -25.48 -8.47
N GLU A 204 27.83 -25.90 -7.28
CA GLU A 204 27.02 -26.82 -6.50
C GLU A 204 26.45 -26.04 -5.32
N TYR A 205 25.13 -26.03 -5.20
CA TYR A 205 24.48 -25.20 -4.20
C TYR A 205 23.12 -25.77 -3.89
N VAL A 206 22.66 -25.54 -2.67
CA VAL A 206 21.24 -25.60 -2.38
C VAL A 206 20.79 -24.14 -2.31
N LEU A 207 19.52 -23.86 -2.58
CA LEU A 207 19.10 -22.48 -2.49
C LEU A 207 19.01 -22.07 -1.04
N PRO A 208 19.32 -20.80 -0.78
CA PRO A 208 19.25 -20.20 0.54
C PRO A 208 17.81 -19.77 0.80
N SER A 209 17.38 -19.69 2.06
CA SER A 209 16.01 -19.30 2.36
C SER A 209 15.87 -17.85 2.83
N PHE A 210 16.95 -17.08 2.75
CA PHE A 210 16.83 -15.64 2.90
C PHE A 210 17.87 -14.87 2.10
N GLU A 211 17.71 -13.56 2.01
CA GLU A 211 18.71 -12.71 1.37
C GLU A 211 19.41 -11.83 2.41
N VAL A 212 20.68 -11.51 2.17
CA VAL A 212 21.40 -10.63 3.07
C VAL A 212 21.93 -9.44 2.33
N ILE A 213 21.81 -8.27 2.95
CA ILE A 213 22.10 -7.01 2.28
C ILE A 213 22.93 -6.09 3.15
N VAL A 214 24.09 -5.67 2.66
CA VAL A 214 25.00 -4.84 3.46
C VAL A 214 24.94 -3.43 3.00
N GLU A 215 25.00 -2.47 3.91
CA GLU A 215 24.88 -1.09 3.49
C GLU A 215 25.49 -0.03 4.35
N PRO A 216 26.45 0.66 3.75
CA PRO A 216 27.07 1.84 4.32
C PRO A 216 26.07 2.97 4.38
N THR A 217 26.01 3.65 5.51
CA THR A 217 25.18 4.82 5.64
C THR A 217 25.55 5.81 4.55
N GLU A 218 26.80 5.81 4.09
CA GLU A 218 27.20 6.71 3.01
C GLU A 218 27.67 5.88 1.84
N LYS A 219 27.55 6.39 0.62
CA LYS A 219 27.99 5.60 -0.53
C LYS A 219 29.51 5.68 -0.75
N PHE A 220 30.21 6.06 0.31
CA PHE A 220 31.64 6.35 0.28
C PHE A 220 32.10 6.52 1.71
N TYR A 221 33.40 6.65 1.89
CA TYR A 221 33.94 6.94 3.20
C TYR A 221 34.83 8.18 3.11
N TYR A 222 34.59 9.14 3.99
CA TYR A 222 35.40 10.37 4.04
C TYR A 222 36.61 10.13 4.93
N ILE A 223 37.82 10.35 4.40
CA ILE A 223 39.03 10.01 5.13
C ILE A 223 39.18 10.67 6.51
N TYR A 224 38.55 11.83 6.68
CA TYR A 224 38.68 12.56 7.93
C TYR A 224 37.45 12.28 8.80
N ASN A 225 36.73 11.21 8.48
CA ASN A 225 35.51 10.86 9.20
C ASN A 225 35.79 10.03 10.43
N GLU A 226 36.01 10.72 11.54
CA GLU A 226 36.43 10.07 12.78
C GLU A 226 35.64 8.80 13.13
N LYS A 227 34.40 8.74 12.67
CA LYS A 227 33.50 7.65 13.03
C LYS A 227 33.83 6.33 12.36
N GLY A 228 34.64 6.38 11.30
CA GLY A 228 34.93 5.21 10.50
C GLY A 228 33.79 4.89 9.55
N LEU A 229 33.81 3.73 8.93
CA LEU A 229 32.73 3.36 8.04
C LEU A 229 31.64 2.61 8.78
N GLU A 230 30.42 3.17 8.79
CA GLU A 230 29.27 2.55 9.45
C GLU A 230 28.40 1.77 8.49
N VAL A 231 27.96 0.60 8.92
CA VAL A 231 27.29 -0.32 8.03
C VAL A 231 26.14 -1.02 8.74
N THR A 232 25.00 -1.14 8.05
CA THR A 232 23.81 -1.77 8.61
C THR A 232 23.56 -3.07 7.88
N ILE A 233 23.51 -4.18 8.61
CA ILE A 233 23.30 -5.48 7.99
C ILE A 233 21.85 -5.89 8.05
N THR A 234 21.35 -6.47 6.96
CA THR A 234 19.93 -6.74 6.88
C THR A 234 19.63 -8.07 6.28
N ALA A 235 18.82 -8.85 6.98
CA ALA A 235 18.45 -10.17 6.54
C ALA A 235 16.93 -10.31 6.58
N ARG A 236 16.39 -10.94 5.55
CA ARG A 236 14.97 -11.25 5.49
C ARG A 236 14.74 -12.41 4.53
N PHE A 237 13.93 -13.37 4.98
CA PHE A 237 13.57 -14.52 4.17
C PHE A 237 13.05 -14.12 2.80
N LEU A 238 12.95 -15.08 1.91
CA LEU A 238 12.45 -14.81 0.58
C LEU A 238 10.96 -14.51 0.72
N TYR A 239 10.18 -15.42 1.28
CA TYR A 239 8.84 -15.06 1.73
C TYR A 239 9.14 -13.88 2.58
N GLY A 240 8.50 -12.75 2.35
CA GLY A 240 8.94 -11.59 3.11
C GLY A 240 8.71 -11.75 4.61
N LYS A 241 9.79 -11.88 5.39
CA LYS A 241 9.68 -11.99 6.86
C LYS A 241 11.04 -11.73 7.45
N LYS A 242 11.07 -11.03 8.58
CA LYS A 242 12.37 -10.63 9.18
C LYS A 242 13.17 -11.77 9.84
N VAL A 243 14.50 -11.69 9.78
CA VAL A 243 15.36 -12.81 10.22
C VAL A 243 15.96 -12.61 11.60
N GLU A 244 16.03 -13.65 12.41
CA GLU A 244 16.85 -13.58 13.61
C GLU A 244 18.03 -14.54 13.45
N GLY A 245 19.21 -14.12 13.91
CA GLY A 245 20.42 -14.90 13.77
C GLY A 245 21.63 -14.07 14.15
N THR A 246 22.84 -14.61 14.02
CA THR A 246 24.03 -13.78 14.24
C THR A 246 24.79 -13.72 12.95
N ALA A 247 25.56 -12.66 12.79
CA ALA A 247 26.24 -12.41 11.53
C ALA A 247 27.68 -11.91 11.70
N PHE A 248 28.59 -12.53 10.95
CA PHE A 248 29.99 -12.17 10.98
C PHE A 248 30.34 -11.18 9.88
N VAL A 249 30.86 -10.01 10.26
CA VAL A 249 31.20 -8.99 9.27
C VAL A 249 32.69 -8.71 9.25
N ILE A 250 33.21 -8.42 8.06
CA ILE A 250 34.63 -8.14 7.91
C ILE A 250 34.92 -7.29 6.68
N PHE A 251 35.95 -6.43 6.78
CA PHE A 251 36.26 -5.42 5.78
C PHE A 251 37.56 -5.64 5.03
N GLY A 252 37.84 -4.80 4.04
CA GLY A 252 39.11 -4.81 3.31
C GLY A 252 39.31 -3.56 2.45
N ILE A 253 40.51 -3.39 1.89
CA ILE A 253 40.77 -2.30 0.95
C ILE A 253 41.10 -2.82 -0.43
N GLN A 254 40.51 -2.21 -1.46
CA GLN A 254 40.87 -2.61 -2.80
C GLN A 254 41.69 -1.54 -3.51
N ASP A 255 42.71 -1.98 -4.24
CA ASP A 255 43.51 -1.11 -5.09
C ASP A 255 43.60 -1.73 -6.48
N GLY A 256 42.92 -1.13 -7.44
CA GLY A 256 42.80 -1.69 -8.76
C GLY A 256 41.94 -2.93 -8.73
N GLU A 257 42.58 -4.09 -8.83
CA GLU A 257 41.92 -5.38 -8.77
C GLU A 257 42.47 -6.08 -7.56
N GLN A 258 43.46 -5.45 -6.94
CA GLN A 258 44.19 -5.98 -5.78
C GLN A 258 43.44 -5.75 -4.47
N ARG A 259 43.42 -6.78 -3.61
CA ARG A 259 42.54 -6.80 -2.43
C ARG A 259 43.22 -7.20 -1.14
N ILE A 260 43.28 -6.27 -0.20
CA ILE A 260 43.83 -6.57 1.12
C ILE A 260 42.75 -6.57 2.19
N SER A 261 42.63 -7.70 2.88
CA SER A 261 41.68 -7.83 3.96
C SER A 261 42.29 -7.21 5.20
N LEU A 262 41.44 -6.63 6.05
CA LEU A 262 41.84 -6.11 7.34
C LEU A 262 41.39 -7.12 8.39
N PRO A 263 42.26 -8.08 8.71
CA PRO A 263 41.87 -9.27 9.47
C PRO A 263 41.28 -8.84 10.79
N GLU A 264 41.66 -7.64 11.23
CA GLU A 264 41.36 -7.21 12.58
C GLU A 264 39.98 -6.59 12.69
N SER A 265 39.39 -6.27 11.54
CA SER A 265 38.11 -5.56 11.47
C SER A 265 36.97 -6.53 11.68
N LEU A 266 37.31 -7.81 11.83
CA LEU A 266 36.32 -8.87 11.99
C LEU A 266 35.48 -8.63 13.22
N LYS A 267 34.17 -8.64 13.06
CA LYS A 267 33.27 -8.36 14.18
C LYS A 267 32.11 -9.34 14.17
N ARG A 268 31.68 -9.81 15.33
CA ARG A 268 30.48 -10.65 15.40
C ARG A 268 29.33 -9.94 16.11
N ILE A 269 28.31 -9.59 15.34
CA ILE A 269 27.16 -8.88 15.86
C ILE A 269 25.90 -9.73 15.76
N PRO A 270 24.93 -9.45 16.64
CA PRO A 270 23.62 -10.12 16.57
C PRO A 270 22.74 -9.46 15.51
N ILE A 271 22.08 -10.27 14.71
CA ILE A 271 21.08 -9.78 13.77
C ILE A 271 19.69 -9.91 14.36
N GLU A 272 19.19 -8.76 14.82
CA GLU A 272 17.95 -8.73 15.57
C GLU A 272 16.87 -8.04 14.78
N ASP A 273 15.72 -8.70 14.73
CA ASP A 273 14.58 -8.16 14.04
C ASP A 273 15.10 -7.75 12.68
N GLY A 274 15.61 -8.75 11.95
CA GLY A 274 16.03 -8.61 10.57
C GLY A 274 17.16 -7.63 10.29
N SER A 275 17.76 -7.07 11.32
CA SER A 275 18.75 -6.02 11.10
C SER A 275 19.89 -6.01 12.11
N GLY A 276 21.01 -5.39 11.73
CA GLY A 276 22.16 -5.30 12.61
C GLY A 276 23.08 -4.16 12.22
N GLU A 277 23.80 -3.65 13.20
CA GLU A 277 24.62 -2.48 13.05
C GLU A 277 26.06 -2.94 13.18
N VAL A 278 26.98 -2.34 12.46
CA VAL A 278 28.39 -2.66 12.68
C VAL A 278 29.30 -1.67 11.97
N VAL A 279 30.56 -1.58 12.42
CA VAL A 279 31.48 -0.54 11.95
C VAL A 279 32.97 -0.90 11.77
N LEU A 280 33.57 -0.39 10.69
CA LEU A 280 35.02 -0.34 10.59
C LEU A 280 35.47 1.02 11.14
N SER A 281 36.43 0.99 12.06
CA SER A 281 36.90 2.19 12.73
C SER A 281 38.13 2.72 12.04
N ARG A 282 38.26 4.04 12.00
CA ARG A 282 39.31 4.66 11.21
C ARG A 282 40.66 4.05 11.60
N LYS A 283 40.74 3.60 12.85
CA LYS A 283 41.98 3.12 13.43
C LYS A 283 42.39 1.78 12.83
N VAL A 284 41.45 0.85 12.82
CA VAL A 284 41.70 -0.44 12.21
C VAL A 284 42.07 -0.24 10.76
N LEU A 285 41.31 0.59 10.06
CA LEU A 285 41.57 0.82 8.65
C LEU A 285 42.98 1.34 8.42
N LEU A 286 43.51 2.13 9.34
CA LEU A 286 44.85 2.66 9.13
C LEU A 286 45.93 1.71 9.63
N ASP A 287 45.84 1.31 10.90
CA ASP A 287 46.69 0.23 11.39
C ASP A 287 46.75 -0.88 10.34
N GLY A 288 45.56 -1.35 9.98
CA GLY A 288 45.38 -2.41 8.99
C GLY A 288 46.21 -2.31 7.72
N VAL A 289 46.53 -1.10 7.29
CA VAL A 289 47.59 -0.95 6.31
C VAL A 289 48.89 -0.78 7.09
N GLN A 290 49.52 0.39 7.06
CA GLN A 290 50.72 0.51 7.89
C GLN A 290 50.76 1.79 8.69
N ASN A 291 49.68 2.57 8.62
CA ASN A 291 49.58 3.82 9.35
C ASN A 291 50.43 4.93 8.73
N PRO A 292 49.96 5.47 7.61
CA PRO A 292 50.67 6.55 6.93
C PRO A 292 49.72 7.63 6.42
N ARG A 293 50.27 8.81 6.10
CA ARG A 293 49.47 9.91 5.58
C ARG A 293 48.16 9.41 4.99
N ALA A 294 47.09 9.51 5.78
CA ALA A 294 45.77 9.06 5.34
C ALA A 294 45.50 9.45 3.91
N GLU A 295 45.89 10.67 3.56
CA GLU A 295 45.75 11.12 2.19
C GLU A 295 46.07 9.98 1.20
N ASP A 296 47.09 9.19 1.51
CA ASP A 296 47.50 8.08 0.65
C ASP A 296 46.35 7.18 0.24
N LEU A 297 45.53 6.81 1.22
CA LEU A 297 44.38 5.93 1.01
C LEU A 297 43.32 6.48 0.04
N VAL A 298 43.51 7.73 -0.38
CA VAL A 298 42.60 8.37 -1.31
C VAL A 298 42.64 7.74 -2.69
N GLY A 299 41.48 7.34 -3.18
CA GLY A 299 41.40 6.77 -4.51
C GLY A 299 41.07 5.31 -4.45
N LYS A 300 41.49 4.66 -3.37
CA LYS A 300 41.21 3.24 -3.16
C LYS A 300 39.76 3.01 -2.76
N SER A 301 39.38 1.76 -2.50
CA SER A 301 37.98 1.48 -2.15
C SER A 301 37.91 0.57 -0.94
N LEU A 302 36.73 0.50 -0.31
CA LEU A 302 36.49 -0.46 0.76
C LEU A 302 35.47 -1.53 0.36
N TYR A 303 35.39 -2.60 1.15
CA TYR A 303 34.37 -3.64 0.93
C TYR A 303 34.03 -4.33 2.22
N VAL A 304 32.80 -4.82 2.31
CA VAL A 304 32.39 -5.54 3.48
C VAL A 304 31.74 -6.86 3.14
N SER A 305 32.23 -7.92 3.78
CA SER A 305 31.58 -9.21 3.67
C SER A 305 30.87 -9.50 4.97
N ALA A 306 29.60 -9.89 4.84
CA ALA A 306 28.84 -10.30 6.00
C ALA A 306 28.38 -11.72 5.75
N THR A 307 28.17 -12.45 6.82
CA THR A 307 27.77 -13.83 6.71
C THR A 307 26.81 -14.03 7.84
N VAL A 308 25.55 -14.33 7.52
CA VAL A 308 24.55 -14.46 8.56
C VAL A 308 24.35 -15.95 8.85
N ILE A 309 24.07 -16.30 10.10
CA ILE A 309 23.61 -17.64 10.42
C ILE A 309 22.32 -17.58 11.21
N LEU A 310 21.33 -18.33 10.75
CA LEU A 310 20.08 -18.45 11.46
C LEU A 310 20.40 -19.10 12.79
N HIS A 311 19.60 -18.81 13.82
CA HIS A 311 19.85 -19.37 15.13
C HIS A 311 19.58 -20.86 15.15
N SER A 312 18.93 -21.33 14.09
CA SER A 312 18.60 -22.74 13.94
C SER A 312 19.78 -23.53 13.39
N GLY A 313 20.80 -22.81 12.89
CA GLY A 313 21.99 -23.42 12.34
C GLY A 313 21.81 -24.08 10.98
N SER A 314 20.60 -23.96 10.43
CA SER A 314 20.20 -24.67 9.22
C SER A 314 20.81 -24.09 7.96
N ASP A 315 20.75 -22.76 7.85
CA ASP A 315 21.05 -22.11 6.59
C ASP A 315 21.93 -20.89 6.73
N MET A 316 22.96 -20.81 5.88
CA MET A 316 23.91 -19.71 5.93
C MET A 316 23.77 -18.84 4.68
N VAL A 317 24.13 -17.56 4.79
CA VAL A 317 24.22 -16.71 3.61
C VAL A 317 25.35 -15.69 3.68
N GLN A 318 26.20 -15.68 2.67
CA GLN A 318 27.22 -14.65 2.52
C GLN A 318 26.70 -13.55 1.60
N ALA A 319 27.29 -12.37 1.68
CA ALA A 319 26.98 -11.29 0.77
C ALA A 319 27.92 -10.16 1.06
N GLU A 320 28.23 -9.39 0.03
CA GLU A 320 29.29 -8.40 0.15
C GLU A 320 28.97 -7.19 -0.68
N ARG A 321 29.04 -6.02 -0.06
CA ARG A 321 29.04 -4.77 -0.81
C ARG A 321 30.49 -4.41 -1.12
N SER A 322 30.79 -4.17 -2.39
CA SER A 322 32.18 -3.99 -2.82
C SER A 322 32.46 -2.57 -3.20
N GLY A 323 33.74 -2.28 -3.39
CA GLY A 323 34.21 -0.98 -3.86
C GLY A 323 33.46 0.27 -3.42
N ILE A 324 33.47 0.53 -2.12
CA ILE A 324 32.99 1.78 -1.57
C ILE A 324 34.16 2.72 -1.58
N PRO A 325 33.99 3.89 -2.21
CA PRO A 325 35.13 4.76 -2.49
C PRO A 325 35.65 5.52 -1.28
N ILE A 326 36.97 5.65 -1.20
CA ILE A 326 37.60 6.50 -0.21
C ILE A 326 37.82 7.85 -0.88
N VAL A 327 37.14 8.86 -0.38
CA VAL A 327 37.11 10.14 -1.04
C VAL A 327 37.29 11.29 -0.07
N THR A 328 37.80 12.40 -0.62
CA THR A 328 37.96 13.64 0.13
C THR A 328 36.77 14.54 -0.11
N SER A 329 36.06 14.29 -1.21
CA SER A 329 34.77 14.95 -1.45
C SER A 329 33.67 13.97 -1.85
N PRO A 330 32.46 14.24 -1.39
CA PRO A 330 31.30 13.39 -1.68
C PRO A 330 30.93 13.33 -3.16
N TYR A 331 31.02 14.46 -3.85
CA TYR A 331 30.54 14.54 -5.23
C TYR A 331 31.68 14.57 -6.27
N GLN A 332 31.36 14.18 -7.50
CA GLN A 332 32.31 14.27 -8.63
C GLN A 332 31.70 15.19 -9.65
N ILE A 333 32.54 15.72 -10.55
CA ILE A 333 32.09 16.70 -11.54
C ILE A 333 32.53 16.45 -12.96
N HIS A 334 31.54 16.36 -13.86
CA HIS A 334 31.77 15.95 -15.24
C HIS A 334 31.21 16.90 -16.31
N PHE A 335 32.02 17.12 -17.35
CA PHE A 335 31.67 17.97 -18.47
C PHE A 335 31.48 17.17 -19.75
N THR A 336 31.28 15.85 -19.63
CA THR A 336 31.20 15.00 -20.82
C THR A 336 29.80 15.01 -21.44
N LYS A 337 28.88 15.76 -20.84
CA LYS A 337 27.58 15.98 -21.45
C LYS A 337 27.46 17.43 -21.93
N THR A 338 28.53 18.20 -21.74
CA THR A 338 28.62 19.59 -22.21
C THR A 338 29.52 19.65 -23.44
N PRO A 339 29.11 20.45 -24.45
CA PRO A 339 29.92 20.55 -25.67
C PRO A 339 31.31 21.07 -25.34
N LYS A 340 32.18 21.10 -26.33
CA LYS A 340 33.50 21.70 -26.11
C LYS A 340 33.76 22.88 -27.05
N TYR A 341 32.70 23.57 -27.46
CA TYR A 341 32.80 24.71 -28.37
C TYR A 341 31.62 25.69 -28.20
N PHE A 342 31.91 26.98 -28.01
CA PHE A 342 30.88 28.00 -27.86
C PHE A 342 30.94 29.04 -28.98
N LYS A 343 29.98 29.96 -28.99
CA LYS A 343 29.98 31.06 -29.94
C LYS A 343 30.16 32.38 -29.19
N PRO A 344 31.26 33.10 -29.49
CA PRO A 344 31.57 34.31 -28.72
C PRO A 344 30.42 35.29 -28.77
N GLY A 345 30.04 35.81 -27.61
CA GLY A 345 28.91 36.73 -27.52
C GLY A 345 27.63 35.99 -27.15
N MET A 346 27.49 34.77 -27.62
CA MET A 346 26.26 34.02 -27.41
C MET A 346 26.26 33.24 -26.10
N PRO A 347 25.07 33.13 -25.52
CA PRO A 347 24.91 32.41 -24.25
C PRO A 347 25.27 30.96 -24.47
N PHE A 348 26.03 30.42 -23.54
CA PHE A 348 26.47 29.05 -23.56
C PHE A 348 25.74 28.27 -22.48
N ASP A 349 25.00 27.24 -22.88
CA ASP A 349 24.27 26.37 -21.94
C ASP A 349 25.18 25.27 -21.38
N LEU A 350 25.53 25.34 -20.10
CA LEU A 350 26.39 24.33 -19.52
C LEU A 350 25.62 23.16 -18.91
N MET A 351 25.95 21.96 -19.37
CA MET A 351 25.40 20.74 -18.83
C MET A 351 26.38 20.08 -17.87
N VAL A 352 26.38 20.51 -16.61
CA VAL A 352 27.29 19.91 -15.65
C VAL A 352 26.69 18.60 -15.14
N PHE A 353 27.54 17.56 -15.06
CA PHE A 353 27.10 16.24 -14.60
C PHE A 353 27.66 15.96 -13.21
N VAL A 354 26.79 15.76 -12.23
CA VAL A 354 27.27 15.59 -10.87
C VAL A 354 26.95 14.22 -10.28
N THR A 355 27.97 13.37 -10.23
CA THR A 355 27.84 12.01 -9.77
C THR A 355 28.27 11.89 -8.33
N ASN A 356 27.59 11.03 -7.58
CA ASN A 356 28.07 10.55 -6.29
C ASN A 356 29.39 9.81 -6.53
N PRO A 357 30.10 9.43 -5.46
CA PRO A 357 31.35 8.77 -5.80
C PRO A 357 31.08 7.53 -6.63
N ASP A 358 30.31 6.58 -6.10
CA ASP A 358 30.07 5.33 -6.82
C ASP A 358 29.99 5.56 -8.33
N GLY A 359 29.02 6.36 -8.76
CA GLY A 359 28.86 6.67 -10.17
C GLY A 359 27.48 7.25 -10.40
N SER A 360 26.64 7.09 -9.39
CA SER A 360 25.24 7.49 -9.45
C SER A 360 25.05 9.00 -9.49
N PRO A 361 24.09 9.45 -10.31
CA PRO A 361 23.62 10.83 -10.38
C PRO A 361 23.16 11.34 -9.01
N ALA A 362 23.62 12.51 -8.62
CA ALA A 362 23.31 13.09 -7.32
C ALA A 362 22.28 14.20 -7.45
N TYR A 363 21.15 14.06 -6.76
CA TYR A 363 20.03 15.01 -6.92
C TYR A 363 20.10 16.26 -6.04
N ARG A 364 19.62 17.38 -6.60
CA ARG A 364 19.41 18.64 -5.87
C ARG A 364 20.69 19.34 -5.44
N VAL A 365 21.82 18.94 -6.02
CA VAL A 365 23.12 19.50 -5.65
C VAL A 365 23.40 20.80 -6.39
N PRO A 366 23.72 21.83 -5.62
CA PRO A 366 24.03 23.16 -6.18
C PRO A 366 25.37 23.21 -6.90
N VAL A 367 25.41 23.98 -8.00
CA VAL A 367 26.64 24.22 -8.75
C VAL A 367 26.68 25.64 -9.31
N ALA A 368 27.89 26.16 -9.54
CA ALA A 368 28.07 27.48 -10.11
C ALA A 368 29.50 27.59 -10.65
N VAL A 369 29.82 28.68 -11.33
CA VAL A 369 31.14 28.81 -11.94
C VAL A 369 32.12 29.61 -11.08
N GLN A 370 33.37 29.65 -11.53
CA GLN A 370 34.41 30.46 -10.91
C GLN A 370 33.92 31.89 -10.65
N GLY A 371 33.81 32.66 -11.72
CA GLY A 371 33.50 34.09 -11.63
C GLY A 371 32.36 34.54 -10.75
N GLU A 372 31.13 34.22 -11.14
CA GLU A 372 29.96 34.89 -10.55
C GLU A 372 29.29 34.18 -9.37
N ASP A 373 29.16 34.93 -8.29
CA ASP A 373 28.65 34.42 -7.01
C ASP A 373 27.13 34.21 -7.03
N THR A 374 26.42 35.03 -7.80
CA THR A 374 24.95 35.02 -7.79
C THR A 374 24.34 33.85 -8.57
N VAL A 375 25.05 33.40 -9.60
CA VAL A 375 24.58 32.30 -10.44
C VAL A 375 24.61 30.98 -9.70
N GLN A 376 23.44 30.36 -9.54
CA GLN A 376 23.36 29.00 -9.03
C GLN A 376 22.32 28.20 -9.80
N SER A 377 22.40 26.87 -9.70
CA SER A 377 21.39 26.00 -10.31
C SER A 377 21.54 24.59 -9.78
N LEU A 378 20.43 23.98 -9.40
CA LEU A 378 20.47 22.64 -8.83
C LEU A 378 20.67 21.57 -9.88
N THR A 379 20.49 20.33 -9.45
CA THR A 379 20.68 19.19 -10.32
C THR A 379 19.39 18.42 -10.37
N GLN A 380 18.73 18.42 -11.53
CA GLN A 380 17.47 17.71 -11.68
C GLN A 380 17.71 16.21 -11.47
N GLY A 381 16.62 15.46 -11.44
CA GLY A 381 16.69 14.05 -11.08
C GLY A 381 17.66 13.19 -11.87
N ASP A 382 18.33 13.79 -12.83
CA ASP A 382 19.21 13.08 -13.76
C ASP A 382 20.68 13.39 -13.49
N GLY A 383 20.93 13.97 -12.33
CA GLY A 383 22.29 14.35 -12.00
C GLY A 383 22.79 15.35 -13.02
N VAL A 384 21.88 16.21 -13.47
CA VAL A 384 22.25 17.22 -14.45
C VAL A 384 21.85 18.62 -14.00
N ALA A 385 22.73 19.58 -14.29
CA ALA A 385 22.50 20.97 -13.96
C ALA A 385 22.73 21.88 -15.16
N LYS A 386 21.70 22.67 -15.47
CA LYS A 386 21.73 23.60 -16.59
C LYS A 386 22.12 24.99 -16.10
N LEU A 387 23.32 25.41 -16.48
CA LEU A 387 23.79 26.77 -16.19
C LEU A 387 24.12 27.43 -17.51
N SER A 388 23.76 28.69 -17.66
CA SER A 388 24.10 29.40 -18.89
C SER A 388 24.91 30.68 -18.64
N ILE A 389 26.03 30.80 -19.35
CA ILE A 389 26.84 32.00 -19.25
C ILE A 389 26.87 32.77 -20.55
N ASN A 390 26.69 34.08 -20.45
CA ASN A 390 26.85 34.97 -21.60
C ASN A 390 28.35 35.16 -21.87
N THR A 391 28.79 34.80 -23.06
CA THR A 391 30.21 34.87 -23.36
C THR A 391 30.58 36.16 -24.08
N HIS A 392 31.86 36.52 -24.00
CA HIS A 392 32.39 37.72 -24.66
C HIS A 392 32.80 37.43 -26.09
N PRO A 393 32.47 38.35 -27.02
CA PRO A 393 32.90 38.25 -28.42
C PRO A 393 34.41 38.42 -28.57
N SER A 394 35.17 37.65 -27.79
CA SER A 394 36.64 37.65 -27.89
C SER A 394 37.14 36.32 -28.43
N GLN A 395 38.00 36.39 -29.44
CA GLN A 395 38.56 35.19 -30.05
C GLN A 395 39.57 34.54 -29.13
N LYS A 396 39.16 34.33 -27.88
CA LYS A 396 40.02 33.76 -26.85
C LYS A 396 39.36 32.50 -26.27
N PRO A 397 40.13 31.39 -26.16
CA PRO A 397 39.57 30.18 -25.56
C PRO A 397 38.87 30.54 -24.26
N LEU A 398 37.69 29.96 -24.02
CA LEU A 398 36.95 30.23 -22.79
C LEU A 398 37.08 29.08 -21.82
N SER A 399 37.91 29.27 -20.79
CA SER A 399 38.10 28.26 -19.76
C SER A 399 37.05 28.46 -18.70
N ILE A 400 36.31 27.41 -18.40
CA ILE A 400 35.32 27.42 -17.34
C ILE A 400 35.73 26.43 -16.26
N THR A 401 35.45 26.78 -15.02
CA THR A 401 35.65 25.88 -13.91
C THR A 401 34.45 25.94 -13.02
N VAL A 402 33.79 24.80 -12.82
CA VAL A 402 32.62 24.73 -11.95
C VAL A 402 33.02 24.13 -10.61
N ARG A 403 32.16 24.33 -9.62
CA ARG A 403 32.45 23.92 -8.25
C ARG A 403 31.15 23.69 -7.52
N THR A 404 31.10 22.60 -6.76
CA THR A 404 29.93 22.32 -5.93
C THR A 404 29.78 23.43 -4.89
N LYS A 405 28.57 23.60 -4.36
CA LYS A 405 28.33 24.62 -3.34
C LYS A 405 27.25 24.17 -2.35
N LYS A 406 27.49 23.06 -1.68
CA LYS A 406 26.52 22.57 -0.73
C LYS A 406 26.79 23.14 0.65
N GLN A 407 25.76 23.72 1.27
CA GLN A 407 25.82 24.09 2.67
C GLN A 407 26.07 22.85 3.54
N GLU A 408 26.81 23.02 4.62
CA GLU A 408 27.20 21.91 5.50
C GLU A 408 28.46 21.16 5.04
N LEU A 409 29.01 21.59 3.90
CA LEU A 409 30.30 21.10 3.46
C LEU A 409 31.29 22.24 3.48
N SER A 410 32.51 21.94 3.91
CA SER A 410 33.60 22.89 3.92
C SER A 410 34.17 23.08 2.51
N GLU A 411 34.71 24.26 2.24
CA GLU A 411 35.18 24.58 0.90
C GLU A 411 36.29 23.65 0.43
N ALA A 412 36.86 22.89 1.35
CA ALA A 412 37.83 21.86 0.96
C ALA A 412 37.09 20.57 0.54
N GLU A 413 35.98 20.30 1.23
CA GLU A 413 35.14 19.13 0.95
C GLU A 413 34.36 19.26 -0.39
N GLN A 414 34.23 20.48 -0.91
CA GLN A 414 33.55 20.70 -2.19
C GLN A 414 34.43 20.22 -3.34
N ALA A 415 33.81 19.86 -4.45
CA ALA A 415 34.53 19.27 -5.58
C ALA A 415 34.45 20.15 -6.82
N THR A 416 35.56 20.29 -7.53
CA THR A 416 35.56 21.07 -8.76
C THR A 416 36.18 20.31 -9.92
N ARG A 417 36.10 20.93 -11.09
CA ARG A 417 36.62 20.37 -12.35
C ARG A 417 36.65 21.49 -13.37
N THR A 418 37.60 21.41 -14.31
CA THR A 418 37.78 22.44 -15.32
C THR A 418 37.75 21.86 -16.73
N MET A 419 37.15 22.61 -17.66
CA MET A 419 37.12 22.25 -19.07
C MET A 419 37.53 23.46 -19.91
N GLN A 420 37.78 23.23 -21.19
CA GLN A 420 38.12 24.33 -22.09
C GLN A 420 37.34 24.31 -23.40
N ALA A 421 36.53 25.35 -23.60
CA ALA A 421 35.71 25.51 -24.80
C ALA A 421 36.28 26.53 -25.80
N LEU A 422 36.41 26.11 -27.06
CA LEU A 422 36.95 26.98 -28.13
C LEU A 422 35.81 27.62 -28.95
N PRO A 423 36.02 28.86 -29.42
CA PRO A 423 35.00 29.55 -30.21
C PRO A 423 34.76 28.85 -31.55
N TYR A 424 33.55 29.01 -32.07
CA TYR A 424 33.19 28.45 -33.38
C TYR A 424 33.96 29.16 -34.49
N SER A 425 34.81 28.42 -35.21
CA SER A 425 35.66 29.00 -36.25
C SER A 425 34.96 29.16 -37.60
N THR A 426 34.52 30.37 -37.90
CA THR A 426 33.69 30.61 -39.08
C THR A 426 34.47 30.51 -40.40
N VAL A 427 33.75 30.81 -41.48
CA VAL A 427 34.33 30.85 -42.82
C VAL A 427 34.86 32.25 -43.09
N GLY A 428 36.13 32.31 -43.49
CA GLY A 428 36.80 33.57 -43.75
C GLY A 428 36.76 34.49 -42.54
N ASN A 429 36.53 33.91 -41.36
CA ASN A 429 36.48 34.70 -40.14
C ASN A 429 35.45 35.84 -40.21
N SER A 430 34.33 35.53 -40.84
CA SER A 430 33.26 36.50 -41.09
C SER A 430 32.45 36.92 -39.87
N ASN A 431 32.47 36.11 -38.81
CA ASN A 431 31.71 36.40 -37.60
C ASN A 431 30.21 36.04 -37.70
N ASN A 432 29.86 35.22 -38.69
CA ASN A 432 28.50 34.69 -38.83
C ASN A 432 28.30 33.39 -38.03
N TYR A 433 27.25 33.39 -37.18
CA TYR A 433 27.00 32.29 -36.25
C TYR A 433 25.52 31.85 -36.25
N LEU A 434 25.28 30.65 -35.73
CA LEU A 434 23.93 30.14 -35.43
C LEU A 434 23.90 29.43 -34.08
N HIS A 435 22.94 29.79 -33.24
CA HIS A 435 22.80 29.15 -31.94
C HIS A 435 21.44 28.52 -31.77
N LEU A 436 21.45 27.31 -31.21
CA LEU A 436 20.23 26.62 -30.87
C LEU A 436 20.16 26.50 -29.36
N SER A 437 19.43 27.42 -28.75
CA SER A 437 19.19 27.37 -27.32
C SER A 437 17.93 26.54 -27.05
N VAL A 438 18.10 25.41 -26.39
CA VAL A 438 16.95 24.56 -26.11
C VAL A 438 16.73 24.41 -24.62
N LEU A 439 15.51 24.73 -24.20
CA LEU A 439 15.10 24.57 -22.81
C LEU A 439 15.39 23.15 -22.40
N ARG A 440 16.10 22.95 -21.30
CA ARG A 440 16.58 21.61 -20.97
C ARG A 440 16.03 21.02 -19.68
N THR A 441 15.12 20.07 -19.84
CA THR A 441 14.54 19.35 -18.71
C THR A 441 14.51 17.87 -19.08
N GLU A 442 13.69 17.08 -18.39
CA GLU A 442 13.51 15.71 -18.79
C GLU A 442 12.48 15.63 -19.91
N LEU A 443 12.95 15.50 -21.14
CA LEU A 443 12.01 15.39 -22.26
C LEU A 443 11.30 14.03 -22.28
N ARG A 444 10.02 14.03 -22.66
CA ARG A 444 9.26 12.80 -22.67
C ARG A 444 8.39 12.73 -23.92
N PRO A 445 8.27 11.53 -24.51
CA PRO A 445 7.55 11.49 -25.79
C PRO A 445 6.14 12.00 -25.60
N GLY A 446 5.71 12.90 -26.49
CA GLY A 446 4.42 13.55 -26.38
C GLY A 446 4.62 15.01 -26.02
N GLU A 447 5.48 15.26 -25.04
CA GLU A 447 5.85 16.62 -24.66
C GLU A 447 6.40 17.32 -25.88
N THR A 448 6.25 18.64 -25.92
CA THR A 448 6.71 19.39 -27.06
C THR A 448 7.91 20.29 -26.72
N LEU A 449 9.00 20.09 -27.45
CA LEU A 449 10.24 20.81 -27.20
C LEU A 449 10.43 21.97 -28.16
N ASN A 450 10.76 23.14 -27.60
CA ASN A 450 11.06 24.34 -28.39
C ASN A 450 12.55 24.52 -28.69
N VAL A 451 12.87 24.63 -29.98
CA VAL A 451 14.24 24.84 -30.39
C VAL A 451 14.43 26.29 -30.86
N ASN A 452 14.97 27.11 -29.97
CA ASN A 452 15.27 28.50 -30.30
C ASN A 452 16.37 28.57 -31.36
N PHE A 453 16.03 29.15 -32.51
CA PHE A 453 16.97 29.36 -33.62
C PHE A 453 17.48 30.81 -33.64
N LEU A 454 18.70 31.02 -33.16
CA LEU A 454 19.22 32.37 -32.97
C LEU A 454 20.31 32.75 -33.98
N LEU A 455 20.01 33.76 -34.79
CA LEU A 455 20.87 34.18 -35.90
C LEU A 455 21.83 35.31 -35.53
N ARG A 456 23.13 35.07 -35.71
CA ARG A 456 24.18 36.01 -35.33
C ARG A 456 25.01 36.48 -36.52
N MET A 457 24.61 37.58 -37.13
CA MET A 457 25.35 38.13 -38.27
C MET A 457 24.95 39.57 -38.61
N ASP A 458 25.88 40.30 -39.22
CA ASP A 458 25.65 41.67 -39.66
C ASP A 458 24.46 41.75 -40.60
N ARG A 459 23.51 42.62 -40.28
CA ARG A 459 22.26 42.74 -41.04
C ARG A 459 22.50 42.78 -42.54
N ALA A 460 23.72 43.07 -42.95
CA ALA A 460 24.10 43.09 -44.37
C ALA A 460 23.45 41.96 -45.18
N HIS A 461 23.67 40.72 -44.76
CA HIS A 461 23.15 39.56 -45.51
C HIS A 461 22.02 38.86 -44.73
N GLU A 462 21.55 39.53 -43.69
CA GLU A 462 20.43 39.05 -42.88
C GLU A 462 19.13 38.79 -43.66
N ALA A 463 18.78 39.67 -44.58
CA ALA A 463 17.56 39.52 -45.34
C ALA A 463 17.68 38.27 -46.22
N LYS A 464 18.92 37.90 -46.52
CA LYS A 464 19.21 36.84 -47.47
C LYS A 464 18.75 35.52 -46.90
N ILE A 465 19.27 35.18 -45.73
CA ILE A 465 18.84 33.96 -45.04
C ILE A 465 17.33 33.81 -44.99
N ARG A 466 16.80 32.79 -45.66
CA ARG A 466 15.36 32.60 -45.75
C ARG A 466 14.88 31.41 -44.93
N TYR A 467 15.77 30.45 -44.68
CA TYR A 467 15.33 29.22 -44.05
C TYR A 467 16.46 28.45 -43.37
N TYR A 468 16.08 27.74 -42.31
CA TYR A 468 16.96 26.81 -41.61
C TYR A 468 16.63 25.38 -42.01
N THR A 469 17.66 24.60 -42.29
CA THR A 469 17.51 23.19 -42.62
C THR A 469 17.97 22.35 -41.46
N TYR A 470 17.05 21.57 -40.88
CA TYR A 470 17.34 20.84 -39.65
C TYR A 470 17.30 19.31 -39.84
N LEU A 471 18.02 18.59 -38.99
CA LEU A 471 18.05 17.13 -39.03
C LEU A 471 18.09 16.49 -37.64
N ILE A 472 17.61 15.25 -37.55
CA ILE A 472 17.54 14.48 -36.32
C ILE A 472 18.26 13.14 -36.45
N MET A 473 19.37 12.97 -35.72
CA MET A 473 19.96 11.65 -35.58
C MET A 473 19.31 10.91 -34.41
N ASN A 474 19.26 9.59 -34.52
CA ASN A 474 18.70 8.75 -33.46
C ASN A 474 19.09 7.31 -33.69
N LYS A 475 19.53 6.63 -32.64
CA LYS A 475 20.14 5.32 -32.81
C LYS A 475 21.04 5.33 -34.04
N GLY A 476 21.74 6.44 -34.27
CA GLY A 476 22.69 6.55 -35.36
C GLY A 476 22.12 6.45 -36.77
N ARG A 477 20.89 6.92 -36.95
CA ARG A 477 20.29 6.92 -38.27
C ARG A 477 19.46 8.20 -38.39
N LEU A 478 19.06 8.57 -39.60
CA LEU A 478 18.22 9.75 -39.77
C LEU A 478 16.77 9.47 -39.38
N LEU A 479 16.23 10.23 -38.43
CA LEU A 479 14.85 10.05 -37.98
C LEU A 479 13.89 11.12 -38.54
N LYS A 480 14.45 12.27 -38.88
CA LYS A 480 13.70 13.32 -39.57
C LYS A 480 14.66 14.37 -40.07
N ALA A 481 14.32 15.02 -41.18
CA ALA A 481 15.07 16.16 -41.72
C ALA A 481 14.10 17.18 -42.32
N GLY A 482 14.03 18.38 -41.73
CA GLY A 482 13.05 19.36 -42.15
C GLY A 482 13.61 20.76 -42.31
N ARG A 483 12.72 21.71 -42.59
CA ARG A 483 13.06 23.12 -42.79
C ARG A 483 12.36 24.00 -41.76
N GLN A 484 13.06 25.01 -41.25
CA GLN A 484 12.40 26.03 -40.44
C GLN A 484 12.52 27.38 -41.12
N VAL A 485 11.37 27.92 -41.54
CA VAL A 485 11.33 29.16 -42.31
C VAL A 485 11.61 30.40 -41.46
N ARG A 486 12.16 31.42 -42.10
CA ARG A 486 12.53 32.65 -41.42
C ARG A 486 12.19 33.89 -42.26
N GLU A 487 11.92 35.00 -41.59
CA GLU A 487 11.63 36.27 -42.26
C GLU A 487 12.63 37.33 -41.81
N PRO A 488 13.09 38.20 -42.73
CA PRO A 488 14.15 39.19 -42.48
C PRO A 488 13.90 39.98 -41.20
N GLY A 489 14.98 40.38 -40.52
CA GLY A 489 14.85 41.13 -39.27
C GLY A 489 14.72 40.19 -38.08
N GLN A 490 14.33 38.94 -38.35
CA GLN A 490 14.26 37.89 -37.34
C GLN A 490 15.63 37.33 -37.01
N ASP A 491 15.92 37.22 -35.73
CA ASP A 491 17.11 36.52 -35.28
C ASP A 491 16.66 35.28 -34.53
N LEU A 492 15.47 35.36 -33.95
CA LEU A 492 14.92 34.22 -33.25
C LEU A 492 13.72 33.63 -33.99
N VAL A 493 13.78 32.32 -34.23
CA VAL A 493 12.63 31.57 -34.70
C VAL A 493 12.52 30.31 -33.85
N VAL A 494 11.29 29.96 -33.48
CA VAL A 494 11.09 28.83 -32.58
C VAL A 494 10.51 27.63 -33.32
N LEU A 495 11.11 26.46 -33.09
CA LEU A 495 10.71 25.24 -33.76
C LEU A 495 9.92 24.33 -32.83
N PRO A 496 8.64 24.08 -33.18
CA PRO A 496 7.77 23.15 -32.45
C PRO A 496 8.19 21.74 -32.78
N LEU A 497 8.90 21.12 -31.84
CA LEU A 497 9.33 19.74 -32.02
C LEU A 497 8.44 18.81 -31.22
N SER A 498 7.53 18.12 -31.90
CA SER A 498 6.77 17.05 -31.28
C SER A 498 7.82 16.01 -30.92
N ILE A 499 7.61 15.31 -29.82
CA ILE A 499 8.59 14.36 -29.37
C ILE A 499 7.93 13.00 -29.20
N THR A 500 8.09 12.11 -30.18
CA THR A 500 7.49 10.79 -30.07
C THR A 500 8.48 9.78 -29.51
N THR A 501 7.96 8.61 -29.19
CA THR A 501 8.78 7.52 -28.66
C THR A 501 9.94 7.13 -29.59
N ASP A 502 9.87 7.54 -30.85
CA ASP A 502 10.94 7.26 -31.80
C ASP A 502 12.20 8.04 -31.50
N PHE A 503 12.17 8.88 -30.48
CA PHE A 503 13.31 9.74 -30.15
C PHE A 503 14.23 9.12 -29.11
N ILE A 504 13.64 8.21 -28.32
CA ILE A 504 14.32 7.50 -27.24
C ILE A 504 15.51 6.68 -27.75
N PRO A 505 16.60 6.66 -26.98
CA PRO A 505 16.84 7.24 -25.66
C PRO A 505 17.44 8.64 -25.71
N SER A 506 17.72 9.15 -26.91
CA SER A 506 18.45 10.40 -27.11
C SER A 506 18.51 10.70 -28.59
N PHE A 507 18.29 11.96 -28.96
CA PHE A 507 18.37 12.34 -30.37
C PHE A 507 19.29 13.52 -30.61
N ARG A 508 19.93 13.56 -31.77
CA ARG A 508 20.74 14.72 -32.15
C ARG A 508 20.07 15.64 -33.16
N LEU A 509 20.29 16.94 -32.98
CA LEU A 509 19.73 17.94 -33.85
C LEU A 509 20.82 18.80 -34.46
N VAL A 510 20.90 18.77 -35.78
CA VAL A 510 21.83 19.63 -36.49
C VAL A 510 21.09 20.53 -37.47
N ALA A 511 21.20 21.83 -37.25
CA ALA A 511 20.60 22.79 -38.14
C ALA A 511 21.74 23.50 -38.86
N TYR A 512 21.52 23.82 -40.13
CA TYR A 512 22.46 24.60 -40.90
C TYR A 512 21.73 25.50 -41.90
N TYR A 513 22.31 26.67 -42.16
CA TYR A 513 21.88 27.52 -43.25
C TYR A 513 23.07 27.76 -44.17
N THR A 514 22.81 28.35 -45.33
CA THR A 514 23.86 28.65 -46.29
C THR A 514 23.52 29.90 -47.11
N LEU A 515 24.55 30.62 -47.54
CA LEU A 515 24.36 31.86 -48.28
C LEU A 515 25.62 32.33 -49.02
N ILE A 516 25.46 33.31 -49.91
CA ILE A 516 26.57 34.01 -50.54
C ILE A 516 26.67 35.41 -49.94
N GLY A 517 27.87 35.85 -49.61
CA GLY A 517 28.05 37.11 -48.93
C GLY A 517 29.50 37.53 -48.78
N ALA A 518 29.72 38.62 -48.03
CA ALA A 518 31.03 39.25 -47.97
C ALA A 518 31.50 39.54 -49.39
N SER A 519 32.40 38.70 -49.90
CA SER A 519 32.92 38.86 -51.25
C SER A 519 32.69 37.62 -52.10
N GLY A 520 31.46 37.47 -52.60
CA GLY A 520 31.09 36.33 -53.43
C GLY A 520 31.59 35.01 -52.88
N GLN A 521 31.35 34.77 -51.60
CA GLN A 521 31.84 33.55 -50.98
C GLN A 521 30.68 32.66 -50.54
N ARG A 522 30.72 31.40 -50.96
CA ARG A 522 29.67 30.42 -50.65
C ARG A 522 29.84 29.86 -49.24
N GLU A 523 28.86 30.15 -48.38
CA GLU A 523 29.03 29.90 -46.95
C GLU A 523 28.07 28.87 -46.36
N VAL A 524 28.51 28.26 -45.26
CA VAL A 524 27.71 27.31 -44.49
C VAL A 524 27.90 27.58 -43.00
N VAL A 525 26.84 28.00 -42.34
CA VAL A 525 26.88 28.14 -40.89
C VAL A 525 25.91 27.12 -40.26
N ALA A 526 26.31 26.52 -39.12
CA ALA A 526 25.57 25.40 -38.54
C ALA A 526 25.74 25.24 -37.02
N ASP A 527 25.05 24.26 -36.44
CA ASP A 527 25.04 23.99 -34.99
C ASP A 527 24.42 22.62 -34.65
N SER A 528 25.07 21.85 -33.77
CA SER A 528 24.57 20.53 -33.35
C SER A 528 24.30 20.44 -31.83
N VAL A 529 23.20 19.81 -31.46
CA VAL A 529 22.81 19.72 -30.04
C VAL A 529 22.38 18.29 -29.63
N TRP A 530 22.86 17.81 -28.48
CA TRP A 530 22.41 16.52 -27.96
C TRP A 530 21.40 16.73 -26.84
N VAL A 531 20.35 15.91 -26.85
CA VAL A 531 19.29 15.97 -25.84
C VAL A 531 18.89 14.56 -25.37
N ASP A 532 19.42 14.14 -24.23
CA ASP A 532 19.10 12.82 -23.68
C ASP A 532 17.68 12.78 -23.13
N VAL A 533 16.79 12.06 -23.81
CA VAL A 533 15.41 11.94 -23.38
C VAL A 533 15.24 10.86 -22.32
N LYS A 534 14.10 10.89 -21.63
CA LYS A 534 13.83 9.92 -20.59
C LYS A 534 13.77 8.50 -21.15
N ASP A 535 14.70 7.66 -20.71
CA ASP A 535 14.77 6.28 -21.17
C ASP A 535 13.76 5.27 -20.64
N SER A 536 13.04 4.62 -21.55
CA SER A 536 12.04 3.62 -21.17
C SER A 536 11.53 2.89 -22.40
N CYS A 537 11.05 1.66 -22.21
CA CYS A 537 10.53 0.87 -23.31
C CYS A 537 9.91 1.79 -24.36
N VAL A 538 9.97 1.38 -25.63
CA VAL A 538 9.46 2.22 -26.72
C VAL A 538 7.96 2.08 -26.90
N GLY A 539 7.51 0.83 -26.79
CA GLY A 539 6.12 0.55 -26.53
C GLY A 539 6.02 0.36 -25.04
N SER A 540 5.23 -0.62 -24.61
CA SER A 540 5.15 -0.87 -23.18
C SER A 540 5.01 -2.34 -22.87
N LEU A 541 5.26 -2.64 -21.61
CA LEU A 541 5.14 -4.00 -21.13
C LEU A 541 4.99 -3.88 -19.63
N VAL A 542 3.98 -4.55 -19.09
CA VAL A 542 3.77 -4.57 -17.65
C VAL A 542 3.14 -5.88 -17.26
N VAL A 543 3.53 -6.41 -16.12
CA VAL A 543 2.94 -7.63 -15.65
C VAL A 543 2.50 -7.43 -14.23
N LYS A 544 1.25 -7.04 -14.04
CA LYS A 544 0.75 -6.87 -12.69
C LYS A 544 -0.08 -8.08 -12.30
N SER A 545 -0.80 -7.97 -11.19
CA SER A 545 -1.61 -9.06 -10.68
C SER A 545 -2.95 -9.17 -11.40
N GLY A 546 -3.54 -10.37 -11.37
CA GLY A 546 -4.85 -10.61 -11.95
C GLY A 546 -5.93 -10.24 -10.97
N GLN A 547 -6.02 -10.98 -9.86
CA GLN A 547 -7.01 -10.66 -8.82
C GLN A 547 -6.73 -9.30 -8.19
N SER A 548 -7.52 -8.31 -8.59
CA SER A 548 -7.35 -6.91 -8.19
C SER A 548 -6.89 -6.81 -6.73
N GLU A 549 -7.54 -7.58 -5.88
CA GLU A 549 -7.21 -7.62 -4.47
C GLU A 549 -7.25 -9.07 -4.07
N ASP A 550 -6.52 -9.40 -3.02
CA ASP A 550 -6.45 -10.79 -2.58
C ASP A 550 -5.45 -10.90 -1.44
N ARG A 551 -5.50 -12.05 -0.76
CA ARG A 551 -4.47 -12.43 0.21
C ARG A 551 -3.41 -13.20 -0.53
N GLN A 552 -2.26 -13.38 0.10
CA GLN A 552 -1.19 -14.17 -0.50
C GLN A 552 -1.77 -15.47 -1.05
N PRO A 553 -1.26 -15.90 -2.21
CA PRO A 553 -1.67 -17.19 -2.73
C PRO A 553 -1.00 -18.28 -1.91
N VAL A 554 -1.31 -19.53 -2.21
CA VAL A 554 -0.82 -20.64 -1.43
C VAL A 554 -0.16 -21.65 -2.36
N PRO A 555 0.89 -22.34 -1.87
CA PRO A 555 1.68 -23.31 -2.63
C PRO A 555 0.80 -24.18 -3.51
N GLY A 556 0.98 -24.11 -4.82
CA GLY A 556 0.23 -24.93 -5.76
C GLY A 556 -1.08 -24.31 -6.23
N GLN A 557 -1.41 -23.14 -5.70
CA GLN A 557 -2.66 -22.46 -5.99
C GLN A 557 -2.70 -21.76 -7.35
N GLN A 558 -3.91 -21.63 -7.90
CA GLN A 558 -4.11 -20.94 -9.16
C GLN A 558 -4.03 -19.43 -8.93
N MET A 559 -3.35 -18.73 -9.83
CA MET A 559 -3.28 -17.27 -9.76
C MET A 559 -3.38 -16.70 -11.16
N THR A 560 -4.13 -15.62 -11.30
CA THR A 560 -4.28 -15.01 -12.62
C THR A 560 -3.27 -13.90 -12.86
N LEU A 561 -2.56 -13.99 -13.98
CA LEU A 561 -1.49 -13.05 -14.29
C LEU A 561 -2.00 -12.10 -15.35
N LYS A 562 -1.67 -10.82 -15.21
CA LYS A 562 -2.16 -9.79 -16.13
C LYS A 562 -1.01 -9.17 -16.92
N ILE A 563 -1.12 -9.14 -18.24
CA ILE A 563 -0.05 -8.60 -19.09
C ILE A 563 -0.54 -7.47 -19.98
N GLU A 564 -0.13 -6.24 -19.71
CA GLU A 564 -0.55 -5.09 -20.51
C GLU A 564 0.58 -4.63 -21.46
N GLY A 565 0.42 -4.91 -22.74
CA GLY A 565 1.42 -4.53 -23.73
C GLY A 565 0.94 -4.17 -25.12
N ASP A 566 1.87 -3.87 -26.00
CA ASP A 566 1.54 -3.45 -27.35
C ASP A 566 0.77 -4.51 -28.08
N HIS A 567 -0.25 -4.09 -28.82
CA HIS A 567 -1.03 -5.02 -29.65
C HIS A 567 -0.12 -5.83 -30.56
N GLY A 568 -0.42 -7.11 -30.69
CA GLY A 568 0.30 -7.99 -31.60
C GLY A 568 1.71 -8.35 -31.15
N ALA A 569 2.15 -7.78 -30.05
CA ALA A 569 3.49 -8.08 -29.55
C ALA A 569 3.56 -9.52 -29.05
N ARG A 570 4.80 -10.00 -28.96
CA ARG A 570 5.06 -11.30 -28.39
C ARG A 570 5.68 -11.08 -27.01
N VAL A 571 5.23 -11.84 -26.02
CA VAL A 571 5.81 -11.79 -24.68
C VAL A 571 6.48 -13.13 -24.41
N VAL A 572 7.62 -13.12 -23.74
CA VAL A 572 8.21 -14.36 -23.34
C VAL A 572 8.47 -14.38 -21.84
N LEU A 573 7.87 -15.35 -21.16
CA LEU A 573 7.82 -15.33 -19.71
C LEU A 573 8.83 -16.24 -19.05
N VAL A 574 9.15 -15.92 -17.80
CA VAL A 574 9.91 -16.79 -16.92
C VAL A 574 9.78 -16.30 -15.50
N ALA A 575 9.63 -17.22 -14.58
CA ALA A 575 9.56 -16.84 -13.19
C ALA A 575 10.69 -17.56 -12.45
N VAL A 576 11.38 -16.86 -11.56
CA VAL A 576 12.56 -17.40 -10.90
C VAL A 576 12.55 -17.22 -9.39
N ASP A 577 12.66 -18.33 -8.66
CA ASP A 577 12.81 -18.30 -7.22
C ASP A 577 13.89 -17.30 -6.86
N LYS A 578 13.50 -16.24 -6.16
CA LYS A 578 14.41 -15.14 -5.90
C LYS A 578 15.58 -15.61 -5.03
N GLY A 579 15.51 -16.87 -4.61
CA GLY A 579 16.59 -17.44 -3.82
C GLY A 579 17.83 -17.60 -4.66
N VAL A 580 17.60 -17.89 -5.94
CA VAL A 580 18.70 -17.92 -6.88
C VAL A 580 19.45 -16.61 -6.76
N PHE A 581 18.77 -15.49 -6.93
CA PHE A 581 19.48 -14.23 -6.98
C PHE A 581 20.32 -13.93 -5.74
N VAL A 582 20.16 -14.72 -4.69
CA VAL A 582 20.97 -14.55 -3.50
C VAL A 582 22.30 -15.29 -3.63
N LEU A 583 22.36 -16.15 -4.65
CA LEU A 583 23.56 -16.87 -5.01
C LEU A 583 24.25 -16.16 -6.17
N ASN A 584 23.46 -15.55 -7.04
CA ASN A 584 24.01 -14.79 -8.16
C ASN A 584 23.01 -13.84 -8.81
N LYS A 585 23.34 -12.56 -8.84
CA LYS A 585 22.42 -11.59 -9.37
C LYS A 585 22.97 -10.92 -10.57
N LYS A 586 24.01 -11.50 -11.16
CA LYS A 586 24.76 -10.85 -12.24
C LYS A 586 24.29 -11.35 -13.60
N ASN A 587 24.42 -10.51 -14.62
CA ASN A 587 24.22 -10.96 -15.99
C ASN A 587 22.76 -11.11 -16.36
N LYS A 588 21.88 -10.51 -15.56
CA LYS A 588 20.47 -10.49 -15.88
C LYS A 588 20.19 -9.54 -17.08
N LEU A 589 19.06 -9.72 -17.74
CA LEU A 589 18.67 -8.81 -18.79
C LEU A 589 17.84 -7.65 -18.24
N THR A 590 18.16 -6.44 -18.71
CA THR A 590 17.54 -5.20 -18.27
C THR A 590 17.25 -4.44 -19.51
N GLN A 591 16.25 -3.57 -19.52
CA GLN A 591 16.08 -2.73 -20.68
C GLN A 591 17.15 -1.67 -20.63
N SER A 592 17.58 -1.36 -19.42
CA SER A 592 18.56 -0.31 -19.21
C SER A 592 19.85 -0.80 -19.78
N LYS A 593 20.02 -2.12 -19.78
CA LYS A 593 21.23 -2.68 -20.34
C LYS A 593 21.22 -2.50 -21.84
N ILE A 594 20.03 -2.56 -22.44
CA ILE A 594 19.90 -2.38 -23.88
C ILE A 594 20.11 -0.92 -24.28
N TRP A 595 19.49 0.00 -23.58
CA TRP A 595 19.73 1.39 -23.93
C TRP A 595 21.23 1.62 -23.91
N ASP A 596 21.92 0.99 -22.95
CA ASP A 596 23.36 1.21 -22.84
C ASP A 596 24.11 0.64 -24.04
N VAL A 597 23.59 -0.43 -24.63
CA VAL A 597 24.20 -0.99 -25.83
C VAL A 597 24.02 -0.05 -27.01
N VAL A 598 22.87 0.60 -27.05
CA VAL A 598 22.50 1.48 -28.15
C VAL A 598 23.24 2.83 -28.16
N GLU A 599 23.53 3.37 -26.98
CA GLU A 599 24.26 4.62 -26.93
C GLU A 599 25.73 4.42 -27.26
N LYS A 600 26.34 3.38 -26.71
CA LYS A 600 27.76 3.16 -26.99
C LYS A 600 27.95 2.88 -28.45
N ALA A 601 26.85 2.71 -29.15
CA ALA A 601 26.91 2.49 -30.57
C ALA A 601 26.60 3.77 -31.33
N ASP A 602 26.69 4.91 -30.66
CA ASP A 602 26.40 6.15 -31.34
C ASP A 602 27.56 6.46 -32.24
N ILE A 603 27.27 7.07 -33.38
CA ILE A 603 28.31 7.48 -34.32
C ILE A 603 28.69 8.93 -34.02
N GLY A 604 27.79 9.63 -33.36
CA GLY A 604 28.09 10.97 -32.90
C GLY A 604 28.88 10.95 -31.60
N CYS A 605 29.97 11.71 -31.55
CA CYS A 605 30.93 11.58 -30.47
C CYS A 605 31.05 12.80 -29.58
N THR A 606 30.26 13.83 -29.89
CA THR A 606 30.31 15.07 -29.16
C THR A 606 28.95 15.42 -28.59
N PRO A 607 28.92 16.12 -27.47
CA PRO A 607 27.63 16.58 -26.94
C PRO A 607 26.97 17.59 -27.89
N GLY A 608 27.74 18.56 -28.37
CA GLY A 608 27.22 19.54 -29.31
C GLY A 608 28.22 20.28 -30.20
N SER A 609 27.72 20.83 -31.30
CA SER A 609 28.48 21.75 -32.15
C SER A 609 29.57 21.14 -33.04
N GLY A 610 30.40 22.01 -33.61
CA GLY A 610 31.53 21.63 -34.42
C GLY A 610 32.60 22.70 -34.31
N LYS A 611 33.86 22.33 -34.53
CA LYS A 611 34.93 23.32 -34.50
C LYS A 611 34.65 24.32 -35.60
N ASP A 612 34.19 23.81 -36.73
CA ASP A 612 33.84 24.61 -37.90
C ASP A 612 32.51 24.11 -38.45
N TYR A 613 31.99 24.79 -39.48
CA TYR A 613 30.79 24.32 -40.15
C TYR A 613 30.89 22.82 -40.42
N ALA A 614 32.09 22.37 -40.79
CA ALA A 614 32.35 20.99 -41.24
C ALA A 614 32.58 20.00 -40.11
N GLY A 615 32.70 20.51 -38.88
CA GLY A 615 32.85 19.67 -37.71
C GLY A 615 31.49 19.31 -37.15
N VAL A 616 30.67 20.32 -36.88
CA VAL A 616 29.28 20.12 -36.50
C VAL A 616 28.74 18.91 -37.27
N PHE A 617 29.12 18.81 -38.53
CA PHE A 617 28.61 17.74 -39.36
C PHE A 617 29.26 16.37 -39.07
N SER A 618 30.55 16.35 -38.79
CA SER A 618 31.24 15.09 -38.52
C SER A 618 31.12 14.68 -37.05
N ASP A 619 30.81 15.66 -36.19
CA ASP A 619 30.63 15.33 -34.78
C ASP A 619 29.35 14.53 -34.55
N ALA A 620 28.19 15.06 -34.94
CA ALA A 620 27.01 14.21 -35.11
C ALA A 620 27.36 13.27 -36.25
N GLY A 621 26.66 12.14 -36.37
CA GLY A 621 27.02 11.17 -37.38
C GLY A 621 26.60 11.58 -38.78
N LEU A 622 27.33 12.51 -39.38
CA LEU A 622 26.91 13.11 -40.65
C LEU A 622 28.04 13.56 -41.57
N THR A 623 27.72 13.61 -42.87
CA THR A 623 28.61 14.18 -43.87
C THR A 623 27.84 15.18 -44.73
N PHE A 624 28.52 16.25 -45.13
CA PHE A 624 27.93 17.28 -45.96
C PHE A 624 28.78 17.50 -47.20
N THR A 625 28.27 17.10 -48.34
CA THR A 625 28.98 17.35 -49.58
C THR A 625 28.11 18.18 -50.52
N SER A 626 28.65 19.31 -50.94
CA SER A 626 27.91 20.21 -51.80
C SER A 626 28.59 20.34 -53.15
N SER A 627 27.80 20.74 -54.15
CA SER A 627 28.33 21.08 -55.45
C SER A 627 29.56 22.00 -55.34
N SER A 628 29.41 23.09 -54.59
CA SER A 628 30.46 24.10 -54.46
C SER A 628 31.71 23.56 -53.79
N GLY A 629 31.72 22.26 -53.52
CA GLY A 629 32.91 21.58 -53.04
C GLY A 629 33.17 21.65 -51.55
N GLN A 630 32.26 22.29 -50.81
CA GLN A 630 32.42 22.39 -49.36
C GLN A 630 31.99 21.09 -48.68
N GLN A 631 32.89 20.11 -48.69
CA GLN A 631 32.62 18.79 -48.11
C GLN A 631 33.22 18.67 -46.72
N THR A 632 32.72 17.70 -45.96
CA THR A 632 33.20 17.48 -44.59
C THR A 632 34.41 16.57 -44.57
N ALA A 633 35.25 16.73 -43.57
CA ALA A 633 36.35 15.79 -43.39
C ALA A 633 35.78 14.39 -43.55
N GLN A 634 36.22 13.67 -44.58
CA GLN A 634 35.83 12.27 -44.78
C GLN A 634 35.95 11.52 -43.45
N ARG A 635 35.09 10.53 -43.24
CA ARG A 635 35.23 9.71 -42.05
C ARG A 635 35.69 8.30 -42.41
N ALA A 636 36.81 7.89 -41.83
CA ALA A 636 37.37 6.57 -42.10
C ALA A 636 37.78 5.85 -40.82
N GLU A 637 37.19 6.26 -39.70
CA GLU A 637 37.40 5.55 -38.44
C GLU A 637 36.05 5.03 -37.90
N LEU A 638 36.01 3.73 -37.62
CA LEU A 638 34.77 3.07 -37.20
C LEU A 638 34.30 3.58 -35.85
N GLN A 639 35.18 3.52 -34.86
CA GLN A 639 34.87 4.00 -33.52
C GLN A 639 35.11 5.48 -33.39
N CYS A 640 34.55 6.07 -32.34
CA CYS A 640 34.81 7.46 -32.01
C CYS A 640 36.27 7.68 -31.64
N PRO A 641 36.70 8.95 -31.51
CA PRO A 641 38.07 9.25 -31.12
C PRO A 641 38.45 8.52 -29.85
N GLN A 642 39.38 7.57 -29.97
CA GLN A 642 39.95 6.93 -28.81
C GLN A 642 40.09 7.98 -27.72
N PRO A 643 39.44 7.75 -26.57
CA PRO A 643 39.41 8.73 -25.48
C PRO A 643 40.78 9.34 -25.21
N LEU B 3 -6.56 -41.25 15.90
CA LEU B 3 -7.04 -41.03 14.55
C LEU B 3 -8.42 -40.39 14.62
N ASP B 4 -8.62 -39.62 15.69
CA ASP B 4 -9.89 -38.98 16.09
C ASP B 4 -9.55 -37.84 17.04
N GLU B 5 -8.25 -37.54 17.14
CA GLU B 5 -7.80 -36.43 17.96
C GLU B 5 -8.10 -35.12 17.25
N ASP B 6 -7.75 -34.02 17.91
CA ASP B 6 -7.84 -32.67 17.38
C ASP B 6 -6.69 -32.43 16.39
N ILE B 7 -6.51 -33.35 15.44
CA ILE B 7 -5.40 -33.27 14.49
C ILE B 7 -5.55 -34.02 13.18
N ILE B 8 -4.75 -33.59 12.22
CA ILE B 8 -4.82 -34.11 10.87
C ILE B 8 -3.98 -35.36 10.80
N ALA B 9 -4.35 -36.28 9.91
CA ALA B 9 -3.65 -37.56 9.83
C ALA B 9 -2.65 -37.64 8.69
N GLU B 10 -1.52 -38.25 8.97
CA GLU B 10 -0.57 -38.57 7.92
C GLU B 10 -1.27 -39.21 6.71
N GLU B 11 -2.39 -39.89 6.94
CA GLU B 11 -3.15 -40.47 5.84
C GLU B 11 -3.59 -39.36 4.91
N ASN B 12 -3.73 -38.16 5.47
CA ASN B 12 -4.41 -37.06 4.80
C ASN B 12 -3.50 -35.88 4.50
N ILE B 13 -2.22 -36.03 4.82
CA ILE B 13 -1.25 -34.98 4.49
C ILE B 13 -0.71 -35.22 3.09
N VAL B 14 -0.96 -34.29 2.19
CA VAL B 14 -0.34 -34.34 0.87
C VAL B 14 0.80 -33.34 0.78
N SER B 15 2.03 -33.82 0.71
CA SER B 15 3.19 -32.94 0.83
C SER B 15 3.39 -31.99 -0.36
N ARG B 16 4.29 -31.03 -0.19
CA ARG B 16 4.74 -30.20 -1.29
C ARG B 16 6.00 -30.86 -1.82
N SER B 17 6.17 -30.87 -3.13
CA SER B 17 7.28 -31.57 -3.77
C SER B 17 7.86 -30.89 -5.00
N GLU B 18 7.07 -30.01 -5.63
CA GLU B 18 7.48 -29.40 -6.90
C GLU B 18 8.19 -28.05 -6.73
N PHE B 19 9.50 -28.06 -6.52
CA PHE B 19 10.22 -26.82 -6.29
C PHE B 19 11.19 -26.45 -7.39
N PRO B 20 10.69 -26.10 -8.58
CA PRO B 20 11.55 -25.59 -9.64
C PRO B 20 12.33 -24.35 -9.21
N GLU B 21 13.45 -24.06 -9.88
CA GLU B 21 14.20 -22.84 -9.59
C GLU B 21 13.82 -21.75 -10.59
N SER B 22 13.20 -22.18 -11.69
CA SER B 22 12.72 -21.28 -12.71
C SER B 22 11.60 -22.00 -13.39
N TRP B 23 10.60 -21.27 -13.86
CA TRP B 23 9.48 -21.87 -14.55
C TRP B 23 8.72 -20.83 -15.30
N LEU B 24 7.61 -21.25 -15.92
CA LEU B 24 6.80 -20.35 -16.71
C LEU B 24 7.64 -19.81 -17.85
N TRP B 25 8.41 -20.70 -18.46
CA TRP B 25 9.19 -20.36 -19.63
C TRP B 25 8.26 -20.48 -20.84
N ASN B 26 7.22 -19.64 -20.82
CA ASN B 26 6.09 -19.70 -21.77
C ASN B 26 6.11 -18.56 -22.78
N VAL B 27 5.25 -18.68 -23.81
CA VAL B 27 5.15 -17.67 -24.86
C VAL B 27 3.72 -17.28 -25.15
N GLU B 28 3.37 -16.03 -24.86
CA GLU B 28 2.01 -15.56 -25.07
C GLU B 28 1.99 -14.43 -26.07
N ASP B 29 0.85 -14.24 -26.72
CA ASP B 29 0.74 -13.28 -27.80
C ASP B 29 -0.40 -12.31 -27.61
N LEU B 30 -0.08 -11.03 -27.60
CA LEU B 30 -1.09 -10.00 -27.39
C LEU B 30 -1.95 -9.77 -28.63
N LYS B 31 -2.83 -10.73 -28.93
CA LYS B 31 -3.71 -10.66 -30.08
C LYS B 31 -5.06 -10.05 -29.70
N GLU B 32 -5.19 -9.71 -28.42
CA GLU B 32 -6.42 -9.18 -27.86
C GLU B 32 -6.80 -7.83 -28.44
N PRO B 33 -8.06 -7.42 -28.26
CA PRO B 33 -8.57 -6.15 -28.78
C PRO B 33 -7.94 -4.95 -28.08
N PRO B 34 -7.01 -4.26 -28.77
CA PRO B 34 -6.33 -3.11 -28.18
C PRO B 34 -7.33 -2.15 -27.60
N LYS B 35 -7.03 -1.54 -26.46
CA LYS B 35 -7.89 -0.49 -25.92
C LYS B 35 -7.07 0.63 -25.30
N ASN B 36 -7.18 1.82 -25.87
CA ASN B 36 -6.30 2.91 -25.49
C ASN B 36 -4.88 2.53 -25.87
N GLY B 37 -4.77 1.75 -26.94
CA GLY B 37 -3.48 1.33 -27.47
C GLY B 37 -2.79 0.16 -26.77
N ILE B 38 -3.48 -0.44 -25.81
CA ILE B 38 -2.84 -1.42 -24.93
C ILE B 38 -3.56 -2.76 -24.90
N SER B 39 -3.11 -3.70 -25.72
CA SER B 39 -3.64 -5.06 -25.67
C SER B 39 -3.42 -5.62 -24.27
N THR B 40 -4.38 -6.40 -23.79
CA THR B 40 -4.29 -6.94 -22.43
C THR B 40 -4.58 -8.42 -22.44
N LYS B 41 -3.64 -9.24 -21.95
CA LYS B 41 -3.90 -10.66 -21.84
C LYS B 41 -3.99 -11.09 -20.39
N LEU B 42 -4.98 -11.93 -20.10
CA LEU B 42 -5.11 -12.53 -18.78
C LEU B 42 -4.60 -13.96 -18.83
N MET B 43 -3.70 -14.29 -17.92
CA MET B 43 -3.00 -15.56 -17.96
C MET B 43 -3.34 -16.43 -16.79
N ASN B 44 -3.60 -17.70 -17.05
CA ASN B 44 -3.89 -18.60 -15.96
C ASN B 44 -2.71 -19.47 -15.62
N ILE B 45 -2.03 -19.14 -14.53
CA ILE B 45 -0.85 -19.88 -14.13
C ILE B 45 -1.05 -20.54 -12.78
N PHE B 46 -0.42 -21.70 -12.58
CA PHE B 46 -0.52 -22.42 -11.31
C PHE B 46 0.80 -22.33 -10.58
N LEU B 47 0.80 -21.73 -9.39
CA LEU B 47 2.03 -21.57 -8.66
C LEU B 47 2.60 -22.91 -8.22
N LYS B 48 3.93 -22.97 -8.13
CA LYS B 48 4.63 -24.17 -7.74
C LYS B 48 4.74 -24.19 -6.22
N ASP B 49 5.01 -25.36 -5.67
CA ASP B 49 4.93 -25.62 -4.23
C ASP B 49 5.86 -24.80 -3.33
N SER B 50 6.95 -24.30 -3.87
CA SER B 50 7.95 -23.63 -3.04
C SER B 50 7.33 -22.50 -2.22
N ILE B 51 7.82 -22.32 -1.01
CA ILE B 51 7.45 -21.15 -0.22
C ILE B 51 8.55 -20.11 -0.27
N THR B 52 8.38 -19.14 -1.16
CA THR B 52 9.41 -18.16 -1.46
C THR B 52 8.79 -16.93 -2.10
N THR B 53 9.60 -16.13 -2.80
CA THR B 53 9.09 -15.09 -3.69
C THR B 53 9.52 -15.37 -5.11
N TRP B 54 8.53 -15.48 -6.00
CA TRP B 54 8.81 -15.65 -7.41
C TRP B 54 9.05 -14.30 -8.03
N GLU B 55 10.01 -14.25 -8.95
CA GLU B 55 10.22 -13.06 -9.75
C GLU B 55 9.97 -13.31 -11.23
N ILE B 56 8.91 -12.73 -11.74
CA ILE B 56 8.51 -12.94 -13.12
C ILE B 56 9.06 -11.85 -14.02
N LEU B 57 9.76 -12.26 -15.07
CA LEU B 57 10.33 -11.35 -16.04
C LEU B 57 9.73 -11.62 -17.41
N ALA B 58 9.25 -10.55 -18.04
CA ALA B 58 8.68 -10.60 -19.38
C ALA B 58 9.49 -9.77 -20.36
N VAL B 59 9.73 -10.29 -21.55
CA VAL B 59 10.26 -9.44 -22.62
C VAL B 59 9.26 -9.47 -23.75
N SER B 60 9.09 -8.32 -24.40
CA SER B 60 8.19 -8.22 -25.53
C SER B 60 8.97 -7.85 -26.77
N MET B 61 8.58 -8.47 -27.87
CA MET B 61 9.18 -8.19 -29.15
C MET B 61 8.07 -7.84 -30.11
N SER B 62 8.07 -6.62 -30.63
CA SER B 62 7.15 -6.22 -31.69
C SER B 62 7.90 -5.53 -32.82
N ASP B 63 7.60 -5.89 -34.06
CA ASP B 63 8.30 -5.31 -35.20
C ASP B 63 7.91 -3.85 -35.41
N LYS B 64 6.80 -3.46 -34.83
CA LYS B 64 6.44 -2.05 -34.85
C LYS B 64 7.26 -1.31 -33.79
N LYS B 65 7.24 -1.80 -32.56
CA LYS B 65 7.80 -1.06 -31.44
C LYS B 65 9.09 -1.66 -30.83
N GLY B 66 9.49 -2.84 -31.31
CA GLY B 66 10.72 -3.51 -30.87
C GLY B 66 10.74 -4.40 -29.62
N ILE B 67 11.88 -4.38 -28.95
CA ILE B 67 12.09 -5.16 -27.72
C ILE B 67 11.74 -4.36 -26.47
N CYS B 68 11.51 -5.06 -25.37
CA CYS B 68 11.05 -4.42 -24.15
C CYS B 68 11.12 -5.29 -22.90
N VAL B 69 12.18 -5.07 -22.13
CA VAL B 69 12.34 -5.71 -20.85
C VAL B 69 11.36 -5.13 -19.84
N ALA B 70 10.20 -5.77 -19.73
CA ALA B 70 9.27 -5.43 -18.67
C ALA B 70 9.97 -5.36 -17.31
N ASP B 71 9.45 -4.53 -16.41
CA ASP B 71 9.99 -4.48 -15.06
C ASP B 71 9.83 -5.89 -14.51
N PRO B 72 10.53 -6.19 -13.41
CA PRO B 72 10.30 -7.47 -12.73
C PRO B 72 9.02 -7.31 -11.97
N PHE B 73 8.33 -8.40 -11.68
CA PHE B 73 7.10 -8.32 -10.91
C PHE B 73 7.07 -9.47 -9.93
N GLU B 74 7.01 -9.16 -8.64
CA GLU B 74 7.13 -10.16 -7.59
C GLU B 74 5.79 -10.73 -7.12
N VAL B 75 5.83 -12.00 -6.74
CA VAL B 75 4.66 -12.71 -6.22
C VAL B 75 5.15 -13.55 -5.04
N THR B 76 4.59 -13.33 -3.85
CA THR B 76 5.03 -14.12 -2.69
C THR B 76 4.05 -15.21 -2.25
N VAL B 77 4.48 -16.46 -2.37
CA VAL B 77 3.71 -17.58 -1.89
C VAL B 77 4.15 -17.89 -0.49
N MET B 78 3.22 -17.89 0.46
CA MET B 78 3.57 -18.26 1.82
C MET B 78 2.49 -19.00 2.60
N GLN B 79 2.69 -19.11 3.90
CA GLN B 79 1.81 -19.90 4.74
C GLN B 79 2.06 -19.48 6.18
N ASP B 80 1.09 -19.64 7.06
CA ASP B 80 1.30 -19.27 8.46
C ASP B 80 2.17 -20.29 9.22
N PHE B 81 2.10 -21.55 8.79
CA PHE B 81 2.94 -22.64 9.30
C PHE B 81 3.32 -23.58 8.15
N PHE B 82 4.57 -24.05 8.18
CA PHE B 82 5.10 -24.92 7.14
C PHE B 82 6.45 -25.47 7.55
N ILE B 83 6.96 -26.44 6.79
CA ILE B 83 8.28 -27.01 7.08
C ILE B 83 9.31 -26.61 6.04
N ASP B 84 10.55 -26.41 6.49
CA ASP B 84 11.69 -26.20 5.61
C ASP B 84 12.61 -27.40 5.73
N LEU B 85 12.58 -28.28 4.73
CA LEU B 85 13.48 -29.44 4.73
C LEU B 85 14.81 -29.09 4.07
N ARG B 86 15.77 -28.74 4.91
CA ARG B 86 17.05 -28.29 4.38
C ARG B 86 18.05 -29.43 4.19
N LEU B 87 18.00 -30.02 2.99
CA LEU B 87 18.94 -31.04 2.59
C LEU B 87 20.13 -30.38 1.95
N PRO B 88 21.32 -30.99 2.07
CA PRO B 88 22.53 -30.43 1.49
C PRO B 88 22.59 -30.90 0.06
N TYR B 89 23.65 -30.57 -0.66
CA TYR B 89 23.70 -30.93 -2.07
C TYR B 89 23.80 -32.44 -2.30
N SER B 90 24.66 -33.10 -1.54
CA SER B 90 24.96 -34.51 -1.75
C SER B 90 25.55 -35.21 -0.52
N VAL B 91 25.02 -36.40 -0.21
CA VAL B 91 25.63 -37.24 0.81
C VAL B 91 26.30 -38.49 0.21
N VAL B 92 27.16 -39.10 1.02
CA VAL B 92 27.89 -40.28 0.61
C VAL B 92 27.30 -41.52 1.25
N ARG B 93 26.89 -42.48 0.42
CA ARG B 93 26.28 -43.71 0.92
C ARG B 93 27.02 -44.26 2.13
N ASN B 94 26.28 -44.56 3.20
CA ASN B 94 26.84 -45.21 4.38
C ASN B 94 27.59 -44.30 5.35
N GLU B 95 27.52 -42.98 5.14
CA GLU B 95 27.98 -42.06 6.18
C GLU B 95 26.80 -41.44 6.91
N GLN B 96 26.93 -41.28 8.21
CA GLN B 96 25.82 -40.80 9.03
C GLN B 96 25.86 -39.29 9.15
N VAL B 97 24.73 -38.67 8.85
CA VAL B 97 24.60 -37.23 8.96
C VAL B 97 23.37 -36.89 9.77
N GLU B 98 23.00 -35.62 9.72
CA GLU B 98 21.84 -35.12 10.45
C GLU B 98 21.14 -34.08 9.65
N ILE B 99 20.03 -34.45 9.05
CA ILE B 99 19.27 -33.44 8.39
C ILE B 99 18.42 -32.68 9.41
N ARG B 100 18.12 -31.42 9.08
CA ARG B 100 17.26 -30.60 9.91
C ARG B 100 15.99 -30.22 9.19
N ALA B 101 14.87 -30.51 9.85
CA ALA B 101 13.54 -30.04 9.49
C ALA B 101 13.30 -28.79 10.31
N VAL B 102 13.20 -27.63 9.65
CA VAL B 102 12.90 -26.38 10.34
C VAL B 102 11.42 -26.08 10.21
N LEU B 103 10.77 -25.94 11.37
CA LEU B 103 9.34 -25.71 11.43
C LEU B 103 9.08 -24.24 11.72
N TYR B 104 8.44 -23.58 10.75
CA TYR B 104 8.16 -22.16 10.90
C TYR B 104 6.72 -21.96 11.37
N ASN B 105 6.57 -21.16 12.42
CA ASN B 105 5.26 -20.67 12.89
C ASN B 105 5.11 -19.13 12.84
N TYR B 106 4.44 -18.64 11.80
CA TYR B 106 4.30 -17.19 11.67
C TYR B 106 2.93 -16.69 12.10
N ARG B 107 2.28 -17.46 12.99
CA ARG B 107 1.05 -17.03 13.63
C ARG B 107 1.34 -15.89 14.58
N GLN B 108 0.51 -14.86 14.49
CA GLN B 108 0.56 -13.68 15.34
C GLN B 108 0.89 -13.96 16.81
N ASN B 109 -0.02 -14.65 17.51
CA ASN B 109 0.02 -14.67 18.95
C ASN B 109 -0.54 -15.94 19.58
N GLN B 110 0.20 -17.03 19.46
CA GLN B 110 -0.15 -18.26 20.14
C GLN B 110 0.88 -19.30 19.78
N GLU B 111 1.35 -20.10 20.75
CA GLU B 111 2.28 -21.16 20.41
C GLU B 111 1.59 -22.36 19.77
N LEU B 112 2.34 -23.06 18.93
CA LEU B 112 1.82 -24.19 18.18
C LEU B 112 2.36 -25.52 18.70
N LYS B 113 1.48 -26.51 18.83
CA LYS B 113 1.93 -27.83 19.23
C LYS B 113 1.84 -28.79 18.02
N VAL B 114 3.01 -29.28 17.56
CA VAL B 114 3.05 -30.12 16.37
C VAL B 114 3.56 -31.52 16.65
N ARG B 115 2.93 -32.51 16.01
CA ARG B 115 3.51 -33.86 15.91
C ARG B 115 4.15 -33.97 14.52
N VAL B 116 5.47 -33.79 14.47
CA VAL B 116 6.25 -33.87 13.23
C VAL B 116 6.92 -35.22 13.11
N GLU B 117 7.12 -35.67 11.88
CA GLU B 117 7.37 -37.08 11.64
C GLU B 117 8.22 -37.33 10.37
N LEU B 118 9.38 -37.96 10.55
CA LEU B 118 10.19 -38.35 9.41
C LEU B 118 9.68 -39.69 8.88
N LEU B 119 9.15 -39.67 7.67
CA LEU B 119 8.63 -40.89 7.06
C LEU B 119 9.71 -41.92 6.82
N HIS B 120 9.32 -43.19 6.88
CA HIS B 120 10.28 -44.27 6.72
C HIS B 120 10.67 -44.41 5.26
N ASN B 121 11.96 -44.59 5.02
CA ASN B 121 12.45 -44.91 3.68
C ASN B 121 13.45 -46.05 3.73
N PRO B 122 13.08 -47.20 3.15
CA PRO B 122 13.99 -48.34 3.14
C PRO B 122 15.40 -47.96 2.68
N ALA B 123 15.51 -46.95 1.83
CA ALA B 123 16.81 -46.61 1.27
C ALA B 123 17.64 -45.74 2.22
N PHE B 124 17.24 -45.69 3.48
CA PHE B 124 17.90 -44.84 4.47
C PHE B 124 17.84 -45.55 5.80
N CYS B 125 18.81 -45.29 6.66
CA CYS B 125 18.77 -45.93 7.97
C CYS B 125 18.41 -44.93 9.04
N SER B 126 17.13 -44.94 9.42
CA SER B 126 16.54 -43.94 10.31
C SER B 126 15.79 -44.63 11.43
N LEU B 127 15.54 -43.94 12.54
CA LEU B 127 14.75 -44.52 13.63
C LEU B 127 13.36 -44.94 13.18
N ALA B 128 13.11 -44.87 11.88
CA ALA B 128 11.79 -45.14 11.35
C ALA B 128 11.77 -46.45 10.61
N THR B 129 10.86 -47.33 11.05
CA THR B 129 10.76 -48.66 10.50
C THR B 129 9.46 -48.85 9.76
N THR B 130 9.37 -49.93 8.98
CA THR B 130 8.16 -50.29 8.27
C THR B 130 6.94 -50.22 9.17
N LYS B 131 7.14 -50.51 10.46
CA LYS B 131 6.06 -50.64 11.42
C LYS B 131 6.00 -49.47 12.40
N ARG B 132 7.12 -49.23 13.09
CA ARG B 132 7.25 -48.10 14.01
C ARG B 132 7.53 -46.79 13.25
N ARG B 133 6.80 -45.72 13.56
CA ARG B 133 7.08 -44.41 12.97
C ARG B 133 8.08 -43.63 13.83
N HIS B 134 8.59 -42.52 13.31
CA HIS B 134 9.45 -41.67 14.12
C HIS B 134 8.92 -40.25 14.33
N GLN B 135 8.22 -40.03 15.44
CA GLN B 135 7.69 -38.72 15.75
C GLN B 135 8.16 -38.17 17.10
N GLN B 136 8.26 -36.85 17.18
CA GLN B 136 8.32 -36.15 18.46
C GLN B 136 7.02 -35.37 18.51
N THR B 137 6.77 -34.73 19.64
CA THR B 137 5.68 -33.77 19.71
C THR B 137 6.27 -32.49 20.28
N VAL B 138 6.23 -31.43 19.49
CA VAL B 138 6.95 -30.23 19.85
C VAL B 138 6.16 -28.95 19.83
N THR B 139 6.74 -27.97 20.52
CA THR B 139 6.16 -26.67 20.72
C THR B 139 7.03 -25.56 20.13
N ILE B 140 6.43 -24.80 19.23
CA ILE B 140 7.06 -23.65 18.61
C ILE B 140 6.47 -22.39 19.20
N PRO B 141 7.32 -21.50 19.73
CA PRO B 141 6.76 -20.19 20.10
C PRO B 141 6.16 -19.52 18.85
N PRO B 142 5.42 -18.42 19.02
CA PRO B 142 4.90 -17.77 17.83
C PRO B 142 5.99 -16.87 17.33
N LYS B 143 5.82 -16.41 16.08
CA LYS B 143 6.84 -15.64 15.39
C LYS B 143 8.20 -16.24 15.63
N SER B 144 8.35 -17.53 15.31
CA SER B 144 9.69 -18.13 15.20
C SER B 144 9.77 -19.58 14.75
N SER B 145 10.97 -20.10 14.86
CA SER B 145 11.31 -21.36 14.23
C SER B 145 11.74 -22.41 15.26
N LEU B 146 11.25 -23.63 15.07
CA LEU B 146 11.81 -24.77 15.79
C LEU B 146 12.61 -25.68 14.86
N SER B 147 13.82 -26.02 15.27
CA SER B 147 14.64 -26.93 14.48
C SER B 147 14.43 -28.38 14.94
N VAL B 148 14.33 -29.29 13.98
CA VAL B 148 14.07 -30.67 14.36
C VAL B 148 15.06 -31.60 13.69
N PRO B 149 16.05 -32.08 14.47
CA PRO B 149 17.06 -33.01 14.02
C PRO B 149 16.44 -34.34 13.65
N TYR B 150 16.89 -34.85 12.51
CA TYR B 150 16.67 -36.24 12.15
C TYR B 150 18.03 -36.71 11.66
N VAL B 151 18.61 -37.72 12.34
CA VAL B 151 19.86 -38.31 11.89
C VAL B 151 19.55 -39.54 11.07
N ILE B 152 20.26 -39.68 9.96
CA ILE B 152 20.02 -40.77 9.03
C ILE B 152 21.33 -41.28 8.44
N VAL B 153 21.19 -42.34 7.64
CA VAL B 153 22.32 -42.92 6.93
C VAL B 153 21.83 -43.34 5.56
N PRO B 154 22.37 -42.74 4.49
CA PRO B 154 21.96 -43.07 3.13
C PRO B 154 22.43 -44.48 2.79
N LEU B 155 21.58 -45.27 2.17
CA LEU B 155 21.93 -46.67 2.00
C LEU B 155 22.09 -47.10 0.56
N LYS B 156 21.58 -46.32 -0.38
CA LYS B 156 21.76 -46.65 -1.80
C LYS B 156 22.15 -45.44 -2.61
N THR B 157 23.13 -45.61 -3.48
CA THR B 157 23.56 -44.52 -4.33
C THR B 157 22.41 -44.03 -5.17
N GLY B 158 22.72 -43.09 -6.05
CA GLY B 158 21.71 -42.43 -6.84
C GLY B 158 20.81 -41.53 -6.03
N LEU B 159 19.65 -41.27 -6.62
CA LEU B 159 18.74 -40.24 -6.14
C LEU B 159 17.75 -40.76 -5.09
N GLN B 160 17.99 -40.39 -3.83
CA GLN B 160 17.11 -40.77 -2.72
C GLN B 160 16.24 -39.66 -2.13
N GLU B 161 15.20 -40.05 -1.40
CA GLU B 161 14.19 -39.06 -0.98
C GLU B 161 13.77 -39.03 0.50
N VAL B 162 14.08 -37.91 1.14
CA VAL B 162 13.68 -37.67 2.52
C VAL B 162 12.32 -36.99 2.51
N GLU B 163 11.44 -37.37 3.45
CA GLU B 163 10.12 -36.75 3.56
C GLU B 163 9.67 -36.53 5.00
N VAL B 164 9.32 -35.30 5.33
CA VAL B 164 8.77 -34.97 6.65
C VAL B 164 7.34 -34.43 6.61
N LYS B 165 6.56 -34.78 7.62
CA LYS B 165 5.20 -34.30 7.77
C LYS B 165 5.00 -33.80 9.19
N ALA B 166 4.22 -32.74 9.30
CA ALA B 166 3.85 -32.24 10.62
C ALA B 166 2.42 -31.75 10.58
N ALA B 167 1.76 -31.81 11.73
CA ALA B 167 0.42 -31.28 11.89
C ALA B 167 0.31 -30.55 13.22
N VAL B 168 -0.40 -29.42 13.21
CA VAL B 168 -0.65 -28.67 14.43
C VAL B 168 -1.95 -29.16 15.06
N TYR B 169 -1.99 -29.15 16.38
CA TYR B 169 -3.15 -29.58 17.12
C TYR B 169 -4.18 -28.48 17.25
N HIS B 170 -5.46 -28.86 17.25
CA HIS B 170 -6.52 -27.92 17.54
C HIS B 170 -6.85 -27.04 16.35
N HIS B 171 -5.82 -26.65 15.60
CA HIS B 171 -6.02 -26.16 14.24
C HIS B 171 -6.18 -27.40 13.41
N PHE B 172 -6.31 -27.21 12.11
CA PHE B 172 -6.24 -28.33 11.18
C PHE B 172 -5.33 -27.85 10.12
N ILE B 173 -4.13 -27.50 10.53
CA ILE B 173 -3.09 -27.10 9.61
C ILE B 173 -2.03 -28.19 9.56
N SER B 174 -1.50 -28.39 8.36
CA SER B 174 -0.55 -29.44 8.12
C SER B 174 0.28 -29.06 6.93
N ASP B 175 1.54 -29.47 6.98
CA ASP B 175 2.43 -29.38 5.84
C ASP B 175 3.15 -30.72 5.72
N GLY B 176 3.77 -30.95 4.57
CA GLY B 176 4.66 -32.07 4.35
C GLY B 176 5.56 -31.76 3.18
N VAL B 177 6.87 -31.92 3.33
CA VAL B 177 7.79 -31.67 2.22
C VAL B 177 8.47 -32.94 1.73
N ARG B 178 8.63 -33.03 0.42
CA ARG B 178 9.34 -34.15 -0.16
C ARG B 178 10.53 -33.69 -1.04
N LYS B 179 11.69 -33.58 -0.42
CA LYS B 179 12.88 -33.16 -1.14
C LYS B 179 13.76 -34.36 -1.48
N SER B 180 14.60 -34.23 -2.50
CA SER B 180 15.51 -35.31 -2.91
C SER B 180 16.95 -34.85 -2.98
N LEU B 181 17.85 -35.74 -2.55
CA LEU B 181 19.27 -35.42 -2.48
C LEU B 181 20.11 -36.47 -3.21
N LYS B 182 21.27 -36.04 -3.71
CA LYS B 182 22.20 -36.94 -4.41
C LYS B 182 22.95 -37.80 -3.41
N VAL B 183 22.79 -39.12 -3.57
CA VAL B 183 23.64 -40.07 -2.87
C VAL B 183 24.77 -40.50 -3.78
N VAL B 184 26.00 -40.44 -3.24
CA VAL B 184 27.18 -40.82 -4.00
C VAL B 184 28.02 -41.85 -3.25
N PRO B 185 28.55 -42.83 -3.97
CA PRO B 185 29.37 -43.88 -3.37
C PRO B 185 30.76 -43.38 -3.04
N GLU B 186 31.44 -44.05 -2.11
CA GLU B 186 32.78 -43.67 -1.71
C GLU B 186 33.84 -44.40 -2.54
N THR C 5 -44.50 -32.77 21.74
CA THR C 5 -43.44 -31.83 22.11
C THR C 5 -43.73 -30.41 21.63
N SER C 6 -42.86 -29.48 22.00
CA SER C 6 -43.00 -28.10 21.57
C SER C 6 -41.87 -27.69 20.64
N LEU C 7 -41.37 -26.48 20.85
CA LEU C 7 -40.33 -25.95 20.00
C LEU C 7 -39.02 -25.87 20.78
N PRO C 8 -37.91 -25.89 20.04
CA PRO C 8 -36.54 -25.86 20.58
C PRO C 8 -36.07 -24.47 21.01
N THR C 9 -35.03 -24.40 21.84
CA THR C 9 -34.52 -23.11 22.30
C THR C 9 -33.63 -22.46 21.23
N SER C 10 -33.09 -21.29 21.54
CA SER C 10 -32.34 -20.54 20.54
C SER C 10 -31.16 -21.37 20.11
N ASN C 11 -30.16 -21.42 20.99
CA ASN C 11 -29.02 -22.31 20.85
C ASN C 11 -29.51 -23.54 20.11
N GLU C 12 -30.45 -24.25 20.72
CA GLU C 12 -30.98 -25.51 20.19
C GLU C 12 -31.29 -25.49 18.70
N TYR C 13 -31.89 -24.40 18.20
CA TYR C 13 -32.27 -24.34 16.80
C TYR C 13 -31.07 -24.08 15.92
N GLN C 14 -30.35 -23.00 16.19
CA GLN C 14 -29.14 -22.66 15.44
C GLN C 14 -28.20 -23.85 15.36
N ASN C 15 -27.84 -24.36 16.54
CA ASN C 15 -26.99 -25.52 16.63
C ASN C 15 -27.40 -26.65 15.72
N GLU C 16 -28.70 -26.95 15.65
CA GLU C 16 -29.14 -28.04 14.79
C GLU C 16 -29.22 -27.67 13.31
N LYS C 17 -29.29 -26.37 13.02
CA LYS C 17 -29.25 -25.94 11.63
C LYS C 17 -27.83 -26.12 11.10
N LEU C 18 -26.89 -25.45 11.77
CA LEU C 18 -25.49 -25.58 11.40
C LEU C 18 -25.18 -27.03 11.11
N ALA C 19 -25.31 -27.86 12.14
CA ALA C 19 -25.02 -29.28 12.01
C ALA C 19 -25.55 -29.88 10.70
N ASN C 20 -26.85 -29.77 10.44
CA ASN C 20 -27.42 -30.37 9.22
C ASN C 20 -26.86 -29.72 7.95
N GLU C 21 -26.63 -28.41 8.01
CA GLU C 21 -25.97 -27.74 6.90
C GLU C 21 -24.68 -28.48 6.67
N LEU C 22 -23.90 -28.60 7.75
CA LEU C 22 -22.59 -29.26 7.73
C LEU C 22 -22.68 -30.67 7.16
N LYS C 23 -23.37 -31.55 7.89
CA LYS C 23 -23.67 -32.88 7.38
C LYS C 23 -24.00 -32.82 5.89
N SER C 24 -24.92 -31.93 5.50
CA SER C 24 -25.35 -31.84 4.12
C SER C 24 -24.18 -31.91 3.15
N LEU C 25 -23.05 -31.34 3.56
CA LEU C 25 -21.83 -31.34 2.75
C LEU C 25 -21.06 -32.66 2.88
N LEU C 26 -20.71 -33.02 4.13
CA LEU C 26 -19.97 -34.23 4.37
C LEU C 26 -20.57 -35.41 3.61
N ASP C 27 -21.89 -35.44 3.51
CA ASP C 27 -22.57 -36.40 2.65
C ASP C 27 -21.84 -36.51 1.31
N GLU C 28 -21.96 -35.50 0.47
CA GLU C 28 -21.32 -35.56 -0.82
C GLU C 28 -19.88 -35.02 -0.78
N LEU C 29 -19.10 -35.47 0.20
CA LEU C 29 -17.67 -35.21 0.20
C LEU C 29 -16.99 -36.19 -0.73
N ASN C 30 -17.11 -37.48 -0.41
CA ASN C 30 -16.50 -38.52 -1.22
C ASN C 30 -16.60 -38.28 -2.73
N VAL C 31 -17.77 -37.88 -3.21
CA VAL C 31 -17.94 -37.55 -4.62
C VAL C 31 -16.88 -36.54 -5.01
N ASN C 32 -16.72 -35.52 -4.17
CA ASN C 32 -15.72 -34.48 -4.39
C ASN C 32 -14.29 -35.00 -4.37
N GLU C 33 -13.83 -35.45 -3.20
CA GLU C 33 -12.51 -36.09 -3.09
C GLU C 33 -12.16 -36.81 -4.38
N LEU C 34 -13.15 -37.43 -5.00
CA LEU C 34 -12.93 -38.25 -6.18
C LEU C 34 -12.69 -37.41 -7.44
N ALA C 35 -13.30 -36.25 -7.51
CA ALA C 35 -13.07 -35.37 -8.65
C ALA C 35 -11.67 -34.75 -8.64
N THR C 36 -11.00 -34.79 -7.48
CA THR C 36 -9.69 -34.20 -7.36
C THR C 36 -8.69 -34.99 -8.17
N GLY C 37 -8.93 -36.30 -8.28
CA GLY C 37 -8.02 -37.15 -9.03
C GLY C 37 -7.47 -36.48 -10.29
N SER C 38 -8.36 -36.04 -11.18
CA SER C 38 -7.94 -35.32 -12.37
C SER C 38 -7.21 -34.00 -12.07
N LEU C 39 -7.66 -33.31 -11.01
CA LEU C 39 -7.14 -31.98 -10.63
C LEU C 39 -5.71 -31.92 -10.07
N ASN C 40 -5.11 -30.73 -10.19
CA ASN C 40 -3.72 -30.47 -9.75
C ASN C 40 -3.56 -30.70 -8.26
N THR C 41 -2.37 -31.17 -7.86
CA THR C 41 -2.19 -31.71 -6.51
C THR C 41 -2.71 -30.82 -5.39
N TYR C 42 -2.78 -29.52 -5.61
CA TYR C 42 -3.25 -28.62 -4.57
C TYR C 42 -4.67 -28.98 -4.13
N TYR C 43 -5.53 -29.35 -5.09
CA TYR C 43 -6.89 -29.71 -4.75
C TYR C 43 -6.94 -30.89 -3.79
N LYS C 44 -6.27 -31.98 -4.14
CA LYS C 44 -6.28 -33.15 -3.26
C LYS C 44 -5.72 -32.77 -1.90
N ARG C 45 -4.51 -32.24 -1.89
CA ARG C 45 -3.85 -31.83 -0.65
C ARG C 45 -4.76 -31.03 0.24
N THR C 46 -5.64 -30.25 -0.38
CA THR C 46 -6.51 -29.31 0.31
C THR C 46 -7.71 -30.03 0.87
N ILE C 47 -8.44 -30.71 -0.01
CA ILE C 47 -9.72 -31.30 0.37
C ILE C 47 -9.55 -32.28 1.50
N LYS C 48 -8.48 -33.05 1.49
CA LYS C 48 -8.27 -34.04 2.53
C LYS C 48 -8.23 -33.40 3.92
N ILE C 49 -7.56 -32.25 4.05
CA ILE C 49 -7.47 -31.56 5.35
C ILE C 49 -8.78 -30.91 5.71
N SER C 50 -9.46 -30.41 4.70
CA SER C 50 -10.77 -29.82 4.88
C SER C 50 -11.82 -30.87 5.29
N GLY C 51 -11.73 -32.07 4.71
CA GLY C 51 -12.61 -33.16 5.05
C GLY C 51 -12.60 -33.53 6.52
N GLN C 52 -11.41 -33.83 7.04
CA GLN C 52 -11.24 -34.11 8.46
C GLN C 52 -11.77 -32.98 9.32
N LYS C 53 -11.41 -31.74 9.01
CA LYS C 53 -11.85 -30.62 9.84
C LYS C 53 -13.32 -30.83 10.14
N ALA C 54 -14.10 -30.91 9.06
CA ALA C 54 -15.53 -31.21 9.12
C ALA C 54 -15.85 -32.35 10.09
N MET C 55 -15.64 -33.57 9.63
CA MET C 55 -15.95 -34.75 10.44
C MET C 55 -15.60 -34.61 11.93
N TYR C 56 -14.47 -33.99 12.27
CA TYR C 56 -14.21 -33.77 13.70
C TYR C 56 -15.11 -32.68 14.18
N ALA C 57 -15.17 -31.61 13.41
CA ALA C 57 -16.04 -30.48 13.74
C ALA C 57 -17.49 -30.95 13.92
N LEU C 58 -18.01 -31.71 12.96
CA LEU C 58 -19.37 -32.21 13.07
C LEU C 58 -19.59 -32.98 14.37
N LYS C 59 -18.71 -33.92 14.67
CA LYS C 59 -18.87 -34.75 15.86
C LYS C 59 -18.67 -33.96 17.15
N SER C 60 -18.06 -32.78 17.05
CA SER C 60 -17.73 -31.99 18.24
C SER C 60 -18.89 -31.12 18.72
N LYS C 61 -19.90 -31.00 17.87
CA LYS C 61 -21.17 -30.38 18.27
C LYS C 61 -20.96 -28.99 18.89
N ASP C 62 -19.87 -28.36 18.48
CA ASP C 62 -19.51 -27.03 18.91
C ASP C 62 -19.69 -26.12 17.70
N PHE C 63 -20.40 -25.01 17.90
CA PHE C 63 -20.78 -24.08 16.84
C PHE C 63 -19.62 -23.61 16.00
N LYS C 64 -18.62 -23.03 16.66
CA LYS C 64 -17.44 -22.48 16.02
C LYS C 64 -16.88 -23.47 15.03
N LYS C 65 -16.16 -24.45 15.58
CA LYS C 65 -15.52 -25.52 14.83
C LYS C 65 -16.39 -25.96 13.66
N MET C 66 -17.69 -26.02 13.93
CA MET C 66 -18.68 -26.50 12.96
C MET C 66 -18.93 -25.54 11.81
N SER C 67 -19.04 -24.26 12.11
CA SER C 67 -19.27 -23.30 11.03
C SER C 67 -17.98 -23.07 10.32
N GLU C 68 -16.97 -22.68 11.09
CA GLU C 68 -15.65 -22.42 10.58
C GLU C 68 -15.38 -23.46 9.53
N ALA C 69 -15.53 -24.72 9.95
CA ALA C 69 -15.41 -25.87 9.09
C ALA C 69 -16.48 -25.88 8.01
N LYS C 70 -17.71 -25.58 8.37
CA LYS C 70 -18.75 -25.49 7.36
C LYS C 70 -18.20 -24.77 6.16
N TYR C 71 -17.42 -23.72 6.41
CA TYR C 71 -17.03 -22.81 5.34
C TYR C 71 -15.80 -23.28 4.59
N GLN C 72 -14.75 -23.67 5.33
CA GLN C 72 -13.59 -24.32 4.74
C GLN C 72 -14.03 -25.19 3.59
N LEU C 73 -14.81 -26.20 3.93
CA LEU C 73 -15.26 -27.21 3.00
C LEU C 73 -16.11 -26.63 1.88
N GLN C 74 -16.84 -25.57 2.17
CA GLN C 74 -17.67 -24.92 1.15
C GLN C 74 -16.75 -24.39 0.06
N LYS C 75 -15.74 -23.64 0.47
CA LYS C 75 -14.81 -22.98 -0.41
C LYS C 75 -14.22 -23.98 -1.39
N ILE C 76 -13.51 -24.96 -0.86
CA ILE C 76 -12.80 -25.94 -1.66
C ILE C 76 -13.70 -26.66 -2.67
N TYR C 77 -14.95 -26.90 -2.27
CA TYR C 77 -15.95 -27.47 -3.15
C TYR C 77 -16.13 -26.55 -4.34
N ASN C 78 -16.08 -25.24 -4.09
CA ASN C 78 -16.30 -24.26 -5.13
C ASN C 78 -15.09 -24.14 -6.01
N GLU C 79 -13.92 -24.29 -5.40
CA GLU C 79 -12.66 -24.24 -6.13
C GLU C 79 -12.49 -25.48 -7.00
N ILE C 80 -13.24 -26.52 -6.69
CA ILE C 80 -13.31 -27.69 -7.54
C ILE C 80 -14.16 -27.41 -8.77
N ASP C 81 -15.37 -26.89 -8.55
CA ASP C 81 -16.23 -26.62 -9.70
C ASP C 81 -15.48 -25.73 -10.69
N GLU C 82 -15.10 -24.53 -10.24
CA GLU C 82 -14.35 -23.60 -11.07
C GLU C 82 -13.25 -24.31 -11.86
N ALA C 83 -12.64 -25.30 -11.21
CA ALA C 83 -11.56 -26.05 -11.81
C ALA C 83 -12.06 -26.87 -12.98
N LEU C 84 -13.06 -27.70 -12.73
CA LEU C 84 -13.55 -28.64 -13.73
C LEU C 84 -14.28 -27.96 -14.89
N LYS C 85 -14.53 -26.67 -14.79
CA LYS C 85 -15.19 -25.97 -15.89
C LYS C 85 -14.22 -25.55 -16.99
N SER C 86 -13.00 -25.16 -16.60
CA SER C 86 -11.96 -24.82 -17.57
C SER C 86 -11.42 -26.05 -18.32
N LYS C 87 -12.18 -27.16 -18.30
CA LYS C 87 -11.73 -28.44 -18.83
C LYS C 87 -12.85 -29.22 -19.53
N TYR C 88 -14.06 -28.64 -19.52
CA TYR C 88 -15.26 -29.26 -20.10
C TYR C 88 -15.98 -30.17 -19.09
N THR D 5 7.98 -42.64 40.51
CA THR D 5 7.49 -42.41 39.15
C THR D 5 8.62 -42.07 38.19
N SER D 6 8.29 -41.91 36.92
CA SER D 6 9.27 -41.55 35.92
C SER D 6 9.01 -40.16 35.35
N LEU D 7 9.16 -40.04 34.05
CA LEU D 7 8.99 -38.76 33.40
C LEU D 7 7.71 -38.76 32.56
N PRO D 8 7.18 -37.56 32.33
CA PRO D 8 5.94 -37.34 31.58
C PRO D 8 6.10 -37.41 30.05
N THR D 9 5.00 -37.59 29.33
CA THR D 9 5.09 -37.68 27.87
C THR D 9 5.18 -36.27 27.24
N SER D 10 5.24 -36.21 25.92
CA SER D 10 5.48 -34.94 25.25
C SER D 10 4.34 -34.01 25.60
N ASN D 11 3.19 -34.27 24.97
CA ASN D 11 1.94 -33.61 25.31
C ASN D 11 1.99 -33.27 26.78
N GLU D 12 2.09 -34.30 27.60
CA GLU D 12 2.07 -34.17 29.06
C GLU D 12 2.94 -33.04 29.61
N TYR D 13 4.14 -32.87 29.06
CA TYR D 13 5.06 -31.86 29.57
C TYR D 13 4.65 -30.47 29.11
N GLN D 14 4.54 -30.30 27.80
CA GLN D 14 4.11 -29.03 27.20
C GLN D 14 2.83 -28.54 27.86
N ASN D 15 1.81 -29.39 27.82
CA ASN D 15 0.53 -29.09 28.43
C ASN D 15 0.66 -28.56 29.84
N GLU D 16 1.51 -29.17 30.65
CA GLU D 16 1.66 -28.71 32.04
C GLU D 16 2.52 -27.46 32.17
N LYS D 17 3.35 -27.17 31.17
CA LYS D 17 4.12 -25.94 31.19
C LYS D 17 3.18 -24.78 30.90
N LEU D 18 2.53 -24.84 29.74
CA LEU D 18 1.56 -23.83 29.37
C LEU D 18 0.71 -23.49 30.58
N ALA D 19 -0.04 -24.48 31.05
CA ALA D 19 -0.92 -24.29 32.19
C ALA D 19 -0.28 -23.45 33.30
N ASN D 20 0.87 -23.87 33.82
CA ASN D 20 1.50 -23.13 34.93
C ASN D 20 1.92 -21.74 34.50
N GLU D 21 2.40 -21.60 33.27
CA GLU D 21 2.70 -20.30 32.73
C GLU D 21 1.45 -19.47 32.89
N LEU D 22 0.35 -20.01 32.36
CA LEU D 22 -0.96 -19.37 32.39
C LEU D 22 -1.38 -18.98 33.81
N LYS D 23 -1.60 -19.99 34.65
CA LYS D 23 -1.83 -19.76 36.07
C LYS D 23 -0.93 -18.64 36.58
N SER D 24 0.36 -18.74 36.31
CA SER D 24 1.32 -17.76 36.81
C SER D 24 0.80 -16.33 36.66
N LEU D 25 0.06 -16.10 35.59
CA LEU D 25 -0.52 -14.78 35.32
C LEU D 25 -1.83 -14.56 36.09
N LEU D 26 -2.78 -15.48 35.89
CA LEU D 26 -4.06 -15.37 36.56
C LEU D 26 -3.89 -15.07 38.04
N ASP D 27 -2.86 -15.65 38.64
CA ASP D 27 -2.47 -15.28 40.00
C ASP D 27 -2.52 -13.77 40.19
N GLU D 28 -1.57 -13.06 39.60
CA GLU D 28 -1.56 -11.64 39.76
C GLU D 28 -2.37 -10.91 38.68
N LEU D 29 -3.60 -11.39 38.45
CA LEU D 29 -4.57 -10.65 37.64
C LEU D 29 -5.18 -9.55 38.46
N ASN D 30 -5.86 -9.94 39.53
CA ASN D 30 -6.52 -8.97 40.41
C ASN D 30 -5.69 -7.72 40.68
N VAL D 31 -4.41 -7.89 40.98
CA VAL D 31 -3.52 -6.74 41.15
C VAL D 31 -3.66 -5.82 39.97
N ASN D 32 -3.61 -6.41 38.77
CA ASN D 32 -3.75 -5.67 37.52
C ASN D 32 -5.10 -5.00 37.36
N GLU D 33 -6.16 -5.79 37.23
CA GLU D 33 -7.51 -5.25 37.19
C GLU D 33 -7.62 -3.99 38.04
N LEU D 34 -6.93 -3.99 39.17
CA LEU D 34 -7.01 -2.89 40.12
C LEU D 34 -6.25 -1.65 39.67
N ALA D 35 -5.16 -1.84 38.94
CA ALA D 35 -4.43 -0.70 38.42
C ALA D 35 -5.18 0.02 37.29
N THR D 36 -6.17 -0.65 36.72
CA THR D 36 -6.92 -0.05 35.62
C THR D 36 -7.73 1.10 36.13
N GLY D 37 -8.18 1.02 37.38
CA GLY D 37 -8.97 2.10 37.95
C GLY D 37 -8.52 3.49 37.51
N SER D 38 -7.27 3.82 37.75
CA SER D 38 -6.72 5.10 37.30
C SER D 38 -6.74 5.25 35.77
N LEU D 39 -6.55 4.14 35.06
CA LEU D 39 -6.41 4.13 33.60
C LEU D 39 -7.67 4.44 32.78
N ASN D 40 -7.45 4.83 31.52
CA ASN D 40 -8.53 5.16 30.58
C ASN D 40 -9.42 3.96 30.34
N THR D 41 -10.71 4.20 30.10
CA THR D 41 -11.68 3.10 30.10
C THR D 41 -11.31 1.91 29.23
N TYR D 42 -10.50 2.13 28.21
CA TYR D 42 -10.13 1.04 27.32
C TYR D 42 -9.41 -0.07 28.10
N TYR D 43 -8.56 0.29 29.05
CA TYR D 43 -7.85 -0.69 29.83
C TYR D 43 -8.81 -1.60 30.59
N LYS D 44 -9.72 -1.02 31.36
CA LYS D 44 -10.68 -1.83 32.12
C LYS D 44 -11.48 -2.69 31.17
N ARG D 45 -12.13 -2.06 30.19
CA ARG D 45 -12.93 -2.79 29.22
C ARG D 45 -12.21 -3.98 28.63
N THR D 46 -10.89 -3.85 28.51
CA THR D 46 -10.05 -4.85 27.87
C THR D 46 -9.74 -5.97 28.83
N ILE D 47 -9.16 -5.61 29.97
CA ILE D 47 -8.65 -6.60 30.91
C ILE D 47 -9.74 -7.55 31.36
N LYS D 48 -10.94 -7.02 31.57
CA LYS D 48 -12.03 -7.86 32.04
C LYS D 48 -12.31 -9.01 31.07
N ILE D 49 -12.30 -8.74 29.76
CA ILE D 49 -12.56 -9.77 28.76
C ILE D 49 -11.39 -10.72 28.63
N SER D 50 -10.20 -10.16 28.78
CA SER D 50 -8.99 -10.96 28.77
C SER D 50 -8.90 -11.89 29.99
N GLY D 51 -9.33 -11.40 31.15
CA GLY D 51 -9.36 -12.19 32.36
C GLY D 51 -10.17 -13.46 32.25
N GLN D 52 -11.44 -13.33 31.86
CA GLN D 52 -12.30 -14.47 31.62
C GLN D 52 -11.68 -15.44 30.62
N LYS D 53 -11.20 -14.93 29.49
CA LYS D 53 -10.64 -15.82 28.48
C LYS D 53 -9.77 -16.82 29.19
N ALA D 54 -8.77 -16.29 29.89
CA ALA D 54 -7.87 -17.08 30.72
C ALA D 54 -8.60 -18.13 31.55
N MET D 55 -9.19 -17.68 32.67
CA MET D 55 -9.88 -18.59 33.57
C MET D 55 -10.70 -19.69 32.88
N TYR D 56 -11.39 -19.40 31.77
CA TYR D 56 -12.07 -20.46 31.06
C TYR D 56 -11.04 -21.30 30.35
N ALA D 57 -10.13 -20.62 29.68
CA ALA D 57 -9.03 -21.28 28.98
C ALA D 57 -8.25 -22.20 29.94
N LEU D 58 -7.85 -21.66 31.08
CA LEU D 58 -7.11 -22.47 32.05
C LEU D 58 -7.89 -23.74 32.43
N LYS D 59 -9.15 -23.59 32.80
CA LYS D 59 -9.94 -24.73 33.23
C LYS D 59 -10.22 -25.71 32.09
N SER D 60 -10.06 -25.27 30.84
CA SER D 60 -10.40 -26.09 29.68
C SER D 60 -9.28 -27.04 29.27
N LYS D 61 -8.10 -26.83 29.84
CA LYS D 61 -7.01 -27.78 29.72
C LYS D 61 -6.71 -28.14 28.25
N ASP D 62 -7.05 -27.22 27.38
CA ASP D 62 -6.82 -27.34 25.96
C ASP D 62 -5.73 -26.35 25.59
N PHE D 63 -4.72 -26.84 24.88
CA PHE D 63 -3.51 -26.07 24.54
C PHE D 63 -3.80 -24.74 23.89
N LYS D 64 -4.54 -24.79 22.79
CA LYS D 64 -4.88 -23.60 22.00
C LYS D 64 -5.40 -22.51 22.91
N LYS D 65 -6.67 -22.67 23.30
CA LYS D 65 -7.38 -21.74 24.17
C LYS D 65 -6.45 -21.19 25.25
N MET D 66 -5.62 -22.09 25.77
CA MET D 66 -4.71 -21.77 26.87
C MET D 66 -3.56 -20.87 26.48
N SER D 67 -2.95 -21.12 25.33
CA SER D 67 -1.84 -20.27 24.93
C SER D 67 -2.40 -18.98 24.39
N GLU D 68 -3.29 -19.13 23.42
CA GLU D 68 -3.94 -18.01 22.78
C GLU D 68 -4.24 -17.01 23.87
N ALA D 69 -4.93 -17.51 24.89
CA ALA D 69 -5.24 -16.75 26.08
C ALA D 69 -3.99 -16.36 26.85
N LYS D 70 -3.06 -17.28 27.00
CA LYS D 70 -1.81 -16.94 27.65
C LYS D 70 -1.36 -15.59 27.16
N TYR D 71 -1.51 -15.37 25.85
CA TYR D 71 -0.92 -14.21 25.20
C TYR D 71 -1.77 -12.96 25.32
N GLN D 72 -3.06 -13.09 25.00
CA GLN D 72 -4.02 -12.02 25.25
C GLN D 72 -3.65 -11.28 26.51
N LEU D 73 -3.71 -12.02 27.61
CA LEU D 73 -3.49 -11.49 28.94
C LEU D 73 -2.09 -10.92 29.11
N GLN D 74 -1.12 -11.50 28.42
CA GLN D 74 0.26 -11.02 28.50
C GLN D 74 0.29 -9.59 27.97
N LYS D 75 -0.27 -9.41 26.79
CA LYS D 75 -0.27 -8.13 26.08
C LYS D 75 -0.82 -7.03 26.98
N ILE D 76 -2.08 -7.18 27.38
CA ILE D 76 -2.78 -6.17 28.16
C ILE D 76 -2.03 -5.80 29.45
N TYR D 77 -1.38 -6.78 30.07
CA TYR D 77 -0.54 -6.55 31.22
C TYR D 77 0.56 -5.57 30.85
N ASN D 78 1.07 -5.71 29.63
CA ASN D 78 2.17 -4.88 29.18
C ASN D 78 1.69 -3.50 28.82
N GLU D 79 0.47 -3.45 28.28
CA GLU D 79 -0.16 -2.18 27.93
C GLU D 79 -0.56 -1.39 29.18
N ILE D 80 -0.63 -2.09 30.31
CA ILE D 80 -0.83 -1.44 31.58
C ILE D 80 0.48 -0.81 32.05
N ASP D 81 1.56 -1.57 32.03
CA ASP D 81 2.83 -1.00 32.49
C ASP D 81 3.12 0.27 31.70
N GLU D 82 3.25 0.11 30.38
CA GLU D 82 3.50 1.26 29.50
C GLU D 82 2.64 2.46 29.89
N ALA D 83 1.41 2.16 30.29
CA ALA D 83 0.46 3.19 30.68
C ALA D 83 0.92 3.91 31.92
N LEU D 84 1.15 3.15 32.98
CA LEU D 84 1.46 3.74 34.28
C LEU D 84 2.84 4.39 34.34
N LYS D 85 3.64 4.24 33.30
CA LYS D 85 4.95 4.87 33.29
C LYS D 85 4.89 6.34 32.84
N SER D 86 4.00 6.63 31.89
CA SER D 86 3.80 8.00 31.44
C SER D 86 3.07 8.88 32.50
N LYS D 87 3.08 8.43 33.75
CA LYS D 87 2.31 9.06 34.83
C LYS D 87 3.06 9.06 36.17
N TYR D 88 4.25 8.47 36.17
CA TYR D 88 5.09 8.32 37.37
C TYR D 88 4.76 7.06 38.16
N CYS E 38 -48.84 10.25 12.24
CA CYS E 38 -49.14 9.60 10.97
C CYS E 38 -49.63 10.57 9.91
N ASN E 39 -50.93 10.51 9.64
CA ASN E 39 -51.60 11.45 8.76
C ASN E 39 -51.18 11.38 7.29
N LYS E 40 -49.88 11.27 7.00
CA LYS E 40 -49.48 11.20 5.60
C LYS E 40 -49.71 9.78 5.07
N PHE E 41 -49.60 8.80 5.96
CA PHE E 41 -49.88 7.42 5.63
C PHE E 41 -50.85 6.80 6.63
N ASP E 42 -51.63 5.82 6.19
CA ASP E 42 -52.49 5.02 7.07
C ASP E 42 -51.85 3.65 7.27
N LEU E 43 -52.04 3.04 8.44
CA LEU E 43 -51.43 1.74 8.67
C LEU E 43 -52.23 0.79 9.59
N LYS E 44 -52.84 -0.24 8.99
CA LYS E 44 -53.65 -1.22 9.72
C LYS E 44 -52.98 -2.58 9.64
N VAL E 45 -52.48 -3.05 10.77
CA VAL E 45 -51.68 -4.27 10.81
C VAL E 45 -52.39 -5.40 11.52
N THR E 46 -52.95 -6.32 10.75
CA THR E 46 -53.76 -7.41 11.28
C THR E 46 -52.93 -8.68 11.51
N ILE E 47 -52.69 -9.04 12.76
CA ILE E 47 -51.97 -10.26 13.08
C ILE E 47 -52.90 -11.41 13.54
N LYS E 48 -53.37 -12.21 12.59
CA LYS E 48 -54.36 -13.27 12.86
C LYS E 48 -53.72 -14.65 12.78
N PRO E 49 -54.27 -15.64 13.51
CA PRO E 49 -53.89 -17.05 13.32
C PRO E 49 -54.55 -17.65 12.08
N ALA E 50 -53.88 -18.60 11.45
CA ALA E 50 -54.40 -19.25 10.26
C ALA E 50 -55.22 -20.48 10.63
N PRO E 51 -56.12 -20.88 9.72
CA PRO E 51 -56.98 -22.05 9.95
C PRO E 51 -56.33 -23.33 9.42
N GLU E 52 -56.99 -24.46 9.64
CA GLU E 52 -56.48 -25.74 9.17
C GLU E 52 -56.06 -26.62 10.35
N ALA E 60 -47.55 -27.67 14.37
CA ALA E 60 -47.65 -26.23 14.20
C ALA E 60 -48.35 -25.60 15.38
N LYS E 61 -49.62 -25.22 15.18
CA LYS E 61 -50.47 -24.71 16.26
C LYS E 61 -50.07 -23.30 16.70
N ASN E 62 -49.05 -22.75 16.05
CA ASN E 62 -48.54 -21.42 16.40
C ASN E 62 -48.57 -20.47 15.20
N THR E 63 -48.28 -21.00 14.02
CA THR E 63 -48.18 -20.21 12.79
C THR E 63 -49.40 -19.34 12.45
N MET E 64 -49.16 -18.13 11.95
CA MET E 64 -50.22 -17.15 11.66
C MET E 64 -49.97 -16.28 10.41
N ILE E 65 -50.90 -15.36 10.15
CA ILE E 65 -50.83 -14.48 8.97
C ILE E 65 -50.71 -13.00 9.34
N LEU E 66 -49.68 -12.34 8.83
CA LEU E 66 -49.51 -10.90 9.03
C LEU E 66 -50.04 -10.15 7.82
N GLU E 67 -50.96 -9.21 8.06
CA GLU E 67 -51.54 -8.44 6.97
C GLU E 67 -51.28 -6.95 7.16
N ILE E 68 -50.80 -6.32 6.09
CA ILE E 68 -50.43 -4.91 6.14
C ILE E 68 -51.22 -4.10 5.12
N CYS E 69 -51.90 -3.08 5.63
CA CYS E 69 -52.77 -2.24 4.81
C CYS E 69 -52.37 -0.78 4.92
N THR E 70 -52.10 -0.16 3.78
CA THR E 70 -51.65 1.22 3.76
C THR E 70 -52.38 1.99 2.69
N ARG E 71 -52.61 3.26 2.97
CA ARG E 71 -53.17 4.21 2.01
C ARG E 71 -52.43 5.52 2.18
N TYR E 72 -52.30 6.28 1.10
CA TYR E 72 -51.64 7.57 1.17
C TYR E 72 -52.66 8.69 1.25
N ARG E 73 -52.46 9.59 2.21
CA ARG E 73 -53.35 10.72 2.35
C ARG E 73 -52.84 11.90 1.49
N GLY E 74 -53.33 11.95 0.26
CA GLY E 74 -52.90 12.95 -0.71
C GLY E 74 -53.74 12.85 -1.97
N ASP E 75 -53.40 13.64 -2.99
CA ASP E 75 -54.16 13.68 -4.23
C ASP E 75 -53.72 12.63 -5.25
N GLN E 76 -52.40 12.44 -5.37
CA GLN E 76 -51.84 11.44 -6.27
C GLN E 76 -51.44 10.22 -5.45
N ASP E 77 -51.28 9.06 -6.10
CA ASP E 77 -50.71 7.91 -5.42
C ASP E 77 -49.23 8.18 -5.11
N ALA E 78 -48.79 7.83 -3.92
CA ALA E 78 -47.39 8.05 -3.58
C ALA E 78 -46.48 7.37 -4.60
N THR E 79 -45.22 7.78 -4.68
CA THR E 79 -44.26 7.06 -5.51
C THR E 79 -43.56 6.00 -4.65
N MET E 80 -42.54 5.38 -5.23
CA MET E 80 -41.76 4.39 -4.52
C MET E 80 -41.86 4.56 -3.00
N SER E 81 -42.23 3.49 -2.31
CA SER E 81 -42.36 3.58 -0.86
C SER E 81 -41.87 2.32 -0.15
N ILE E 82 -41.45 2.50 1.09
CA ILE E 82 -40.81 1.47 1.89
C ILE E 82 -41.74 0.88 2.94
N LEU E 83 -41.79 -0.45 3.03
CA LEU E 83 -42.40 -1.13 4.17
C LEU E 83 -41.32 -1.78 5.04
N ASP E 84 -41.04 -1.20 6.20
CA ASP E 84 -39.97 -1.70 7.05
C ASP E 84 -40.53 -2.52 8.22
N ILE E 85 -40.57 -3.84 8.02
CA ILE E 85 -41.22 -4.78 8.92
C ILE E 85 -40.24 -5.43 9.88
N SER E 86 -40.71 -5.87 11.05
CA SER E 86 -39.91 -6.74 11.92
C SER E 86 -40.73 -7.87 12.52
N MET E 87 -40.09 -9.02 12.71
CA MET E 87 -40.78 -10.20 13.21
C MET E 87 -40.91 -10.23 14.72
N MET E 88 -41.92 -10.93 15.21
CA MET E 88 -42.06 -11.10 16.65
C MET E 88 -41.06 -12.14 17.07
N THR E 89 -40.32 -11.87 18.15
CA THR E 89 -39.29 -12.82 18.55
C THR E 89 -39.86 -14.24 18.45
N GLY E 90 -39.30 -15.04 17.57
CA GLY E 90 -39.78 -16.40 17.42
C GLY E 90 -40.37 -16.66 16.05
N PHE E 91 -40.62 -15.61 15.29
CA PHE E 91 -41.17 -15.79 13.96
C PHE E 91 -40.24 -15.35 12.84
N ALA E 92 -40.60 -15.76 11.63
CA ALA E 92 -39.97 -15.29 10.42
C ALA E 92 -40.78 -15.73 9.22
N PRO E 93 -40.91 -14.85 8.24
CA PRO E 93 -41.82 -15.02 7.10
C PRO E 93 -41.74 -16.39 6.43
N ASP E 94 -42.88 -16.88 5.98
CA ASP E 94 -42.89 -18.02 5.08
C ASP E 94 -42.30 -17.59 3.74
N THR E 95 -41.24 -18.27 3.32
CA THR E 95 -40.49 -17.89 2.12
C THR E 95 -41.32 -18.01 0.86
N ASP E 96 -41.83 -19.21 0.62
CA ASP E 96 -42.66 -19.49 -0.54
C ASP E 96 -43.66 -18.35 -0.79
N ASP E 97 -44.06 -17.68 0.30
CA ASP E 97 -44.95 -16.53 0.19
C ASP E 97 -44.19 -15.29 -0.27
N LEU E 98 -43.08 -15.00 0.41
CA LEU E 98 -42.33 -13.79 0.14
C LEU E 98 -41.94 -13.69 -1.32
N LYS E 99 -41.56 -14.81 -1.93
CA LYS E 99 -41.22 -14.79 -3.34
C LYS E 99 -42.44 -14.31 -4.09
N GLN E 100 -43.52 -15.08 -3.97
CA GLN E 100 -44.78 -14.76 -4.62
C GLN E 100 -44.87 -13.25 -4.82
N LEU E 101 -44.88 -12.55 -3.69
CA LEU E 101 -44.94 -11.09 -3.63
C LEU E 101 -43.96 -10.42 -4.58
N ALA E 102 -42.67 -10.71 -4.42
CA ALA E 102 -41.61 -10.04 -5.18
C ALA E 102 -41.73 -10.25 -6.70
N ASN E 103 -42.34 -11.37 -7.07
CA ASN E 103 -42.68 -11.66 -8.46
C ASN E 103 -43.70 -10.65 -8.90
N GLY E 104 -44.54 -10.26 -7.96
CA GLY E 104 -45.58 -9.27 -8.20
C GLY E 104 -45.00 -7.98 -8.74
N VAL E 105 -45.85 -7.25 -9.46
CA VAL E 105 -45.45 -5.92 -9.92
C VAL E 105 -45.98 -4.92 -8.90
N ASP E 106 -45.45 -3.70 -8.92
CA ASP E 106 -45.71 -2.69 -7.88
C ASP E 106 -44.91 -3.04 -6.65
N ARG E 107 -44.47 -4.29 -6.59
CA ARG E 107 -43.69 -4.76 -5.46
C ARG E 107 -42.43 -5.50 -5.88
N TYR E 108 -41.46 -5.49 -4.96
CA TYR E 108 -40.19 -6.14 -5.18
C TYR E 108 -39.49 -6.34 -3.86
N ILE E 109 -38.81 -7.46 -3.70
CA ILE E 109 -37.90 -7.58 -2.59
C ILE E 109 -36.56 -8.00 -3.14
N SER E 110 -35.49 -7.42 -2.58
CA SER E 110 -34.13 -7.59 -3.10
C SER E 110 -33.76 -9.06 -3.06
N LYS E 111 -33.06 -9.52 -4.08
CA LYS E 111 -32.59 -10.88 -3.99
C LYS E 111 -32.05 -10.98 -2.59
N TYR E 112 -31.03 -10.17 -2.31
CA TYR E 112 -30.31 -10.22 -1.03
C TYR E 112 -31.16 -10.72 0.11
N GLU E 113 -32.41 -10.29 0.18
CA GLU E 113 -33.25 -10.66 1.32
C GLU E 113 -33.91 -12.02 1.09
N LEU E 114 -34.26 -12.31 -0.15
CA LEU E 114 -34.81 -13.62 -0.50
C LEU E 114 -33.84 -14.76 -0.18
N ASP E 115 -32.60 -14.66 -0.64
CA ASP E 115 -31.62 -15.74 -0.49
C ASP E 115 -31.47 -16.26 0.94
N LYS E 116 -31.42 -15.37 1.92
CA LYS E 116 -31.27 -15.81 3.33
C LYS E 116 -32.27 -16.89 3.74
N ALA E 117 -31.88 -17.71 4.71
CA ALA E 117 -32.70 -18.83 5.13
C ALA E 117 -33.78 -18.20 5.99
N PHE E 118 -35.05 -18.62 5.85
CA PHE E 118 -36.14 -17.89 6.54
C PHE E 118 -35.77 -17.57 7.98
N SER E 119 -35.14 -18.54 8.64
CA SER E 119 -34.64 -18.36 10.00
C SER E 119 -33.80 -17.11 10.27
N ASP E 120 -33.13 -16.57 9.25
CA ASP E 120 -32.13 -15.52 9.45
C ASP E 120 -32.76 -14.18 9.13
N ARG E 121 -34.08 -14.16 8.99
CA ARG E 121 -34.77 -13.00 8.45
C ARG E 121 -35.73 -12.32 9.41
N ASN E 122 -35.21 -11.74 10.49
CA ASN E 122 -36.07 -11.15 11.50
C ASN E 122 -36.46 -9.68 11.29
N THR E 123 -35.82 -9.02 10.35
CA THR E 123 -36.36 -7.78 9.80
C THR E 123 -36.28 -7.97 8.30
N LEU E 124 -36.86 -7.06 7.56
CA LEU E 124 -37.02 -7.25 6.13
C LEU E 124 -37.78 -6.08 5.55
N ILE E 125 -37.33 -5.57 4.42
CA ILE E 125 -38.02 -4.46 3.78
C ILE E 125 -38.72 -4.91 2.51
N ILE E 126 -39.93 -4.43 2.29
CA ILE E 126 -40.66 -4.69 1.05
C ILE E 126 -40.84 -3.37 0.30
N TYR E 127 -40.15 -3.19 -0.81
CA TYR E 127 -40.28 -1.94 -1.54
C TYR E 127 -41.56 -1.97 -2.39
N LEU E 128 -42.17 -0.79 -2.57
CA LEU E 128 -43.43 -0.63 -3.28
C LEU E 128 -43.25 0.42 -4.37
N ASP E 129 -43.76 0.15 -5.57
CA ASP E 129 -43.69 1.10 -6.67
C ASP E 129 -44.68 2.26 -6.48
N LYS E 130 -45.64 2.06 -5.57
CA LYS E 130 -46.72 3.03 -5.33
C LYS E 130 -47.55 2.63 -4.12
N VAL E 131 -48.31 3.57 -3.56
CA VAL E 131 -49.42 3.26 -2.64
C VAL E 131 -50.58 4.19 -2.89
N SER E 132 -51.75 3.62 -3.14
CA SER E 132 -52.89 4.41 -3.60
C SER E 132 -53.32 5.49 -2.61
N HIS E 133 -53.70 6.65 -3.14
CA HIS E 133 -54.25 7.73 -2.33
C HIS E 133 -55.72 7.45 -2.11
N SER E 134 -56.26 6.57 -2.95
CA SER E 134 -57.69 6.25 -3.01
C SER E 134 -58.10 5.26 -1.94
N GLU E 135 -57.90 3.97 -2.19
CA GLU E 135 -58.21 2.96 -1.18
C GLU E 135 -56.98 2.29 -0.57
N ASP E 136 -57.21 1.39 0.38
CA ASP E 136 -56.14 0.70 1.08
C ASP E 136 -55.46 -0.33 0.18
N ASP E 137 -54.13 -0.31 0.11
CA ASP E 137 -53.38 -1.35 -0.55
C ASP E 137 -52.87 -2.33 0.48
N CYS E 138 -53.28 -3.58 0.35
CA CYS E 138 -53.03 -4.55 1.38
C CYS E 138 -52.33 -5.78 0.84
N LEU E 139 -51.72 -6.52 1.77
CA LEU E 139 -51.09 -7.78 1.44
C LEU E 139 -50.86 -8.50 2.75
N ALA E 140 -50.37 -9.73 2.66
CA ALA E 140 -50.08 -10.53 3.84
C ALA E 140 -49.22 -11.75 3.51
N PHE E 141 -48.57 -12.29 4.53
CA PHE E 141 -47.75 -13.48 4.37
C PHE E 141 -47.73 -14.28 5.66
N LYS E 142 -47.89 -15.60 5.54
CA LYS E 142 -47.91 -16.46 6.71
C LYS E 142 -46.58 -16.32 7.44
N VAL E 143 -46.60 -16.10 8.74
CA VAL E 143 -45.35 -16.24 9.46
C VAL E 143 -45.44 -17.49 10.32
N HIS E 144 -44.28 -18.03 10.70
CA HIS E 144 -44.18 -19.24 11.50
C HIS E 144 -43.23 -19.01 12.67
N GLN E 145 -43.65 -19.39 13.86
CA GLN E 145 -42.75 -19.36 15.01
C GLN E 145 -41.95 -20.64 14.92
N TYR E 146 -40.63 -20.53 14.93
CA TYR E 146 -39.78 -21.70 14.89
C TYR E 146 -39.11 -21.88 16.24
N PHE E 147 -39.31 -20.91 17.11
CA PHE E 147 -38.57 -20.84 18.35
C PHE E 147 -39.48 -20.72 19.56
N ASN E 148 -39.33 -21.57 20.56
CA ASN E 148 -40.23 -21.49 21.72
C ASN E 148 -39.73 -20.53 22.80
N VAL E 149 -40.48 -19.45 23.05
CA VAL E 149 -40.14 -18.51 24.13
C VAL E 149 -41.30 -17.91 24.88
N GLU E 150 -41.02 -17.59 26.13
CA GLU E 150 -41.92 -16.81 26.96
C GLU E 150 -41.58 -15.35 26.75
N LEU E 151 -42.61 -14.50 26.84
CA LEU E 151 -42.44 -13.06 26.68
C LEU E 151 -41.97 -12.70 25.27
N ILE E 152 -42.86 -12.85 24.30
CA ILE E 152 -42.52 -12.56 22.92
C ILE E 152 -42.80 -11.10 22.54
N GLN E 153 -41.75 -10.32 22.40
CA GLN E 153 -41.88 -8.92 22.02
C GLN E 153 -42.67 -8.74 20.73
N PRO E 154 -43.33 -7.60 20.59
CA PRO E 154 -44.14 -7.28 19.42
C PRO E 154 -43.32 -6.88 18.21
N GLY E 155 -43.70 -7.41 17.05
CA GLY E 155 -43.21 -6.92 15.78
C GLY E 155 -43.82 -5.57 15.44
N ALA E 156 -43.30 -4.94 14.38
CA ALA E 156 -43.84 -3.66 13.89
C ALA E 156 -43.57 -3.43 12.42
N VAL E 157 -44.50 -2.70 11.81
CA VAL E 157 -44.39 -2.29 10.43
C VAL E 157 -44.14 -0.79 10.37
N LYS E 158 -43.43 -0.32 9.35
CA LYS E 158 -43.27 1.13 9.14
C LYS E 158 -43.44 1.47 7.67
N VAL E 159 -44.00 2.65 7.37
CA VAL E 159 -44.11 3.09 5.98
C VAL E 159 -43.61 4.51 5.73
N TYR E 160 -43.28 4.78 4.47
CA TYR E 160 -42.93 6.12 4.04
C TYR E 160 -42.58 6.13 2.58
N ALA E 161 -42.56 7.30 1.98
CA ALA E 161 -42.06 7.44 0.63
C ALA E 161 -40.57 7.69 0.69
N TYR E 162 -39.84 7.12 -0.28
CA TYR E 162 -38.39 7.17 -0.26
C TYR E 162 -37.88 8.59 -0.01
N TYR E 163 -38.55 9.58 -0.62
CA TYR E 163 -38.06 10.94 -0.54
C TYR E 163 -37.98 11.46 0.89
N ASN E 164 -39.06 11.32 1.66
CA ASN E 164 -39.10 11.89 3.00
C ASN E 164 -39.45 10.93 4.13
N LEU E 165 -38.49 10.74 5.04
CA LEU E 165 -38.60 9.78 6.13
C LEU E 165 -39.39 10.27 7.34
N GLU E 166 -39.33 11.56 7.65
CA GLU E 166 -40.02 12.06 8.84
C GLU E 166 -41.53 11.95 8.69
N GLU E 167 -42.01 11.90 7.46
CA GLU E 167 -43.42 11.60 7.24
C GLU E 167 -43.64 10.09 7.08
N SER E 168 -43.52 9.39 8.19
CA SER E 168 -43.73 7.96 8.26
C SER E 168 -44.96 7.67 9.11
N CYS E 169 -45.38 6.42 9.12
CA CYS E 169 -46.33 5.93 10.10
C CYS E 169 -45.83 4.57 10.51
N THR E 170 -46.27 4.07 11.66
CA THR E 170 -45.56 3.01 12.31
C THR E 170 -46.49 2.22 13.23
N ARG E 171 -46.97 1.07 12.76
CA ARG E 171 -47.92 0.26 13.52
C ARG E 171 -47.32 -1.03 14.08
N PHE E 172 -47.51 -1.26 15.39
CA PHE E 172 -47.10 -2.52 16.01
C PHE E 172 -48.18 -3.61 15.91
N TYR E 173 -47.77 -4.85 16.17
CA TYR E 173 -48.69 -5.98 16.21
C TYR E 173 -48.21 -7.06 17.19
N HIS E 174 -49.11 -7.90 17.67
CA HIS E 174 -48.79 -8.88 18.72
C HIS E 174 -50.00 -9.77 18.96
N PRO E 175 -49.76 -11.04 19.28
CA PRO E 175 -50.84 -12.02 19.40
C PRO E 175 -51.82 -11.71 20.55
N GLU E 176 -51.30 -11.33 21.71
CA GLU E 176 -52.14 -11.09 22.88
C GLU E 176 -52.37 -9.59 23.12
N LYS E 177 -51.28 -8.84 23.30
CA LYS E 177 -51.39 -7.39 23.46
C LYS E 177 -52.30 -6.83 22.38
N GLU E 178 -53.25 -6.00 22.80
CA GLU E 178 -54.28 -5.52 21.89
C GLU E 178 -53.69 -4.91 20.61
N ASP E 179 -52.90 -3.84 20.78
CA ASP E 179 -52.41 -3.05 19.65
C ASP E 179 -50.94 -3.24 19.34
N GLY E 180 -50.35 -4.30 19.87
CA GLY E 180 -48.90 -4.45 19.84
C GLY E 180 -48.34 -3.45 20.83
N LYS E 181 -49.22 -2.96 21.69
CA LYS E 181 -48.88 -1.93 22.65
C LYS E 181 -48.42 -2.55 23.96
N LEU E 182 -47.27 -2.12 24.45
CA LEU E 182 -46.81 -2.60 25.75
C LEU E 182 -47.79 -2.19 26.83
N ASN E 183 -47.63 -2.74 28.02
CA ASN E 183 -48.54 -2.46 29.12
C ASN E 183 -48.04 -1.35 30.02
N LYS E 184 -48.67 -0.17 29.89
CA LYS E 184 -48.35 0.97 30.74
C LYS E 184 -49.54 1.48 31.53
N LEU E 185 -49.23 2.35 32.50
CA LEU E 185 -50.22 2.85 33.41
C LEU E 185 -50.04 4.34 33.51
N CYS E 186 -50.90 5.09 32.84
CA CYS E 186 -50.72 6.54 32.77
C CYS E 186 -51.93 7.32 33.26
N ARG E 187 -51.71 8.18 34.25
CA ARG E 187 -52.74 9.10 34.68
C ARG E 187 -52.34 10.52 34.28
N ASP E 188 -53.19 11.14 33.48
CA ASP E 188 -52.93 12.48 32.97
C ASP E 188 -51.64 12.49 32.14
N GLU E 189 -50.51 12.90 32.72
CA GLU E 189 -49.28 13.02 31.94
C GLU E 189 -48.18 12.08 32.40
N LEU E 190 -48.36 11.48 33.57
CA LEU E 190 -47.32 10.64 34.15
C LEU E 190 -47.57 9.17 33.86
N CYS E 191 -46.57 8.50 33.29
CA CYS E 191 -46.68 7.06 33.00
C CYS E 191 -45.64 6.25 33.76
N ARG E 192 -45.98 5.01 34.06
CA ARG E 192 -45.01 4.12 34.69
C ARG E 192 -45.28 2.72 34.18
N CYS E 193 -44.23 1.90 34.20
CA CYS E 193 -44.24 0.64 33.46
C CYS E 193 -45.04 -0.45 34.15
N ALA E 194 -45.80 -1.19 33.33
CA ALA E 194 -46.64 -2.25 33.85
C ALA E 194 -46.63 -3.43 32.90
N GLU E 195 -45.42 -3.86 32.53
CA GLU E 195 -45.26 -5.10 31.77
C GLU E 195 -44.80 -6.22 32.68
N GLU E 196 -44.95 -6.01 33.98
CA GLU E 196 -44.58 -7.02 34.95
C GLU E 196 -45.74 -8.00 35.11
N ASN E 197 -45.66 -8.81 36.15
CA ASN E 197 -46.71 -9.79 36.43
C ASN E 197 -47.78 -9.15 37.32
N CYS E 198 -49.00 -9.66 37.30
CA CYS E 198 -49.97 -9.30 38.33
C CYS E 198 -49.49 -9.81 39.69
N PHE E 199 -50.22 -9.48 40.75
CA PHE E 199 -49.86 -9.91 42.10
C PHE E 199 -49.75 -11.42 42.18
N ILE E 200 -48.82 -11.90 43.01
CA ILE E 200 -48.60 -13.33 43.19
C ILE E 200 -47.64 -13.61 44.34
N LYS E 206 -51.23 -23.42 50.14
CA LYS E 206 -49.82 -23.36 50.52
C LYS E 206 -49.51 -22.10 51.32
N VAL E 207 -50.56 -21.50 51.88
CA VAL E 207 -50.41 -20.28 52.67
C VAL E 207 -50.48 -20.58 54.17
N THR E 208 -49.41 -20.25 54.88
CA THR E 208 -49.35 -20.48 56.32
C THR E 208 -48.95 -19.21 57.07
N LEU E 209 -49.46 -19.05 58.29
CA LEU E 209 -49.15 -17.89 59.11
C LEU E 209 -47.66 -17.62 59.00
N GLU E 210 -46.90 -18.69 58.76
CA GLU E 210 -45.45 -18.62 58.62
C GLU E 210 -45.03 -18.01 57.28
N GLU E 211 -45.68 -18.45 56.20
CA GLU E 211 -45.37 -17.93 54.87
C GLU E 211 -45.67 -16.44 54.77
N ARG E 212 -46.38 -15.91 55.76
CA ARG E 212 -46.80 -14.52 55.76
C ARG E 212 -45.96 -13.69 56.71
N LEU E 213 -45.58 -14.28 57.84
CA LEU E 213 -44.61 -13.67 58.75
C LEU E 213 -43.25 -13.63 58.07
N ASP E 214 -43.17 -14.21 56.88
CA ASP E 214 -41.98 -14.10 56.05
C ASP E 214 -42.16 -13.03 54.97
N LYS E 215 -42.80 -13.40 53.86
CA LYS E 215 -42.98 -12.48 52.73
C LYS E 215 -43.44 -11.09 53.15
N ALA E 216 -44.04 -10.98 54.33
CA ALA E 216 -44.61 -9.72 54.78
C ALA E 216 -43.70 -8.93 55.74
N CYS E 217 -42.40 -9.07 55.60
CA CYS E 217 -41.46 -8.29 56.40
C CYS E 217 -40.24 -7.92 55.56
N GLU E 218 -40.30 -8.27 54.28
CA GLU E 218 -39.23 -7.96 53.34
C GLU E 218 -38.95 -6.46 53.35
N PRO E 219 -37.98 -6.01 52.53
CA PRO E 219 -37.69 -4.56 52.49
C PRO E 219 -38.88 -3.76 51.96
N GLY E 220 -39.41 -4.21 50.82
CA GLY E 220 -40.49 -3.51 50.14
C GLY E 220 -41.70 -3.21 51.00
N VAL E 221 -42.19 -4.21 51.73
CA VAL E 221 -43.38 -4.02 52.55
C VAL E 221 -43.26 -2.75 53.38
N ASP E 222 -44.33 -1.96 53.38
CA ASP E 222 -44.33 -0.64 53.98
C ASP E 222 -45.76 -0.27 54.34
N TYR E 223 -46.72 -0.99 53.76
CA TYR E 223 -48.12 -0.88 54.15
C TYR E 223 -48.77 -2.25 54.22
N VAL E 224 -49.36 -2.55 55.38
CA VAL E 224 -50.12 -3.77 55.58
C VAL E 224 -51.51 -3.39 56.07
N TYR E 225 -52.54 -3.71 55.27
CA TYR E 225 -53.89 -3.24 55.53
C TYR E 225 -54.97 -4.33 55.52
N LYS E 226 -56.01 -4.11 56.33
CA LYS E 226 -57.27 -4.85 56.21
C LYS E 226 -58.34 -3.84 55.83
N THR E 227 -58.71 -3.81 54.55
CA THR E 227 -59.57 -2.75 54.03
C THR E 227 -60.81 -3.28 53.33
N ARG E 228 -61.90 -2.50 53.45
CA ARG E 228 -63.16 -2.82 52.82
C ARG E 228 -63.28 -1.99 51.55
N LEU E 229 -63.88 -2.57 50.51
CA LEU E 229 -63.92 -1.96 49.19
C LEU E 229 -65.23 -1.24 48.88
N VAL E 230 -65.14 0.08 48.76
CA VAL E 230 -66.31 0.92 48.53
C VAL E 230 -66.77 0.91 47.08
N LYS E 231 -66.03 1.65 46.25
CA LYS E 231 -66.41 1.89 44.86
C LYS E 231 -65.57 1.06 43.88
N VAL E 232 -66.24 0.34 42.98
CA VAL E 232 -65.54 -0.42 41.93
C VAL E 232 -65.75 0.22 40.55
N GLN E 233 -64.84 1.12 40.18
CA GLN E 233 -64.89 1.77 38.88
C GLN E 233 -64.11 0.98 37.83
N LEU E 234 -64.26 1.36 36.56
CA LEU E 234 -63.51 0.74 35.47
C LEU E 234 -63.41 1.72 34.29
N SER E 235 -62.44 1.47 33.43
CA SER E 235 -62.25 2.25 32.21
C SER E 235 -61.65 1.37 31.13
N ASN E 236 -61.58 1.88 29.91
CA ASN E 236 -61.02 1.10 28.79
C ASN E 236 -59.50 0.99 28.92
N ASP E 237 -58.92 1.94 29.65
CA ASP E 237 -57.47 1.97 29.87
C ASP E 237 -57.06 1.38 31.23
N PHE E 238 -57.44 2.05 32.32
CA PHE E 238 -57.06 1.60 33.66
C PHE E 238 -58.20 1.64 34.67
N ASP E 239 -58.56 0.48 35.22
CA ASP E 239 -59.58 0.41 36.26
C ASP E 239 -58.99 0.72 37.64
N GLU E 240 -59.79 1.35 38.50
CA GLU E 240 -59.34 1.70 39.85
C GLU E 240 -60.19 1.09 40.97
N TYR E 241 -59.88 1.44 42.21
CA TYR E 241 -60.61 0.94 43.37
C TYR E 241 -60.46 1.87 44.56
N ILE E 242 -61.57 2.33 45.09
CA ILE E 242 -61.58 3.20 46.25
C ILE E 242 -61.84 2.39 47.51
N MET E 243 -60.80 1.74 48.03
CA MET E 243 -60.96 0.98 49.26
C MET E 243 -60.63 1.83 50.48
N ALA E 244 -61.53 1.80 51.46
CA ALA E 244 -61.31 2.50 52.72
C ALA E 244 -60.66 1.54 53.71
N ILE E 245 -59.78 2.08 54.56
CA ILE E 245 -58.97 1.26 55.48
C ILE E 245 -59.64 1.01 56.82
N GLU E 246 -59.91 -0.26 57.12
CA GLU E 246 -60.58 -0.62 58.37
C GLU E 246 -59.62 -0.77 59.56
N GLN E 247 -58.35 -1.04 59.29
CA GLN E 247 -57.32 -1.04 60.33
C GLN E 247 -55.90 -0.95 59.78
N THR E 248 -55.16 0.07 60.24
CA THR E 248 -53.78 0.28 59.82
C THR E 248 -52.82 -0.68 60.54
N ILE E 249 -52.65 -1.87 59.96
CA ILE E 249 -51.82 -2.94 60.54
C ILE E 249 -50.35 -2.56 60.66
N LYS E 250 -49.76 -2.10 59.56
CA LYS E 250 -48.44 -1.45 59.62
C LYS E 250 -48.43 -0.18 58.79
N SER E 251 -48.29 0.97 59.47
CA SER E 251 -48.32 2.27 58.81
C SER E 251 -47.11 2.50 57.91
N GLY E 252 -47.29 3.32 56.88
CA GLY E 252 -46.23 3.63 55.96
C GLY E 252 -46.00 5.12 55.78
N SER E 253 -45.26 5.45 54.73
CA SER E 253 -44.95 6.84 54.40
C SER E 253 -46.23 7.59 54.10
N ASP E 254 -47.35 6.88 54.24
CA ASP E 254 -48.68 7.44 54.07
C ASP E 254 -49.29 7.66 55.45
N GLU E 255 -49.52 8.91 55.80
CA GLU E 255 -50.11 9.25 57.10
C GLU E 255 -51.62 9.08 57.07
N VAL E 256 -52.07 7.82 57.10
CA VAL E 256 -53.49 7.54 56.95
C VAL E 256 -54.10 6.97 58.24
N GLN E 257 -55.09 7.69 58.79
CA GLN E 257 -55.83 7.25 59.97
C GLN E 257 -56.89 6.22 59.61
N VAL E 258 -57.20 5.35 60.57
CA VAL E 258 -58.23 4.34 60.37
C VAL E 258 -59.49 4.99 59.78
N GLY E 259 -60.06 4.36 58.77
CA GLY E 259 -61.32 4.82 58.21
C GLY E 259 -61.20 5.58 56.89
N GLN E 260 -60.15 6.39 56.75
CA GLN E 260 -59.97 7.16 55.53
C GLN E 260 -59.99 6.27 54.28
N GLN E 261 -60.26 6.87 53.13
CA GLN E 261 -60.32 6.14 51.87
C GLN E 261 -59.05 6.29 51.02
N ARG E 262 -58.56 5.19 50.49
CA ARG E 262 -57.35 5.20 49.66
C ARG E 262 -57.61 4.55 48.30
N THR E 263 -57.04 5.17 47.26
CA THR E 263 -57.35 4.82 45.87
C THR E 263 -56.29 3.94 45.19
N PHE E 264 -56.63 2.68 44.95
CA PHE E 264 -55.73 1.72 44.30
C PHE E 264 -56.01 1.65 42.80
N ILE E 265 -55.02 1.26 41.99
CA ILE E 265 -55.22 1.10 40.53
C ILE E 265 -54.61 -0.17 39.94
N SER E 266 -55.17 -0.64 38.82
CA SER E 266 -54.67 -1.84 38.12
C SER E 266 -54.88 -1.75 36.62
N PRO E 267 -54.05 -2.46 35.85
CA PRO E 267 -54.23 -2.59 34.39
C PRO E 267 -55.48 -3.38 34.01
N ILE E 268 -56.12 -2.97 32.92
CA ILE E 268 -57.35 -3.58 32.44
C ILE E 268 -57.14 -5.06 32.10
N LYS E 269 -55.89 -5.49 32.14
CA LYS E 269 -55.53 -6.84 31.71
C LYS E 269 -55.49 -7.82 32.88
N CYS E 270 -55.84 -7.34 34.06
CA CYS E 270 -55.77 -8.16 35.27
C CYS E 270 -57.15 -8.50 35.84
N ARG E 271 -58.18 -8.41 35.01
CA ARG E 271 -59.55 -8.66 35.46
C ARG E 271 -59.71 -10.05 36.06
N GLU E 272 -58.89 -10.98 35.60
CA GLU E 272 -59.01 -12.38 36.00
C GLU E 272 -58.29 -12.66 37.31
N ALA E 273 -57.14 -12.01 37.50
CA ALA E 273 -56.31 -12.25 38.68
C ALA E 273 -57.07 -12.05 39.98
N LEU E 274 -57.92 -11.02 40.03
CA LEU E 274 -58.67 -10.74 41.26
C LEU E 274 -60.18 -10.63 41.08
N LYS E 275 -60.91 -11.52 41.74
CA LYS E 275 -62.36 -11.42 41.75
C LYS E 275 -62.82 -10.26 42.60
N LEU E 276 -63.34 -9.24 41.93
CA LEU E 276 -63.71 -8.00 42.57
C LEU E 276 -65.14 -7.99 43.09
N GLU E 277 -65.29 -7.64 44.36
CA GLU E 277 -66.58 -7.58 45.01
C GLU E 277 -66.54 -6.35 45.89
N GLU E 278 -67.68 -5.68 46.01
CA GLU E 278 -67.79 -4.50 46.87
C GLU E 278 -68.20 -4.89 48.28
N LYS E 279 -67.76 -4.11 49.27
CA LYS E 279 -68.01 -4.42 50.67
C LYS E 279 -67.29 -5.71 51.12
N LYS E 280 -66.65 -6.39 50.17
CA LYS E 280 -65.79 -7.52 50.49
C LYS E 280 -64.51 -7.00 51.11
N HIS E 281 -64.21 -7.48 52.31
CA HIS E 281 -63.03 -7.04 53.03
C HIS E 281 -61.77 -7.73 52.49
N TYR E 282 -60.61 -7.11 52.71
CA TYR E 282 -59.39 -7.59 52.07
C TYR E 282 -58.12 -7.43 52.91
N LEU E 283 -57.25 -8.43 52.84
CA LEU E 283 -55.88 -8.32 53.35
C LEU E 283 -54.96 -8.11 52.17
N MET E 284 -54.07 -7.13 52.29
CA MET E 284 -53.15 -6.82 51.22
C MET E 284 -51.95 -6.06 51.75
N TRP E 285 -50.79 -6.26 51.12
CA TRP E 285 -49.65 -5.41 51.42
C TRP E 285 -48.82 -5.25 50.16
N GLY E 286 -47.94 -4.25 50.16
CA GLY E 286 -47.08 -3.96 49.04
C GLY E 286 -45.85 -3.17 49.45
N LEU E 287 -45.39 -2.28 48.58
CA LEU E 287 -44.21 -1.49 48.88
C LEU E 287 -44.55 -0.01 48.83
N SER E 288 -43.60 0.84 49.25
CA SER E 288 -43.79 2.28 49.16
C SER E 288 -43.33 2.82 47.80
N SER E 289 -43.04 1.88 46.89
CA SER E 289 -42.75 2.21 45.50
C SER E 289 -43.99 1.95 44.66
N ASP E 290 -45.08 1.63 45.34
CA ASP E 290 -46.36 1.45 44.69
C ASP E 290 -47.17 2.72 44.87
N PHE E 291 -46.51 3.76 45.36
CA PHE E 291 -47.18 5.03 45.57
C PHE E 291 -47.23 5.85 44.28
N TRP E 292 -48.39 6.45 44.03
CA TRP E 292 -48.64 7.15 42.78
C TRP E 292 -48.86 8.65 43.02
N GLY E 293 -48.07 9.48 42.32
CA GLY E 293 -48.18 10.91 42.50
C GLY E 293 -47.97 11.34 43.94
N GLU E 294 -48.14 12.64 44.19
CA GLU E 294 -47.75 13.24 45.45
C GLU E 294 -48.80 13.13 46.56
N LYS E 295 -48.40 13.54 47.76
CA LYS E 295 -49.26 13.50 48.94
C LYS E 295 -50.02 14.82 49.05
N PRO E 296 -51.15 14.81 49.77
CA PRO E 296 -51.79 13.65 50.42
C PRO E 296 -52.86 13.02 49.54
N ASN E 297 -52.86 13.36 48.25
CA ASN E 297 -53.75 12.72 47.29
C ASN E 297 -53.05 11.49 46.74
N LEU E 298 -52.63 10.61 47.65
CA LEU E 298 -51.83 9.44 47.28
C LEU E 298 -52.67 8.27 46.80
N SER E 299 -52.06 7.42 45.98
CA SER E 299 -52.74 6.28 45.40
C SER E 299 -51.90 5.03 45.59
N TYR E 300 -52.47 3.87 45.30
CA TYR E 300 -51.71 2.64 45.40
C TYR E 300 -51.70 1.91 44.05
N ILE E 301 -50.55 1.33 43.71
CA ILE E 301 -50.41 0.69 42.41
C ILE E 301 -50.50 -0.81 42.57
N ILE E 302 -51.34 -1.42 41.75
CA ILE E 302 -51.52 -2.87 41.78
C ILE E 302 -50.43 -3.57 40.99
N GLY E 303 -49.42 -4.08 41.69
CA GLY E 303 -48.30 -4.73 41.05
C GLY E 303 -48.03 -6.20 41.31
N LYS E 304 -46.77 -6.56 41.09
CA LYS E 304 -46.26 -7.88 41.36
C LYS E 304 -45.88 -7.95 42.83
N ASP E 305 -45.05 -7.01 43.26
CA ASP E 305 -44.56 -6.99 44.64
C ASP E 305 -45.68 -6.83 45.65
N THR E 306 -46.91 -6.66 45.17
CA THR E 306 -48.07 -6.59 46.06
C THR E 306 -48.78 -7.94 46.14
N TRP E 307 -49.49 -8.13 47.25
CA TRP E 307 -50.10 -9.39 47.59
C TRP E 307 -51.59 -9.19 47.81
N VAL E 308 -52.41 -10.04 47.21
CA VAL E 308 -53.85 -9.94 47.43
C VAL E 308 -54.61 -11.22 47.79
N GLU E 309 -55.36 -11.11 48.88
CA GLU E 309 -56.10 -12.20 49.48
C GLU E 309 -57.46 -11.71 49.98
N HIS E 310 -58.51 -12.45 49.65
CA HIS E 310 -59.87 -12.12 50.04
C HIS E 310 -60.14 -12.46 51.50
N TRP E 311 -60.26 -11.44 52.34
CA TRP E 311 -60.55 -11.61 53.75
C TRP E 311 -62.04 -11.92 53.93
N PRO E 312 -62.36 -13.10 54.48
CA PRO E 312 -63.74 -13.57 54.64
C PRO E 312 -64.60 -12.62 55.48
N GLU E 313 -65.85 -13.03 55.71
CA GLU E 313 -66.77 -12.23 56.49
C GLU E 313 -67.00 -12.83 57.88
N GLU E 314 -67.53 -12.02 58.78
CA GLU E 314 -67.84 -12.47 60.14
C GLU E 314 -68.46 -13.86 60.10
N ASP E 315 -69.66 -13.95 59.54
CA ASP E 315 -70.44 -15.18 59.55
C ASP E 315 -70.14 -16.12 58.37
N GLU E 316 -69.10 -15.81 57.59
CA GLU E 316 -68.66 -16.70 56.53
C GLU E 316 -67.59 -17.64 57.06
N CYS E 317 -66.89 -17.19 58.10
CA CYS E 317 -65.83 -17.97 58.72
C CYS E 317 -66.38 -19.12 59.56
N GLN E 318 -67.70 -19.14 59.75
CA GLN E 318 -68.34 -20.22 60.49
C GLN E 318 -68.26 -21.51 59.67
N ASP E 319 -68.03 -21.37 58.36
CA ASP E 319 -67.88 -22.51 57.47
C ASP E 319 -66.71 -23.39 57.90
N GLU E 320 -66.73 -24.66 57.52
CA GLU E 320 -65.70 -25.60 57.97
C GLU E 320 -64.61 -25.86 56.93
N GLU E 321 -64.38 -24.88 56.07
CA GLU E 321 -63.29 -24.95 55.10
C GLU E 321 -62.60 -23.59 55.00
N ASN E 322 -63.26 -22.55 55.51
CA ASN E 322 -62.71 -21.20 55.59
C ASN E 322 -61.86 -21.02 56.84
N GLN E 323 -61.98 -21.97 57.77
CA GLN E 323 -61.33 -21.86 59.08
C GLN E 323 -59.80 -21.84 58.99
N LYS E 324 -59.24 -22.60 58.05
CA LYS E 324 -57.79 -22.66 57.87
C LYS E 324 -57.23 -21.27 57.55
N GLN E 325 -58.12 -20.39 57.11
CA GLN E 325 -57.73 -19.04 56.72
C GLN E 325 -57.99 -18.05 57.86
N CYS E 326 -59.26 -17.92 58.24
CA CYS E 326 -59.69 -16.97 59.25
C CYS E 326 -58.80 -17.01 60.49
N GLN E 327 -58.25 -18.19 60.75
CA GLN E 327 -57.36 -18.37 61.90
C GLN E 327 -55.96 -17.85 61.60
N ASP E 328 -55.35 -18.33 60.51
CA ASP E 328 -54.06 -17.81 60.08
C ASP E 328 -54.09 -16.28 60.10
N LEU E 329 -55.13 -15.70 59.50
CA LEU E 329 -55.31 -14.26 59.48
C LEU E 329 -55.28 -13.69 60.90
N GLY E 330 -56.28 -14.07 61.69
CA GLY E 330 -56.39 -13.60 63.07
C GLY E 330 -55.03 -13.51 63.73
N ALA E 331 -54.36 -14.64 63.84
CA ALA E 331 -53.04 -14.70 64.45
C ALA E 331 -52.13 -13.65 63.85
N PHE E 332 -52.03 -13.65 62.52
CA PHE E 332 -51.19 -12.70 61.80
C PHE E 332 -51.43 -11.28 62.29
N THR E 333 -52.69 -10.95 62.56
CA THR E 333 -53.02 -9.60 63.02
C THR E 333 -52.31 -9.26 64.31
N GLU E 334 -52.45 -10.13 65.30
CA GLU E 334 -51.84 -9.92 66.61
C GLU E 334 -50.32 -9.99 66.52
N SER E 335 -49.85 -10.86 65.63
CA SER E 335 -48.40 -11.12 65.50
C SER E 335 -47.66 -9.99 64.82
N MET E 336 -48.40 -9.05 64.24
CA MET E 336 -47.81 -7.91 63.54
C MET E 336 -48.04 -6.60 64.29
N VAL E 337 -48.97 -6.62 65.24
CA VAL E 337 -49.29 -5.42 66.04
C VAL E 337 -48.53 -5.36 67.37
N VAL E 338 -48.48 -6.48 68.08
CA VAL E 338 -47.83 -6.53 69.39
C VAL E 338 -46.32 -6.74 69.32
N PHE E 339 -45.89 -7.63 68.42
CA PHE E 339 -44.47 -7.93 68.25
C PHE E 339 -43.86 -7.14 67.09
N GLY E 340 -44.26 -7.49 65.87
CA GLY E 340 -43.71 -6.87 64.68
C GLY E 340 -42.89 -7.87 63.90
N CYS E 341 -41.93 -7.37 63.13
CA CYS E 341 -41.09 -8.23 62.31
C CYS E 341 -39.88 -8.75 63.08
N PRO E 342 -39.64 -10.07 62.99
CA PRO E 342 -38.54 -10.75 63.69
C PRO E 342 -37.20 -10.05 63.48
N ASN E 343 -36.95 -9.56 62.27
CA ASN E 343 -35.69 -8.91 61.98
C ASN E 343 -35.66 -7.50 62.58
N SER F 1 22.50 63.43 -20.31
CA SER F 1 21.42 63.98 -19.49
C SER F 1 20.93 62.95 -18.46
N PRO F 2 21.27 63.15 -17.17
CA PRO F 2 20.87 62.21 -16.13
C PRO F 2 19.35 62.10 -16.04
N MET F 3 18.86 60.92 -15.68
CA MET F 3 17.43 60.69 -15.47
C MET F 3 17.14 59.82 -14.26
N TYR F 4 16.21 60.27 -13.43
CA TYR F 4 15.87 59.55 -12.22
C TYR F 4 14.48 58.96 -12.34
N SER F 5 14.36 57.68 -12.00
CA SER F 5 13.08 57.00 -12.10
C SER F 5 12.58 56.46 -10.77
N ILE F 6 11.27 56.59 -10.56
CA ILE F 6 10.62 56.09 -9.37
C ILE F 6 9.58 55.02 -9.72
N ILE F 7 9.69 53.87 -9.06
CA ILE F 7 8.83 52.72 -9.35
C ILE F 7 8.20 52.15 -8.09
N THR F 8 6.86 52.18 -8.03
CA THR F 8 6.16 51.70 -6.86
C THR F 8 5.01 50.77 -7.24
N PRO F 9 4.47 50.07 -6.23
CA PRO F 9 3.22 49.35 -6.40
C PRO F 9 2.06 50.30 -6.74
N ASN F 10 1.19 49.81 -7.62
CA ASN F 10 -0.02 50.53 -8.08
C ASN F 10 -0.94 51.03 -6.98
N ILE F 11 -0.90 50.33 -5.85
CA ILE F 11 -1.78 50.58 -4.73
C ILE F 11 -1.06 50.20 -3.46
N LEU F 12 -0.88 51.16 -2.57
CA LEU F 12 -0.13 50.89 -1.36
C LEU F 12 -1.04 50.31 -0.28
N ARG F 13 -0.49 50.05 0.89
CA ARG F 13 -1.26 49.45 1.97
C ARG F 13 -0.84 49.98 3.32
N LEU F 14 -1.79 50.04 4.23
CA LEU F 14 -1.54 50.57 5.56
C LEU F 14 -0.84 49.55 6.44
N GLU F 15 -0.02 50.03 7.36
CA GLU F 15 0.55 49.20 8.41
C GLU F 15 1.35 48.01 7.89
N SER F 16 1.85 48.13 6.67
CA SER F 16 2.68 47.07 6.11
C SER F 16 3.83 47.70 5.37
N GLU F 17 4.92 46.95 5.25
CA GLU F 17 6.10 47.42 4.53
C GLU F 17 5.86 47.40 3.04
N GLU F 18 6.24 48.49 2.39
CA GLU F 18 6.23 48.53 0.94
C GLU F 18 7.63 48.89 0.48
N THR F 19 7.86 48.80 -0.82
CA THR F 19 9.19 49.04 -1.35
C THR F 19 9.10 49.80 -2.67
N MET F 20 10.04 50.71 -2.91
CA MET F 20 10.05 51.34 -4.20
C MET F 20 11.46 51.52 -4.69
N VAL F 21 11.63 51.41 -5.99
CA VAL F 21 12.93 51.34 -6.63
C VAL F 21 13.41 52.70 -7.09
N LEU F 22 14.58 53.06 -6.56
CA LEU F 22 15.24 54.29 -6.90
C LEU F 22 16.30 53.96 -7.93
N GLU F 23 16.36 54.77 -8.99
CA GLU F 23 17.38 54.58 -10.02
C GLU F 23 17.97 55.90 -10.53
N ALA F 24 19.27 55.89 -10.78
CA ALA F 24 19.95 57.02 -11.40
C ALA F 24 20.52 56.59 -12.75
N HIS F 25 19.90 57.05 -13.82
CA HIS F 25 20.31 56.66 -15.15
C HIS F 25 21.26 57.70 -15.77
N ASP F 26 22.50 57.26 -16.04
CA ASP F 26 23.46 58.09 -16.77
C ASP F 26 24.09 59.20 -15.94
N ALA F 27 24.08 59.06 -14.62
CA ALA F 27 24.66 60.09 -13.77
C ALA F 27 25.98 59.64 -13.17
N GLN F 28 26.74 60.60 -12.65
CA GLN F 28 28.09 60.35 -12.16
C GLN F 28 28.23 60.49 -10.65
N GLY F 29 29.11 59.70 -10.07
CA GLY F 29 29.40 59.76 -8.65
C GLY F 29 28.19 59.48 -7.78
N ASP F 30 28.41 59.48 -6.46
CA ASP F 30 27.34 59.18 -5.51
C ASP F 30 26.22 60.22 -5.58
N VAL F 31 24.98 59.74 -5.50
CA VAL F 31 23.80 60.61 -5.48
C VAL F 31 22.93 60.28 -4.27
N PRO F 32 22.83 61.23 -3.32
CA PRO F 32 22.05 61.02 -2.11
C PRO F 32 20.59 61.33 -2.38
N VAL F 33 19.71 60.50 -1.85
CA VAL F 33 18.27 60.63 -2.09
C VAL F 33 17.46 60.55 -0.80
N THR F 34 16.47 61.44 -0.70
CA THR F 34 15.55 61.49 0.44
C THR F 34 14.15 61.23 -0.07
N VAL F 35 13.40 60.40 0.63
CA VAL F 35 12.03 60.09 0.20
C VAL F 35 10.98 60.34 1.27
N THR F 36 9.88 60.96 0.84
CA THR F 36 8.85 61.42 1.75
C THR F 36 7.44 61.22 1.20
N VAL F 37 6.55 60.77 2.07
CA VAL F 37 5.15 60.60 1.72
C VAL F 37 4.34 61.63 2.47
N HIS F 38 3.36 62.22 1.79
CA HIS F 38 2.45 63.15 2.44
C HIS F 38 1.00 62.75 2.14
N ASP F 39 0.09 63.03 3.07
CA ASP F 39 -1.32 62.81 2.82
C ASP F 39 -1.69 63.65 1.61
N PHE F 40 -2.81 63.34 0.97
CA PHE F 40 -3.22 64.08 -0.21
C PHE F 40 -4.67 64.55 -0.10
N PRO F 41 -4.90 65.83 -0.45
CA PRO F 41 -3.82 66.76 -0.75
C PRO F 41 -3.40 67.54 0.51
N GLY F 42 -2.30 68.29 0.41
CA GLY F 42 -1.81 69.10 1.51
C GLY F 42 -0.43 68.69 2.01
N LYS F 43 -0.30 68.61 3.34
CA LYS F 43 0.95 68.17 3.97
C LYS F 43 0.69 67.60 5.36
N LYS F 44 1.07 66.33 5.56
CA LYS F 44 1.03 65.70 6.88
C LYS F 44 2.39 65.03 7.17
N LEU F 45 3.22 64.91 6.14
CA LEU F 45 4.57 64.32 6.23
C LEU F 45 4.56 62.92 6.87
N VAL F 46 3.67 62.06 6.37
CA VAL F 46 3.41 60.76 7.00
C VAL F 46 4.63 59.84 7.07
N LEU F 47 5.63 60.09 6.22
CA LEU F 47 6.83 59.27 6.24
C LEU F 47 7.98 59.89 5.45
N SER F 48 8.98 60.33 6.18
CA SER F 48 10.10 61.05 5.60
C SER F 48 11.42 60.43 6.03
N SER F 49 11.36 59.67 7.12
CA SER F 49 12.56 59.21 7.82
C SER F 49 13.65 58.68 6.91
N GLU F 50 13.25 58.07 5.79
CA GLU F 50 14.16 57.28 4.98
C GLU F 50 15.09 58.07 4.06
N LYS F 51 16.37 57.71 4.10
CA LYS F 51 17.41 58.29 3.24
C LYS F 51 18.32 57.23 2.66
N THR F 52 18.85 57.49 1.47
CA THR F 52 19.73 56.53 0.80
C THR F 52 20.54 57.18 -0.30
N VAL F 53 21.62 56.51 -0.72
CA VAL F 53 22.53 57.03 -1.73
C VAL F 53 22.75 55.98 -2.82
N LEU F 54 22.74 56.39 -4.08
CA LEU F 54 22.95 55.46 -5.19
C LEU F 54 24.39 55.43 -5.64
N THR F 55 25.17 54.52 -5.06
CA THR F 55 26.60 54.43 -5.35
C THR F 55 26.85 53.85 -6.74
N PRO F 56 27.91 54.34 -7.42
CA PRO F 56 28.38 53.75 -8.67
C PRO F 56 28.75 52.29 -8.46
N ALA F 57 28.91 51.90 -7.20
CA ALA F 57 29.13 50.50 -6.87
C ALA F 57 27.94 49.68 -7.32
N THR F 58 26.77 50.04 -6.80
CA THR F 58 25.53 49.31 -7.05
C THR F 58 24.76 49.88 -8.26
N ASN F 59 25.50 50.23 -9.31
CA ASN F 59 24.89 50.71 -10.54
C ASN F 59 23.69 51.66 -10.35
N HIS F 60 23.74 52.45 -9.29
CA HIS F 60 22.72 53.47 -9.05
C HIS F 60 21.31 52.88 -8.88
N MET F 61 21.18 51.78 -8.13
CA MET F 61 19.87 51.21 -7.88
C MET F 61 19.48 51.18 -6.41
N GLY F 62 18.33 51.78 -6.11
CA GLY F 62 17.95 52.07 -4.74
C GLY F 62 16.90 51.19 -4.09
N ASN F 63 16.98 51.09 -2.76
CA ASN F 63 15.98 50.38 -1.96
C ASN F 63 15.16 51.28 -1.06
N VAL F 64 13.85 51.18 -1.23
CA VAL F 64 12.90 51.93 -0.43
C VAL F 64 12.10 50.98 0.48
N THR F 65 12.22 51.17 1.79
CA THR F 65 11.42 50.43 2.76
C THR F 65 10.71 51.40 3.67
N PHE F 66 9.38 51.33 3.67
CA PHE F 66 8.61 52.27 4.46
C PHE F 66 7.28 51.66 4.94
N THR F 67 6.74 52.22 6.03
CA THR F 67 5.48 51.75 6.60
C THR F 67 4.58 52.94 6.92
N ILE F 68 3.53 53.10 6.13
CA ILE F 68 2.53 54.14 6.34
C ILE F 68 1.60 53.82 7.49
N PRO F 69 1.59 54.65 8.54
CA PRO F 69 0.73 54.48 9.72
C PRO F 69 -0.75 54.65 9.37
N ALA F 70 -1.62 54.54 10.37
CA ALA F 70 -3.06 54.70 10.12
C ALA F 70 -3.68 55.79 10.99
N ASN F 71 -3.27 57.04 10.78
CA ASN F 71 -3.74 58.16 11.59
C ASN F 71 -5.20 58.48 11.33
N ARG F 72 -5.79 59.28 12.22
CA ARG F 72 -7.12 59.83 11.98
C ARG F 72 -7.14 60.58 10.65
N GLU F 73 -7.67 59.91 9.63
CA GLU F 73 -7.85 60.44 8.27
C GLU F 73 -8.11 61.95 8.22
N LYS F 78 -16.64 58.79 3.77
CA LYS F 78 -15.75 58.04 2.89
C LYS F 78 -16.46 57.71 1.58
N GLY F 79 -16.24 56.50 1.07
CA GLY F 79 -16.80 56.10 -0.22
C GLY F 79 -16.00 56.65 -1.38
N ARG F 80 -15.07 57.56 -1.08
CA ARG F 80 -14.18 58.16 -2.08
C ARG F 80 -12.72 57.84 -1.80
N ASN F 81 -12.07 57.14 -2.74
CA ASN F 81 -10.70 56.70 -2.55
C ASN F 81 -9.77 57.77 -1.94
N LYS F 82 -9.02 57.40 -0.90
CA LYS F 82 -7.98 58.24 -0.32
C LYS F 82 -6.67 57.98 -1.04
N PHE F 83 -5.86 59.01 -1.22
CA PHE F 83 -4.59 58.89 -1.96
C PHE F 83 -3.39 59.37 -1.16
N VAL F 84 -2.20 59.23 -1.76
CA VAL F 84 -0.97 59.85 -1.23
C VAL F 84 -0.01 60.29 -2.33
N THR F 85 0.80 61.29 -2.01
CA THR F 85 1.79 61.82 -2.92
C THR F 85 3.18 61.45 -2.42
N VAL F 86 3.86 60.59 -3.16
CA VAL F 86 5.21 60.18 -2.81
C VAL F 86 6.16 61.19 -3.41
N GLN F 87 7.27 61.45 -2.73
CA GLN F 87 8.22 62.49 -3.16
C GLN F 87 9.66 62.05 -2.95
N ALA F 88 10.36 61.77 -4.04
CA ALA F 88 11.75 61.31 -3.98
C ALA F 88 12.67 62.36 -4.55
N THR F 89 13.62 62.82 -3.72
CA THR F 89 14.51 63.91 -4.10
C THR F 89 15.95 63.42 -4.23
N PHE F 90 16.39 63.26 -5.48
CA PHE F 90 17.79 62.93 -5.76
C PHE F 90 18.62 64.21 -5.79
N GLY F 91 19.58 64.33 -4.89
CA GLY F 91 20.35 65.56 -4.76
C GLY F 91 19.40 66.73 -4.53
N THR F 92 19.23 67.58 -5.54
CA THR F 92 18.27 68.68 -5.45
C THR F 92 17.02 68.38 -6.27
N GLN F 93 17.21 67.65 -7.37
CA GLN F 93 16.11 67.28 -8.24
C GLN F 93 15.00 66.56 -7.47
N VAL F 94 13.74 66.83 -7.83
CA VAL F 94 12.61 66.32 -7.05
C VAL F 94 11.47 65.72 -7.88
N VAL F 95 11.40 64.38 -7.88
CA VAL F 95 10.35 63.66 -8.60
C VAL F 95 9.30 63.11 -7.65
N GLU F 96 8.06 63.04 -8.12
CA GLU F 96 6.95 62.62 -7.26
C GLU F 96 5.75 62.06 -8.06
N LYS F 97 4.95 61.22 -7.41
CA LYS F 97 3.76 60.62 -8.04
C LYS F 97 2.59 60.44 -7.07
N VAL F 98 1.37 60.44 -7.62
CA VAL F 98 0.15 60.40 -6.83
C VAL F 98 -0.59 59.07 -6.98
N VAL F 99 -0.39 58.18 -6.01
CA VAL F 99 -0.91 56.81 -6.08
C VAL F 99 -2.14 56.57 -5.21
N LEU F 100 -2.79 55.44 -5.45
CA LEU F 100 -3.94 54.99 -4.66
C LEU F 100 -3.55 54.12 -3.45
N VAL F 101 -4.24 54.30 -2.32
CA VAL F 101 -4.02 53.46 -1.15
C VAL F 101 -5.30 52.77 -0.70
N SER F 102 -5.16 51.63 -0.04
CA SER F 102 -6.30 50.87 0.44
C SER F 102 -6.27 50.65 1.96
N LEU F 103 -7.45 50.65 2.57
CA LEU F 103 -7.59 50.38 4.00
C LEU F 103 -7.49 48.89 4.26
N GLN F 104 -7.65 48.10 3.21
CA GLN F 104 -7.49 46.66 3.31
C GLN F 104 -6.22 46.31 4.06
N SER F 105 -6.40 45.80 5.27
CA SER F 105 -5.28 45.40 6.10
C SER F 105 -4.63 44.14 5.52
N GLY F 106 -5.39 43.04 5.49
CA GLY F 106 -4.89 41.80 4.96
C GLY F 106 -5.99 40.79 4.76
N TYR F 107 -5.80 39.59 5.32
CA TYR F 107 -6.78 38.53 5.22
C TYR F 107 -7.24 38.04 6.57
N LEU F 108 -8.34 37.28 6.55
CA LEU F 108 -8.87 36.59 7.71
C LEU F 108 -9.45 35.25 7.27
N PHE F 109 -9.11 34.19 7.98
CA PHE F 109 -9.73 32.89 7.70
C PHE F 109 -10.33 32.34 8.99
N ILE F 110 -11.48 31.69 8.84
CA ILE F 110 -12.18 31.15 9.98
C ILE F 110 -12.32 29.65 9.81
N GLN F 111 -12.23 28.94 10.93
CA GLN F 111 -12.28 27.49 10.90
C GLN F 111 -13.29 27.08 11.94
N THR F 112 -14.16 26.15 11.58
CA THR F 112 -15.13 25.63 12.52
C THR F 112 -14.83 24.14 12.67
N ASP F 113 -15.03 23.59 13.86
CA ASP F 113 -14.62 22.19 14.07
C ASP F 113 -15.40 21.29 13.13
N LYS F 114 -16.71 21.48 13.07
CA LYS F 114 -17.53 20.76 12.13
C LYS F 114 -18.14 21.69 11.07
N THR F 115 -18.83 21.11 10.09
CA THR F 115 -19.47 21.88 9.03
C THR F 115 -20.90 22.10 9.36
N ILE F 116 -21.33 21.49 10.45
CA ILE F 116 -22.73 21.35 10.77
C ILE F 116 -22.85 20.96 12.22
N TYR F 117 -23.75 21.62 12.95
CA TYR F 117 -23.96 21.40 14.38
C TYR F 117 -25.45 21.17 14.65
N THR F 118 -25.76 20.56 15.79
CA THR F 118 -27.15 20.42 16.21
C THR F 118 -27.41 21.42 17.31
N PRO F 119 -28.68 21.84 17.43
CA PRO F 119 -29.06 22.75 18.51
C PRO F 119 -28.54 22.29 19.85
N GLY F 120 -27.74 23.11 20.48
CA GLY F 120 -27.26 22.75 21.78
C GLY F 120 -25.88 22.17 21.75
N SER F 121 -25.29 22.08 20.57
CA SER F 121 -23.91 21.63 20.44
C SER F 121 -23.04 22.86 20.14
N THR F 122 -22.02 23.06 20.96
CA THR F 122 -21.13 24.22 20.84
C THR F 122 -20.30 24.21 19.56
N VAL F 123 -20.07 25.39 19.00
CA VAL F 123 -19.27 25.51 17.80
C VAL F 123 -17.93 26.15 18.10
N LEU F 124 -16.88 25.38 17.90
CA LEU F 124 -15.50 25.86 18.07
C LEU F 124 -15.02 26.59 16.80
N TYR F 125 -14.35 27.71 16.95
CA TYR F 125 -13.82 28.39 15.77
C TYR F 125 -12.56 29.17 16.02
N ARG F 126 -11.71 29.15 15.01
CA ARG F 126 -10.46 29.87 15.02
C ARG F 126 -10.47 30.96 13.94
N ILE F 127 -9.93 32.11 14.28
CA ILE F 127 -9.75 33.16 13.29
C ILE F 127 -8.24 33.27 13.06
N PHE F 128 -7.79 32.89 11.88
CA PHE F 128 -6.40 33.07 11.58
C PHE F 128 -6.28 34.49 11.03
N THR F 129 -5.34 35.28 11.55
CA THR F 129 -5.19 36.69 11.16
C THR F 129 -3.84 37.02 10.52
N VAL F 130 -3.83 37.51 9.28
CA VAL F 130 -2.57 37.76 8.58
C VAL F 130 -2.56 38.96 7.60
N ASN F 131 -1.35 39.47 7.34
CA ASN F 131 -1.12 40.53 6.36
C ASN F 131 -1.12 40.01 4.94
N HIS F 132 -0.84 40.89 3.97
CA HIS F 132 -0.96 40.51 2.57
C HIS F 132 0.09 39.50 2.13
N LYS F 133 1.06 39.25 3.01
CA LYS F 133 2.11 38.28 2.75
C LYS F 133 1.76 36.97 3.42
N LEU F 134 0.54 36.89 3.93
CA LEU F 134 0.09 35.67 4.59
C LEU F 134 0.94 35.38 5.81
N LEU F 135 1.62 36.40 6.32
CA LEU F 135 2.37 36.26 7.55
C LEU F 135 1.47 36.62 8.73
N PRO F 136 1.67 35.97 9.88
CA PRO F 136 0.80 36.26 11.01
C PRO F 136 1.09 37.64 11.51
N VAL F 137 0.07 38.48 11.50
CA VAL F 137 0.17 39.78 12.12
C VAL F 137 -0.81 39.87 13.30
N GLY F 138 -0.68 40.95 14.07
CA GLY F 138 -1.51 41.13 15.25
C GLY F 138 -2.23 42.45 15.22
N ARG F 139 -3.52 42.41 14.96
CA ARG F 139 -4.38 43.60 14.99
C ARG F 139 -5.54 43.31 15.95
N THR F 140 -6.57 44.14 15.89
CA THR F 140 -7.79 43.88 16.63
C THR F 140 -8.88 43.46 15.64
N VAL F 141 -9.67 42.45 16.00
CA VAL F 141 -10.68 41.92 15.09
C VAL F 141 -12.07 41.91 15.74
N MET F 142 -13.10 42.16 14.95
CA MET F 142 -14.45 42.06 15.47
C MET F 142 -15.07 40.82 14.87
N VAL F 143 -15.89 40.12 15.63
CA VAL F 143 -16.44 38.87 15.12
C VAL F 143 -17.93 38.72 15.44
N ASN F 144 -18.75 38.64 14.41
CA ASN F 144 -20.18 38.50 14.58
C ASN F 144 -20.64 37.08 14.35
N ILE F 145 -21.72 36.67 14.98
CA ILE F 145 -22.33 35.39 14.64
C ILE F 145 -23.78 35.63 14.20
N GLU F 146 -23.99 35.76 12.90
CA GLU F 146 -25.31 36.06 12.36
C GLU F 146 -26.14 34.82 12.32
N ASN F 147 -27.42 34.92 12.67
CA ASN F 147 -28.34 33.81 12.46
C ASN F 147 -28.82 33.82 11.00
N PRO F 148 -29.63 32.83 10.60
CA PRO F 148 -29.85 32.62 9.17
C PRO F 148 -30.73 33.68 8.54
N GLU F 149 -31.22 34.63 9.34
CA GLU F 149 -31.97 35.75 8.79
C GLU F 149 -31.11 36.99 8.92
N GLY F 150 -29.81 36.77 9.10
CA GLY F 150 -28.83 37.84 9.03
C GLY F 150 -28.59 38.64 10.29
N ILE F 151 -29.26 38.30 11.38
CA ILE F 151 -29.19 39.16 12.56
C ILE F 151 -28.14 38.75 13.57
N PRO F 152 -27.08 39.54 13.70
CA PRO F 152 -26.03 39.28 14.69
C PRO F 152 -26.60 38.83 16.02
N VAL F 153 -26.30 37.61 16.44
CA VAL F 153 -26.76 37.13 17.75
C VAL F 153 -25.63 37.13 18.76
N LYS F 154 -24.44 37.51 18.30
CA LYS F 154 -23.31 37.66 19.21
C LYS F 154 -22.09 38.21 18.50
N GLN F 155 -21.40 39.12 19.18
CA GLN F 155 -20.14 39.68 18.73
C GLN F 155 -19.17 39.79 19.88
N ASP F 156 -17.88 39.66 19.58
CA ASP F 156 -16.81 39.97 20.52
C ASP F 156 -15.80 40.84 19.79
N SER F 157 -14.90 41.43 20.56
CA SER F 157 -13.79 42.17 20.00
C SER F 157 -12.48 41.68 20.61
N LEU F 158 -11.60 41.15 19.77
CA LEU F 158 -10.39 40.50 20.22
C LEU F 158 -9.10 41.00 19.52
N SER F 159 -7.98 40.99 20.25
CA SER F 159 -6.71 41.38 19.66
C SER F 159 -5.88 40.14 19.44
N SER F 160 -5.09 40.13 18.36
CA SER F 160 -4.27 38.98 18.02
C SER F 160 -2.82 39.25 18.40
N GLN F 161 -2.61 40.23 19.27
CA GLN F 161 -1.27 40.59 19.69
C GLN F 161 -0.66 39.53 20.59
N ASN F 162 0.52 39.06 20.20
CA ASN F 162 1.25 37.98 20.87
C ASN F 162 0.49 36.67 20.91
N GLN F 163 -0.36 36.45 19.92
CA GLN F 163 -1.12 35.20 19.85
C GLN F 163 -0.75 34.43 18.58
N LEU F 164 0.33 34.87 17.94
CA LEU F 164 0.89 34.16 16.82
C LEU F 164 -0.18 33.96 15.75
N GLY F 165 -1.13 34.88 15.71
CA GLY F 165 -2.10 34.96 14.62
C GLY F 165 -3.25 34.00 14.74
N VAL F 166 -3.46 33.44 15.92
CA VAL F 166 -4.49 32.45 16.08
C VAL F 166 -5.42 32.74 17.27
N LEU F 167 -6.67 33.05 16.95
CA LEU F 167 -7.67 33.37 17.96
C LEU F 167 -8.65 32.21 18.16
N PRO F 168 -8.46 31.41 19.21
CA PRO F 168 -9.45 30.40 19.57
C PRO F 168 -10.72 31.07 19.99
N LEU F 169 -11.84 30.35 19.85
CA LEU F 169 -13.15 30.90 20.18
C LEU F 169 -14.21 29.82 20.19
N SER F 170 -15.34 30.13 20.85
CA SER F 170 -16.47 29.22 20.82
C SER F 170 -17.79 29.99 20.90
N TRP F 171 -18.88 29.27 20.73
CA TRP F 171 -20.23 29.81 20.84
C TRP F 171 -21.14 28.65 21.10
N ASP F 172 -21.91 28.73 22.18
CA ASP F 172 -22.86 27.69 22.58
C ASP F 172 -24.20 27.89 21.88
N ILE F 173 -24.50 27.02 20.91
CA ILE F 173 -25.76 27.08 20.19
C ILE F 173 -26.91 26.82 21.16
N PRO F 174 -27.84 27.78 21.24
CA PRO F 174 -29.00 27.71 22.15
C PRO F 174 -29.83 26.49 21.83
N GLU F 175 -30.68 26.05 22.75
CA GLU F 175 -31.45 24.84 22.54
C GLU F 175 -32.52 24.98 21.44
N LEU F 176 -33.32 26.04 21.51
CA LEU F 176 -34.25 26.30 20.43
C LEU F 176 -33.62 27.41 19.63
N VAL F 177 -33.61 27.24 18.32
CA VAL F 177 -33.09 28.28 17.43
C VAL F 177 -33.36 27.86 16.00
N ASN F 178 -33.40 28.83 15.10
CA ASN F 178 -33.68 28.53 13.71
C ASN F 178 -32.62 27.57 13.17
N MET F 179 -33.07 26.48 12.56
CA MET F 179 -32.19 25.68 11.72
C MET F 179 -31.91 26.54 10.50
N GLY F 180 -30.91 26.17 9.70
CA GLY F 180 -30.59 27.00 8.54
C GLY F 180 -29.12 27.33 8.49
N GLN F 181 -28.72 28.15 7.52
CA GLN F 181 -27.29 28.40 7.31
C GLN F 181 -26.79 29.59 8.09
N TRP F 182 -26.14 29.33 9.21
CA TRP F 182 -25.57 30.42 9.97
C TRP F 182 -24.24 30.91 9.40
N LYS F 183 -23.80 32.06 9.86
CA LYS F 183 -22.63 32.69 9.30
C LYS F 183 -21.80 33.28 10.43
N ILE F 184 -20.48 33.23 10.26
CA ILE F 184 -19.55 33.88 11.17
C ILE F 184 -18.82 34.94 10.39
N ARG F 185 -18.95 36.21 10.78
CA ARG F 185 -18.29 37.29 10.06
C ARG F 185 -17.29 38.02 10.92
N ALA F 186 -16.16 38.37 10.30
CA ALA F 186 -15.09 39.09 11.00
C ALA F 186 -14.31 40.02 10.08
N TYR F 187 -13.98 41.20 10.61
CA TYR F 187 -13.22 42.22 9.90
C TYR F 187 -12.16 42.81 10.80
N TYR F 188 -11.14 43.43 10.21
CA TYR F 188 -10.13 44.14 10.99
C TYR F 188 -10.71 45.45 11.49
N GLU F 189 -10.48 45.77 12.76
CA GLU F 189 -11.11 46.96 13.33
C GLU F 189 -10.71 48.19 12.54
N ASN F 190 -9.64 48.08 11.76
CA ASN F 190 -9.21 49.18 10.92
C ASN F 190 -10.12 49.38 9.71
N SER F 191 -10.58 48.27 9.14
CA SER F 191 -11.31 48.32 7.88
C SER F 191 -12.55 47.44 7.90
N PRO F 192 -13.68 48.02 8.29
CA PRO F 192 -14.96 47.31 8.40
C PRO F 192 -15.46 46.76 7.07
N GLN F 193 -15.23 47.49 5.98
CA GLN F 193 -15.76 47.11 4.68
C GLN F 193 -15.26 45.75 4.20
N GLN F 194 -13.99 45.44 4.41
CA GLN F 194 -13.48 44.15 3.98
C GLN F 194 -13.85 43.20 5.10
N VAL F 195 -15.00 42.55 4.94
CA VAL F 195 -15.54 41.59 5.89
C VAL F 195 -15.16 40.17 5.45
N PHE F 196 -15.09 39.24 6.39
CA PHE F 196 -14.80 37.86 6.07
C PHE F 196 -15.85 36.95 6.69
N SER F 197 -16.21 35.90 5.97
CA SER F 197 -17.33 35.07 6.37
C SER F 197 -17.04 33.60 6.11
N THR F 198 -17.45 32.76 7.06
CA THR F 198 -17.59 31.33 6.83
C THR F 198 -18.93 30.92 7.37
N GLU F 199 -19.53 29.89 6.80
CA GLU F 199 -20.84 29.42 7.25
C GLU F 199 -20.76 28.15 8.08
N PHE F 200 -21.90 27.82 8.69
CA PHE F 200 -22.12 26.49 9.26
C PHE F 200 -23.60 26.23 9.41
N GLU F 201 -24.03 25.02 9.06
CA GLU F 201 -25.45 24.65 9.11
C GLU F 201 -25.85 24.22 10.51
N VAL F 202 -27.05 24.60 10.93
CA VAL F 202 -27.59 24.09 12.17
C VAL F 202 -28.85 23.31 11.85
N LYS F 203 -28.85 22.03 12.22
CA LYS F 203 -29.89 21.09 11.82
C LYS F 203 -30.07 20.08 12.93
N GLU F 204 -31.06 19.23 12.79
CA GLU F 204 -31.24 18.10 13.70
C GLU F 204 -30.92 16.83 12.92
N TYR F 205 -29.96 16.06 13.43
CA TYR F 205 -29.47 14.92 12.69
C TYR F 205 -28.85 13.93 13.67
N VAL F 206 -28.90 12.65 13.30
CA VAL F 206 -27.98 11.68 13.86
C VAL F 206 -26.93 11.46 12.77
N LEU F 207 -25.72 11.06 13.14
CA LEU F 207 -24.74 10.82 12.11
C LEU F 207 -25.07 9.56 11.37
N PRO F 208 -24.77 9.55 10.08
CA PRO F 208 -24.97 8.39 9.21
C PRO F 208 -23.77 7.46 9.36
N SER F 209 -23.94 6.16 9.11
CA SER F 209 -22.83 5.23 9.25
C SER F 209 -22.18 4.82 7.92
N PHE F 210 -22.58 5.47 6.83
CA PHE F 210 -21.82 5.34 5.60
C PHE F 210 -21.89 6.60 4.74
N GLU F 211 -21.05 6.64 3.70
CA GLU F 211 -21.11 7.74 2.73
C GLU F 211 -21.63 7.24 1.38
N VAL F 212 -22.33 8.10 0.66
CA VAL F 212 -22.81 7.73 -0.66
C VAL F 212 -22.29 8.70 -1.70
N ILE F 213 -21.87 8.15 -2.84
CA ILE F 213 -21.17 8.93 -3.86
C ILE F 213 -21.69 8.62 -5.24
N VAL F 214 -22.14 9.66 -5.95
CA VAL F 214 -22.75 9.48 -7.27
C VAL F 214 -21.79 9.91 -8.33
N GLU F 215 -21.74 9.19 -9.44
CA GLU F 215 -20.77 9.55 -10.46
C GLU F 215 -21.06 9.17 -11.88
N PRO F 216 -21.17 10.20 -12.69
CA PRO F 216 -21.29 10.08 -14.14
C PRO F 216 -19.98 9.57 -14.71
N THR F 217 -20.07 8.59 -15.60
CA THR F 217 -18.90 8.12 -16.30
C THR F 217 -18.22 9.29 -17.00
N GLU F 218 -18.97 10.31 -17.38
CA GLU F 218 -18.36 11.49 -18.00
C GLU F 218 -18.65 12.69 -17.15
N LYS F 219 -17.81 13.71 -17.18
CA LYS F 219 -18.06 14.89 -16.35
C LYS F 219 -19.07 15.85 -17.00
N PHE F 220 -19.85 15.31 -17.92
CA PHE F 220 -20.76 16.07 -18.76
C PHE F 220 -21.62 15.08 -19.52
N TYR F 221 -22.62 15.59 -20.22
CA TYR F 221 -23.42 14.75 -21.08
C TYR F 221 -23.43 15.33 -22.49
N TYR F 222 -23.13 14.49 -23.48
CA TYR F 222 -23.14 14.92 -24.88
C TYR F 222 -24.54 14.75 -25.44
N ILE F 223 -25.12 15.82 -25.98
CA ILE F 223 -26.52 15.79 -26.41
C ILE F 223 -26.87 14.71 -27.43
N TYR F 224 -25.88 14.29 -28.21
CA TYR F 224 -26.12 13.31 -29.26
C TYR F 224 -25.70 11.94 -28.77
N ASN F 225 -25.57 11.80 -27.45
CA ASN F 225 -25.12 10.55 -26.85
C ASN F 225 -26.26 9.60 -26.61
N GLU F 226 -26.55 8.78 -27.61
CA GLU F 226 -27.71 7.90 -27.59
C GLU F 226 -27.91 7.14 -26.27
N LYS F 227 -26.81 6.90 -25.56
CA LYS F 227 -26.83 6.09 -24.35
C LYS F 227 -27.47 6.78 -23.16
N GLY F 228 -27.60 8.09 -23.24
CA GLY F 228 -28.09 8.89 -22.11
C GLY F 228 -27.00 9.10 -21.09
N LEU F 229 -27.34 9.61 -19.92
CA LEU F 229 -26.34 9.81 -18.88
C LEU F 229 -26.20 8.58 -18.01
N GLU F 230 -25.00 7.98 -17.98
CA GLU F 230 -24.73 6.80 -17.16
C GLU F 230 -24.07 7.15 -15.85
N VAL F 231 -24.51 6.50 -14.78
CA VAL F 231 -24.10 6.90 -13.44
C VAL F 231 -23.88 5.67 -12.56
N THR F 232 -22.79 5.69 -11.79
CA THR F 232 -22.44 4.58 -10.92
C THR F 232 -22.60 5.02 -9.48
N ILE F 233 -23.44 4.32 -8.72
CA ILE F 233 -23.68 4.69 -7.33
C ILE F 233 -22.82 3.88 -6.37
N THR F 234 -22.28 4.54 -5.37
CA THR F 234 -21.31 3.88 -4.51
C THR F 234 -21.50 4.18 -3.07
N ALA F 235 -21.58 3.14 -2.27
CA ALA F 235 -21.78 3.28 -0.84
C ALA F 235 -20.73 2.47 -0.10
N ARG F 236 -20.22 3.05 0.98
CA ARG F 236 -19.28 2.37 1.85
C ARG F 236 -19.29 3.02 3.22
N PHE F 237 -19.35 2.19 4.26
CA PHE F 237 -19.32 2.65 5.64
C PHE F 237 -18.15 3.58 5.89
N LEU F 238 -18.20 4.26 7.03
CA LEU F 238 -17.12 5.16 7.39
C LEU F 238 -15.90 4.30 7.71
N TYR F 239 -16.02 3.38 8.67
CA TYR F 239 -15.01 2.33 8.78
C TYR F 239 -14.99 1.80 7.39
N GLY F 240 -13.84 1.73 6.74
CA GLY F 240 -13.91 1.34 5.34
C GLY F 240 -14.44 -0.06 5.14
N LYS F 241 -15.64 -0.20 4.59
CA LYS F 241 -16.23 -1.51 4.30
C LYS F 241 -17.37 -1.34 3.33
N LYS F 242 -17.52 -2.26 2.39
CA LYS F 242 -18.54 -2.11 1.33
C LYS F 242 -20.00 -2.31 1.79
N VAL F 243 -20.94 -1.59 1.18
CA VAL F 243 -22.34 -1.59 1.66
C VAL F 243 -23.26 -2.45 0.82
N GLU F 244 -24.18 -3.16 1.46
CA GLU F 244 -25.27 -3.79 0.71
C GLU F 244 -26.58 -3.08 1.09
N GLY F 245 -27.44 -2.86 0.11
CA GLY F 245 -28.69 -2.17 0.32
C GLY F 245 -29.34 -1.84 -1.01
N THR F 246 -30.48 -1.15 -1.02
CA THR F 246 -31.04 -0.69 -2.29
C THR F 246 -31.05 0.80 -2.29
N ALA F 247 -31.02 1.38 -3.48
CA ALA F 247 -30.89 2.82 -3.62
C ALA F 247 -31.79 3.42 -4.69
N PHE F 248 -32.47 4.50 -4.32
CA PHE F 248 -33.38 5.20 -5.23
C PHE F 248 -32.66 6.37 -5.91
N VAL F 249 -32.63 6.36 -7.24
CA VAL F 249 -31.96 7.41 -7.97
C VAL F 249 -32.92 8.21 -8.83
N ILE F 250 -32.69 9.51 -8.95
CA ILE F 250 -33.54 10.36 -9.74
C ILE F 250 -32.82 11.62 -10.25
N PHE F 251 -33.21 12.09 -11.44
CA PHE F 251 -32.49 13.15 -12.16
C PHE F 251 -33.29 14.45 -12.28
N GLY F 252 -32.66 15.48 -12.85
CA GLY F 252 -33.32 16.74 -13.15
C GLY F 252 -32.48 17.64 -14.06
N ILE F 253 -33.06 18.74 -14.54
CA ILE F 253 -32.31 19.73 -15.32
C ILE F 253 -32.24 21.07 -14.61
N GLN F 254 -31.07 21.68 -14.60
CA GLN F 254 -30.97 23.01 -14.01
C GLN F 254 -30.76 24.08 -15.07
N ASP F 255 -31.44 25.20 -14.90
CA ASP F 255 -31.26 26.37 -15.74
C ASP F 255 -31.07 27.59 -14.84
N GLY F 256 -29.84 28.11 -14.80
CA GLY F 256 -29.48 29.16 -13.88
C GLY F 256 -29.47 28.63 -12.45
N GLU F 257 -30.50 29.00 -11.71
CA GLU F 257 -30.68 28.56 -10.33
C GLU F 257 -31.96 27.75 -10.30
N GLN F 258 -32.65 27.74 -11.45
CA GLN F 258 -33.94 27.10 -11.63
C GLN F 258 -33.81 25.60 -11.89
N ARG F 259 -34.67 24.81 -11.25
CA ARG F 259 -34.51 23.35 -11.21
C ARG F 259 -35.77 22.56 -11.52
N ILE F 260 -35.73 21.82 -12.62
CA ILE F 260 -36.85 20.95 -12.97
C ILE F 260 -36.49 19.48 -12.83
N SER F 261 -37.26 18.78 -12.01
CA SER F 261 -37.05 17.35 -11.82
C SER F 261 -37.72 16.63 -12.96
N LEU F 262 -37.13 15.50 -13.35
CA LEU F 262 -37.72 14.60 -14.34
C LEU F 262 -38.33 13.43 -13.58
N PRO F 263 -39.61 13.55 -13.21
CA PRO F 263 -40.22 12.64 -12.24
C PRO F 263 -40.13 11.23 -12.75
N GLU F 264 -39.98 11.10 -14.07
CA GLU F 264 -40.10 9.80 -14.71
C GLU F 264 -38.79 9.04 -14.69
N SER F 265 -37.70 9.74 -14.40
CA SER F 265 -36.35 9.18 -14.44
C SER F 265 -36.06 8.38 -13.19
N LEU F 266 -37.03 8.36 -12.28
CA LEU F 266 -36.90 7.68 -11.00
C LEU F 266 -36.65 6.20 -11.23
N LYS F 267 -35.60 5.67 -10.61
CA LYS F 267 -35.25 4.28 -10.80
C LYS F 267 -34.87 3.66 -9.46
N ARG F 268 -35.26 2.41 -9.23
CA ARG F 268 -34.81 1.71 -8.02
C ARG F 268 -33.88 0.55 -8.35
N ILE F 269 -32.61 0.71 -8.01
CA ILE F 269 -31.60 -0.29 -8.29
C ILE F 269 -31.04 -0.88 -7.00
N PRO F 270 -30.53 -2.12 -7.09
CA PRO F 270 -29.85 -2.75 -5.95
C PRO F 270 -28.42 -2.25 -5.85
N ILE F 271 -27.99 -1.92 -4.64
CA ILE F 271 -26.60 -1.60 -4.37
C ILE F 271 -25.86 -2.82 -3.86
N GLU F 272 -25.10 -3.42 -4.76
CA GLU F 272 -24.46 -4.69 -4.49
C GLU F 272 -22.97 -4.54 -4.40
N ASP F 273 -22.41 -5.10 -3.34
CA ASP F 273 -20.98 -5.06 -3.13
C ASP F 273 -20.60 -3.60 -3.30
N GLY F 274 -21.19 -2.77 -2.44
CA GLY F 274 -20.87 -1.35 -2.34
C GLY F 274 -21.10 -0.49 -3.58
N SER F 275 -21.69 -1.06 -4.62
CA SER F 275 -21.82 -0.32 -5.86
C SER F 275 -23.10 -0.62 -6.64
N GLY F 276 -23.47 0.30 -7.53
CA GLY F 276 -24.66 0.15 -8.34
C GLY F 276 -24.62 0.99 -9.60
N GLU F 277 -25.31 0.52 -10.63
CA GLU F 277 -25.26 1.14 -11.93
C GLU F 277 -26.64 1.71 -12.16
N VAL F 278 -26.73 2.84 -12.86
CA VAL F 278 -28.04 3.35 -13.24
C VAL F 278 -27.95 4.47 -14.27
N VAL F 279 -29.03 4.73 -15.00
CA VAL F 279 -29.00 5.64 -16.14
C VAL F 279 -30.23 6.53 -16.40
N LEU F 280 -29.97 7.79 -16.77
CA LEU F 280 -31.00 8.61 -17.41
C LEU F 280 -30.89 8.42 -18.92
N SER F 281 -32.01 8.10 -19.56
CA SER F 281 -32.04 7.83 -20.99
C SER F 281 -32.41 9.07 -21.76
N ARG F 282 -31.81 9.22 -22.94
CA ARG F 282 -31.97 10.47 -23.68
C ARG F 282 -33.46 10.79 -23.83
N LYS F 283 -34.27 9.73 -23.83
CA LYS F 283 -35.69 9.83 -24.11
C LYS F 283 -36.41 10.51 -22.95
N VAL F 284 -36.18 10.00 -21.76
CA VAL F 284 -36.78 10.59 -20.57
C VAL F 284 -36.34 12.04 -20.48
N LEU F 285 -35.05 12.30 -20.68
CA LEU F 285 -34.55 13.64 -20.57
C LEU F 285 -35.25 14.58 -21.54
N LEU F 286 -35.64 14.09 -22.70
CA LEU F 286 -36.29 14.97 -23.67
C LEU F 286 -37.80 15.04 -23.44
N ASP F 287 -38.46 13.89 -23.43
CA ASP F 287 -39.86 13.85 -22.99
C ASP F 287 -40.02 14.74 -21.77
N GLY F 288 -39.21 14.43 -20.75
CA GLY F 288 -39.20 15.14 -19.48
C GLY F 288 -39.24 16.66 -19.55
N VAL F 289 -38.69 17.24 -20.60
CA VAL F 289 -39.01 18.63 -20.88
C VAL F 289 -40.23 18.63 -21.80
N GLN F 290 -40.12 19.02 -23.06
CA GLN F 290 -41.29 18.92 -23.90
C GLN F 290 -41.01 18.31 -25.26
N ASN F 291 -39.78 17.84 -25.46
CA ASN F 291 -39.38 17.24 -26.71
C ASN F 291 -39.22 18.26 -27.83
N PRO F 292 -38.09 19.00 -27.78
CA PRO F 292 -37.80 20.00 -28.81
C PRO F 292 -36.33 20.00 -29.20
N ARG F 293 -36.00 20.60 -30.35
CA ARG F 293 -34.63 20.69 -30.80
C ARG F 293 -33.64 20.51 -29.66
N ALA F 294 -33.12 19.30 -29.53
CA ALA F 294 -32.16 18.98 -28.46
C ALA F 294 -31.17 20.10 -28.28
N GLU F 295 -30.71 20.65 -29.38
CA GLU F 295 -29.79 21.78 -29.31
C GLU F 295 -30.19 22.74 -28.19
N ASP F 296 -31.49 22.95 -28.01
CA ASP F 296 -32.01 23.86 -26.98
C ASP F 296 -31.43 23.59 -25.61
N LEU F 297 -31.40 22.31 -25.23
CA LEU F 297 -30.89 21.86 -23.93
C LEU F 297 -29.41 22.18 -23.69
N VAL F 298 -28.75 22.71 -24.71
CA VAL F 298 -27.35 23.08 -24.62
C VAL F 298 -27.13 24.26 -23.69
N GLY F 299 -26.24 24.08 -22.72
CA GLY F 299 -25.90 25.16 -21.81
C GLY F 299 -26.44 24.88 -20.44
N LYS F 300 -27.53 24.13 -20.37
CA LYS F 300 -28.12 23.75 -19.09
C LYS F 300 -27.31 22.64 -18.39
N SER F 301 -27.76 22.18 -17.24
CA SER F 301 -27.00 21.17 -16.51
C SER F 301 -27.92 20.04 -16.04
N LEU F 302 -27.33 18.91 -15.68
CA LEU F 302 -28.07 17.81 -15.06
C LEU F 302 -27.67 17.59 -13.60
N TYR F 303 -28.48 16.83 -12.88
CA TYR F 303 -28.15 16.45 -11.49
C TYR F 303 -28.78 15.13 -11.13
N VAL F 304 -28.14 14.42 -10.22
CA VAL F 304 -28.69 13.16 -9.76
C VAL F 304 -28.72 13.06 -8.26
N SER F 305 -29.89 12.73 -7.73
CA SER F 305 -30.01 12.44 -6.33
C SER F 305 -30.16 10.94 -6.14
N ALA F 306 -29.36 10.40 -5.25
CA ALA F 306 -29.48 8.99 -4.91
C ALA F 306 -29.74 8.91 -3.42
N THR F 307 -30.39 7.85 -3.02
CA THR F 307 -30.75 7.68 -1.64
C THR F 307 -30.59 6.21 -1.38
N VAL F 308 -29.66 5.84 -0.52
CA VAL F 308 -29.42 4.43 -0.28
C VAL F 308 -30.13 4.01 1.00
N ILE F 309 -30.62 2.78 1.05
CA ILE F 309 -31.09 2.21 2.31
C ILE F 309 -30.41 0.88 2.57
N LEU F 310 -29.85 0.75 3.76
CA LEU F 310 -29.27 -0.51 4.18
C LEU F 310 -30.40 -1.52 4.22
N HIS F 311 -30.08 -2.80 4.01
CA HIS F 311 -31.10 -3.83 4.01
C HIS F 311 -31.65 -4.04 5.41
N SER F 312 -30.96 -3.48 6.39
CA SER F 312 -31.37 -3.58 7.76
C SER F 312 -32.42 -2.54 8.12
N GLY F 313 -32.61 -1.57 7.23
CA GLY F 313 -33.60 -0.51 7.42
C GLY F 313 -33.21 0.53 8.45
N SER F 314 -32.02 0.40 9.01
CA SER F 314 -31.57 1.21 10.14
C SER F 314 -31.21 2.63 9.74
N ASP F 315 -30.45 2.75 8.66
CA ASP F 315 -29.82 4.01 8.35
C ASP F 315 -29.93 4.40 6.88
N MET F 316 -30.31 5.64 6.63
CA MET F 316 -30.49 6.14 5.27
C MET F 316 -29.43 7.18 4.95
N VAL F 317 -29.09 7.33 3.66
CA VAL F 317 -28.23 8.43 3.23
C VAL F 317 -28.59 8.98 1.86
N GLN F 318 -28.80 10.29 1.79
CA GLN F 318 -28.99 10.98 0.51
C GLN F 318 -27.66 11.55 0.06
N ALA F 319 -27.55 11.84 -1.22
CA ALA F 319 -26.38 12.50 -1.76
C ALA F 319 -26.65 12.79 -3.22
N GLU F 320 -26.06 13.86 -3.72
CA GLU F 320 -26.41 14.34 -5.04
C GLU F 320 -25.20 14.96 -5.71
N ARG F 321 -24.92 14.50 -6.92
CA ARG F 321 -23.98 15.20 -7.78
C ARG F 321 -24.76 16.21 -8.61
N SER F 322 -24.34 17.48 -8.57
CA SER F 322 -25.11 18.56 -9.18
C SER F 322 -24.45 19.08 -10.41
N GLY F 323 -25.19 19.92 -11.15
CA GLY F 323 -24.70 20.62 -12.33
C GLY F 323 -23.67 19.91 -13.22
N ILE F 324 -24.10 18.80 -13.81
CA ILE F 324 -23.32 18.14 -14.85
C ILE F 324 -23.73 18.80 -16.15
N PRO F 325 -22.75 19.30 -16.90
CA PRO F 325 -23.05 20.15 -18.06
C PRO F 325 -23.55 19.40 -19.27
N ILE F 326 -24.52 20.01 -19.95
CA ILE F 326 -24.98 19.52 -21.24
C ILE F 326 -24.18 20.26 -22.29
N VAL F 327 -23.37 19.53 -23.04
CA VAL F 327 -22.42 20.15 -23.93
C VAL F 327 -22.37 19.46 -25.27
N THR F 328 -21.96 20.23 -26.28
CA THR F 328 -21.78 19.72 -27.62
C THR F 328 -20.32 19.36 -27.84
N SER F 329 -19.44 19.93 -27.02
CA SER F 329 -18.05 19.53 -26.97
C SER F 329 -17.55 19.27 -25.55
N PRO F 330 -16.68 18.27 -25.41
CA PRO F 330 -16.13 17.90 -24.11
C PRO F 330 -15.26 18.98 -23.48
N TYR F 331 -14.47 19.67 -24.29
CA TYR F 331 -13.48 20.62 -23.76
C TYR F 331 -13.90 22.09 -23.96
N GLN F 332 -13.34 22.98 -23.13
CA GLN F 332 -13.53 24.42 -23.29
C GLN F 332 -12.18 25.05 -23.52
N ILE F 333 -12.18 26.26 -24.07
CA ILE F 333 -10.93 26.93 -24.44
C ILE F 333 -10.78 28.37 -24.00
N HIS F 334 -9.72 28.63 -23.25
CA HIS F 334 -9.52 29.92 -22.59
C HIS F 334 -8.18 30.61 -22.85
N PHE F 335 -8.24 31.92 -23.09
CA PHE F 335 -7.07 32.74 -23.35
C PHE F 335 -6.81 33.72 -22.20
N THR F 336 -7.37 33.45 -21.02
CA THR F 336 -7.24 34.40 -19.91
C THR F 336 -5.92 34.23 -19.16
N LYS F 337 -5.10 33.28 -19.60
CA LYS F 337 -3.74 33.15 -19.06
C LYS F 337 -2.72 33.57 -20.13
N THR F 338 -3.23 33.97 -21.29
CA THR F 338 -2.39 34.50 -22.38
C THR F 338 -2.52 36.01 -22.47
N PRO F 339 -1.39 36.72 -22.67
CA PRO F 339 -1.44 38.18 -22.75
C PRO F 339 -2.36 38.62 -23.87
N LYS F 340 -2.59 39.91 -23.99
CA LYS F 340 -3.37 40.42 -25.11
C LYS F 340 -2.58 41.42 -25.96
N TYR F 341 -1.26 41.26 -26.01
CA TYR F 341 -0.38 42.14 -26.76
C TYR F 341 0.94 41.44 -27.15
N PHE F 342 1.29 41.49 -28.44
CA PHE F 342 2.52 40.88 -28.94
C PHE F 342 3.47 41.92 -29.53
N LYS F 343 4.66 41.48 -29.93
CA LYS F 343 5.62 42.36 -30.60
C LYS F 343 5.84 41.85 -32.03
N PRO F 344 5.51 42.70 -33.01
CA PRO F 344 5.55 42.24 -34.41
C PRO F 344 6.94 41.75 -34.76
N GLY F 345 7.01 40.58 -35.38
CA GLY F 345 8.27 39.97 -35.73
C GLY F 345 8.72 38.98 -34.67
N MET F 346 8.41 39.25 -33.42
CA MET F 346 8.87 38.42 -32.32
C MET F 346 7.93 37.26 -32.03
N PRO F 347 8.52 36.14 -31.61
CA PRO F 347 7.76 34.95 -31.28
C PRO F 347 6.84 35.26 -30.12
N PHE F 348 5.61 34.81 -30.25
CA PHE F 348 4.58 34.99 -29.24
C PHE F 348 4.29 33.66 -28.58
N ASP F 349 4.50 33.58 -27.26
CA ASP F 349 4.22 32.36 -26.49
C ASP F 349 2.74 32.30 -26.09
N LEU F 350 1.98 31.36 -26.66
CA LEU F 350 0.57 31.26 -26.33
C LEU F 350 0.31 30.29 -25.17
N MET F 351 -0.36 30.81 -24.15
CA MET F 351 -0.78 30.00 -23.01
C MET F 351 -2.26 29.65 -23.13
N VAL F 352 -2.57 28.59 -23.87
CA VAL F 352 -3.96 28.19 -24.01
C VAL F 352 -4.40 27.39 -22.78
N PHE F 353 -5.58 27.70 -22.26
CA PHE F 353 -6.12 27.03 -21.07
C PHE F 353 -7.26 26.10 -21.47
N VAL F 354 -7.12 24.80 -21.22
CA VAL F 354 -8.14 23.86 -21.66
C VAL F 354 -8.83 23.14 -20.52
N THR F 355 -10.05 23.58 -20.24
CA THR F 355 -10.83 23.05 -19.13
C THR F 355 -11.82 22.02 -19.63
N ASN F 356 -12.05 21.00 -18.82
CA ASN F 356 -13.20 20.12 -18.99
C ASN F 356 -14.47 20.94 -18.82
N PRO F 357 -15.64 20.37 -19.11
CA PRO F 357 -16.79 21.27 -18.97
C PRO F 357 -16.86 21.79 -17.54
N ASP F 358 -16.99 20.90 -16.56
CA ASP F 358 -17.12 21.35 -15.18
C ASP F 358 -16.33 22.62 -14.90
N GLY F 359 -15.01 22.54 -15.06
CA GLY F 359 -14.14 23.67 -14.86
C GLY F 359 -12.72 23.21 -14.71
N SER F 360 -12.58 21.89 -14.50
CA SER F 360 -11.29 21.26 -14.25
C SER F 360 -10.36 21.26 -15.46
N PRO F 361 -9.07 21.51 -15.21
CA PRO F 361 -7.99 21.38 -16.18
C PRO F 361 -7.96 20.00 -16.82
N ALA F 362 -7.88 19.95 -18.14
CA ALA F 362 -7.89 18.69 -18.88
C ALA F 362 -6.50 18.33 -19.38
N TYR F 363 -6.00 17.15 -18.98
CA TYR F 363 -4.63 16.77 -19.29
C TYR F 363 -4.40 16.11 -20.65
N ARG F 364 -3.24 16.40 -21.25
CA ARG F 364 -2.74 15.73 -22.45
C ARG F 364 -3.55 16.02 -23.73
N VAL F 365 -4.35 17.08 -23.68
CA VAL F 365 -5.20 17.44 -24.81
C VAL F 365 -4.45 18.28 -25.84
N PRO F 366 -4.49 17.82 -27.08
CA PRO F 366 -3.82 18.53 -28.18
C PRO F 366 -4.49 19.83 -28.58
N VAL F 367 -3.68 20.82 -28.93
CA VAL F 367 -4.17 22.10 -29.45
C VAL F 367 -3.25 22.67 -30.53
N ALA F 368 -3.80 23.50 -31.41
CA ALA F 368 -3.03 24.14 -32.46
C ALA F 368 -3.83 25.34 -32.99
N VAL F 369 -3.24 26.13 -33.87
CA VAL F 369 -3.91 27.33 -34.36
C VAL F 369 -4.60 27.13 -35.70
N GLN F 370 -5.34 28.14 -36.12
CA GLN F 370 -5.97 28.18 -37.44
C GLN F 370 -4.99 27.76 -38.54
N GLY F 371 -4.06 28.66 -38.86
CA GLY F 371 -3.15 28.51 -39.98
C GLY F 371 -2.43 27.18 -40.15
N GLU F 372 -1.50 26.88 -39.25
CA GLU F 372 -0.53 25.81 -39.49
C GLU F 372 -0.87 24.42 -38.94
N ASP F 373 -0.85 23.45 -39.85
CA ASP F 373 -1.25 22.07 -39.57
C ASP F 373 -0.20 21.32 -38.75
N THR F 374 1.07 21.66 -38.94
CA THR F 374 2.17 20.90 -38.32
C THR F 374 2.36 21.22 -36.83
N VAL F 375 2.03 22.45 -36.44
CA VAL F 375 2.18 22.88 -35.05
C VAL F 375 1.18 22.19 -34.15
N GLN F 376 1.68 21.44 -33.17
CA GLN F 376 0.84 20.89 -32.11
C GLN F 376 1.54 21.00 -30.76
N SER F 377 0.77 20.90 -29.67
CA SER F 377 1.34 20.86 -28.34
C SER F 377 0.29 20.43 -27.34
N LEU F 378 0.67 19.51 -26.45
CA LEU F 378 -0.29 18.98 -25.49
C LEU F 378 -0.54 19.94 -24.34
N THR F 379 -1.21 19.43 -23.32
CA THR F 379 -1.56 20.22 -22.17
C THR F 379 -0.95 19.57 -20.95
N GLN F 380 0.02 20.24 -20.35
CA GLN F 380 0.67 19.70 -19.16
C GLN F 380 -0.35 19.58 -18.03
N GLY F 381 0.07 18.96 -16.93
CA GLY F 381 -0.84 18.63 -15.85
C GLY F 381 -1.68 19.75 -15.29
N ASP F 382 -1.48 20.96 -15.82
CA ASP F 382 -2.12 22.17 -15.30
C ASP F 382 -3.18 22.69 -16.25
N GLY F 383 -3.56 21.85 -17.19
CA GLY F 383 -4.53 22.27 -18.19
C GLY F 383 -3.97 23.44 -18.97
N VAL F 384 -2.66 23.40 -19.19
CA VAL F 384 -2.01 24.47 -19.93
C VAL F 384 -1.19 23.96 -21.10
N ALA F 385 -1.26 24.69 -22.21
CA ALA F 385 -0.52 24.35 -23.41
C ALA F 385 0.28 25.54 -23.93
N LYS F 386 1.58 25.32 -24.11
CA LYS F 386 2.49 26.34 -24.59
C LYS F 386 2.69 26.19 -26.09
N LEU F 387 2.17 27.13 -26.85
CA LEU F 387 2.38 27.18 -28.30
C LEU F 387 3.02 28.51 -28.62
N SER F 388 3.99 28.52 -29.51
CA SER F 388 4.61 29.79 -29.91
C SER F 388 4.53 30.04 -31.42
N ILE F 389 4.05 31.21 -31.78
CA ILE F 389 4.00 31.59 -33.19
C ILE F 389 4.91 32.76 -33.48
N ASN F 390 5.67 32.65 -34.58
CA ASN F 390 6.47 33.76 -35.08
C ASN F 390 5.55 34.75 -35.78
N THR F 391 5.54 35.99 -35.30
CA THR F 391 4.63 36.97 -35.87
C THR F 391 5.30 37.83 -36.94
N HIS F 392 4.48 38.42 -37.81
CA HIS F 392 4.97 39.32 -38.87
C HIS F 392 5.10 40.75 -38.37
N PRO F 393 6.22 41.41 -38.75
CA PRO F 393 6.43 42.83 -38.45
C PRO F 393 5.43 43.74 -39.18
N SER F 394 4.14 43.43 -39.06
CA SER F 394 3.08 44.24 -39.65
C SER F 394 2.25 44.91 -38.55
N GLN F 395 2.06 46.22 -38.67
CA GLN F 395 1.28 46.97 -37.70
C GLN F 395 -0.20 46.66 -37.84
N LYS F 396 -0.51 45.37 -37.85
CA LYS F 396 -1.88 44.89 -38.01
C LYS F 396 -2.26 44.00 -36.82
N PRO F 397 -3.45 44.25 -36.22
CA PRO F 397 -3.88 43.40 -35.11
C PRO F 397 -3.73 41.93 -35.50
N LEU F 398 -3.23 41.12 -34.58
CA LEU F 398 -3.04 39.69 -34.86
C LEU F 398 -4.14 38.85 -34.20
N SER F 399 -5.09 38.40 -35.01
CA SER F 399 -6.17 37.58 -34.52
C SER F 399 -5.72 36.13 -34.58
N ILE F 400 -5.83 35.46 -33.43
CA ILE F 400 -5.51 34.03 -33.34
C ILE F 400 -6.77 33.27 -32.97
N THR F 401 -6.90 32.08 -33.52
CA THR F 401 -7.98 31.20 -33.14
C THR F 401 -7.40 29.80 -32.95
N VAL F 402 -7.57 29.26 -31.76
CA VAL F 402 -7.08 27.92 -31.46
C VAL F 402 -8.25 26.93 -31.49
N ARG F 403 -7.92 25.65 -31.61
CA ARG F 403 -8.91 24.61 -31.76
C ARG F 403 -8.37 23.31 -31.22
N THR F 404 -9.19 22.58 -30.49
CA THR F 404 -8.79 21.26 -30.01
C THR F 404 -8.55 20.33 -31.20
N LYS F 405 -7.77 19.28 -30.99
CA LYS F 405 -7.51 18.31 -32.06
C LYS F 405 -7.33 16.90 -31.51
N LYS F 406 -8.35 16.39 -30.86
CA LYS F 406 -8.27 15.06 -30.29
C LYS F 406 -8.76 14.04 -31.31
N GLN F 407 -7.94 13.02 -31.55
CA GLN F 407 -8.38 11.85 -32.31
C GLN F 407 -9.56 11.18 -31.58
N GLU F 408 -10.49 10.62 -32.35
CA GLU F 408 -11.72 10.01 -31.81
C GLU F 408 -12.84 11.02 -31.57
N LEU F 409 -12.58 12.30 -31.83
CA LEU F 409 -13.62 13.31 -31.82
C LEU F 409 -13.79 13.84 -33.22
N SER F 410 -15.04 14.08 -33.59
CA SER F 410 -15.39 14.66 -34.88
C SER F 410 -15.13 16.16 -34.87
N GLU F 411 -14.83 16.73 -36.04
CA GLU F 411 -14.46 18.14 -36.12
C GLU F 411 -15.58 19.06 -35.65
N ALA F 412 -16.78 18.53 -35.50
CA ALA F 412 -17.86 19.31 -34.89
C ALA F 412 -17.78 19.24 -33.36
N GLU F 413 -17.38 18.07 -32.86
CA GLU F 413 -17.20 17.83 -31.42
C GLU F 413 -16.00 18.60 -30.82
N GLN F 414 -15.07 19.03 -31.67
CA GLN F 414 -13.91 19.80 -31.21
C GLN F 414 -14.34 21.21 -30.82
N ALA F 415 -13.58 21.85 -29.93
CA ALA F 415 -13.95 23.15 -29.39
C ALA F 415 -12.93 24.22 -29.75
N THR F 416 -13.40 25.40 -30.14
CA THR F 416 -12.49 26.50 -30.47
C THR F 416 -12.86 27.77 -29.72
N ARG F 417 -12.01 28.77 -29.88
CA ARG F 417 -12.15 30.08 -29.26
C ARG F 417 -11.17 31.04 -29.95
N THR F 418 -11.55 32.32 -29.99
CA THR F 418 -10.73 33.32 -30.66
C THR F 418 -10.41 34.50 -29.74
N MET F 419 -9.19 35.03 -29.87
CA MET F 419 -8.76 36.21 -29.14
C MET F 419 -8.12 37.20 -30.11
N GLN F 420 -7.87 38.42 -29.65
CA GLN F 420 -7.21 39.41 -30.46
C GLN F 420 -6.08 40.14 -29.74
N ALA F 421 -4.86 39.96 -30.25
CA ALA F 421 -3.65 40.57 -29.68
C ALA F 421 -3.16 41.78 -30.52
N LEU F 422 -2.94 42.91 -29.86
CA LEU F 422 -2.46 44.13 -30.51
C LEU F 422 -0.94 44.29 -30.36
N PRO F 423 -0.27 44.86 -31.38
CA PRO F 423 1.19 45.06 -31.31
C PRO F 423 1.57 46.05 -30.22
N TYR F 424 2.78 45.91 -29.70
CA TYR F 424 3.31 46.82 -28.69
C TYR F 424 3.56 48.20 -29.30
N SER F 425 2.85 49.22 -28.80
CA SER F 425 2.92 50.57 -29.36
C SER F 425 4.09 51.39 -28.82
N THR F 426 5.17 51.47 -29.59
CA THR F 426 6.40 52.09 -29.11
C THR F 426 6.33 53.60 -28.96
N VAL F 427 7.47 54.19 -28.60
CA VAL F 427 7.61 55.63 -28.49
C VAL F 427 8.02 56.20 -29.85
N GLY F 428 7.27 57.19 -30.31
CA GLY F 428 7.51 57.81 -31.60
C GLY F 428 7.51 56.79 -32.73
N ASN F 429 6.90 55.63 -32.48
CA ASN F 429 6.83 54.58 -33.49
C ASN F 429 8.20 54.17 -34.01
N SER F 430 9.16 54.14 -33.10
CA SER F 430 10.55 53.86 -33.41
C SER F 430 10.87 52.40 -33.80
N ASN F 431 10.00 51.47 -33.40
CA ASN F 431 10.22 50.05 -33.69
C ASN F 431 11.21 49.37 -32.73
N ASN F 432 11.47 50.01 -31.58
CA ASN F 432 12.28 49.41 -30.52
C ASN F 432 11.45 48.56 -29.55
N TYR F 433 11.89 47.31 -29.37
CA TYR F 433 11.14 46.33 -28.58
C TYR F 433 12.02 45.56 -27.59
N LEU F 434 11.37 44.94 -26.59
CA LEU F 434 12.01 43.97 -25.69
C LEU F 434 11.11 42.76 -25.45
N HIS F 435 11.67 41.57 -25.60
CA HIS F 435 10.90 40.35 -25.37
C HIS F 435 11.54 39.48 -24.30
N LEU F 436 10.69 38.96 -23.43
CA LEU F 436 11.11 38.02 -22.43
C LEU F 436 10.48 36.68 -22.73
N SER F 437 11.24 35.82 -23.40
CA SER F 437 10.80 34.47 -23.67
C SER F 437 11.23 33.56 -22.51
N VAL F 438 10.25 33.03 -21.79
CA VAL F 438 10.56 32.17 -20.67
C VAL F 438 10.03 30.77 -20.87
N LEU F 439 10.93 29.80 -20.76
CA LEU F 439 10.59 28.39 -20.86
C LEU F 439 9.47 28.13 -19.86
N ARG F 440 8.38 27.52 -20.32
CA ARG F 440 7.20 27.42 -19.46
C ARG F 440 6.77 26.00 -19.10
N THR F 441 7.05 25.64 -17.85
CA THR F 441 6.66 24.35 -17.31
C THR F 441 6.08 24.58 -15.93
N GLU F 442 6.00 23.53 -15.11
CA GLU F 442 5.61 23.72 -13.72
C GLU F 442 6.82 24.17 -12.90
N LEU F 443 6.92 25.46 -12.62
CA LEU F 443 8.03 25.94 -11.82
C LEU F 443 7.90 25.55 -10.34
N ARG F 444 9.01 25.22 -9.71
CA ARG F 444 8.97 24.79 -8.31
C ARG F 444 10.11 25.42 -7.53
N PRO F 445 9.84 25.82 -6.28
CA PRO F 445 10.90 26.55 -5.57
C PRO F 445 12.14 25.69 -5.48
N GLY F 446 13.29 26.28 -5.82
CA GLY F 446 14.55 25.57 -5.88
C GLY F 446 14.99 25.43 -7.32
N GLU F 447 14.05 25.03 -8.18
CA GLU F 447 14.31 24.95 -9.61
C GLU F 447 14.76 26.31 -10.10
N THR F 448 15.56 26.31 -11.15
CA THR F 448 16.07 27.57 -11.66
C THR F 448 15.46 27.92 -13.03
N LEU F 449 14.85 29.10 -13.10
CA LEU F 449 14.18 29.54 -14.32
C LEU F 449 15.03 30.51 -15.11
N ASN F 450 15.13 30.26 -16.42
CA ASN F 450 15.84 31.13 -17.36
C ASN F 450 14.93 32.16 -18.04
N VAL F 451 15.28 33.43 -17.90
CA VAL F 451 14.54 34.50 -18.54
C VAL F 451 15.32 35.05 -19.72
N ASN F 452 14.96 34.61 -20.91
CA ASN F 452 15.57 35.10 -22.14
C ASN F 452 15.22 36.58 -22.36
N PHE F 453 16.25 37.41 -22.37
CA PHE F 453 16.11 38.85 -22.63
C PHE F 453 16.47 39.19 -24.08
N LEU F 454 15.46 39.40 -24.91
CA LEU F 454 15.67 39.57 -26.34
C LEU F 454 15.46 41.00 -26.85
N LEU F 455 16.53 41.60 -27.35
CA LEU F 455 16.56 43.00 -27.75
C LEU F 455 16.26 43.23 -29.23
N ARG F 456 15.23 44.03 -29.50
CA ARG F 456 14.76 44.28 -30.87
C ARG F 456 14.85 45.74 -31.27
N MET F 457 15.98 46.11 -31.89
CA MET F 457 16.18 47.49 -32.33
C MET F 457 17.35 47.63 -33.30
N ASP F 458 17.27 48.66 -34.15
CA ASP F 458 18.32 49.00 -35.10
C ASP F 458 19.65 49.22 -34.41
N ARG F 459 20.67 48.49 -34.86
CA ARG F 459 21.99 48.51 -34.22
C ARG F 459 22.47 49.93 -33.91
N ALA F 460 21.85 50.92 -34.55
CA ALA F 460 22.17 52.33 -34.32
C ALA F 460 22.43 52.65 -32.83
N HIS F 461 21.47 52.34 -31.98
CA HIS F 461 21.57 52.67 -30.55
C HIS F 461 21.75 51.40 -29.70
N GLU F 462 22.01 50.30 -30.38
CA GLU F 462 22.28 49.01 -29.73
C GLU F 462 23.45 49.01 -28.74
N ALA F 463 24.54 49.67 -29.09
CA ALA F 463 25.71 49.69 -28.22
C ALA F 463 25.34 50.46 -26.95
N LYS F 464 24.36 51.33 -27.07
CA LYS F 464 23.99 52.25 -26.00
C LYS F 464 23.43 51.47 -24.83
N ILE F 465 22.38 50.70 -25.09
CA ILE F 465 21.80 49.84 -24.06
C ILE F 465 22.84 49.02 -23.32
N ARG F 466 23.00 49.29 -22.02
CA ARG F 466 24.03 48.62 -21.24
C ARG F 466 23.45 47.63 -20.23
N TYR F 467 22.19 47.82 -19.87
CA TYR F 467 21.63 47.00 -18.81
C TYR F 467 20.11 46.95 -18.81
N TYR F 468 19.59 45.81 -18.35
CA TYR F 468 18.16 45.62 -18.11
C TYR F 468 17.85 45.73 -16.63
N THR F 469 16.80 46.47 -16.30
CA THR F 469 16.35 46.61 -14.93
C THR F 469 15.07 45.80 -14.74
N TYR F 470 15.14 44.80 -13.86
CA TYR F 470 14.03 43.86 -13.70
C TYR F 470 13.37 43.94 -12.32
N LEU F 471 12.10 43.53 -12.24
CA LEU F 471 11.37 43.52 -10.98
C LEU F 471 10.42 42.32 -10.85
N ILE F 472 10.12 41.95 -9.60
CA ILE F 472 9.28 40.81 -9.27
C ILE F 472 8.10 41.23 -8.38
N MET F 473 6.88 41.16 -8.91
CA MET F 473 5.70 41.28 -8.07
C MET F 473 5.33 39.91 -7.49
N ASN F 474 4.75 39.91 -6.30
CA ASN F 474 4.30 38.69 -5.65
C ASN F 474 3.38 39.02 -4.50
N LYS F 475 2.26 38.30 -4.41
CA LYS F 475 1.21 38.70 -3.49
C LYS F 475 1.05 40.21 -3.51
N GLY F 476 1.17 40.81 -4.69
CA GLY F 476 0.97 42.24 -4.87
C GLY F 476 1.94 43.16 -4.14
N ARG F 477 3.18 42.72 -3.97
CA ARG F 477 4.19 43.55 -3.35
C ARG F 477 5.51 43.29 -4.07
N LEU F 478 6.51 44.15 -3.86
CA LEU F 478 7.81 43.91 -4.48
C LEU F 478 8.60 42.84 -3.75
N LEU F 479 8.99 41.78 -4.45
CA LEU F 479 9.76 40.68 -3.85
C LEU F 479 11.25 40.73 -4.21
N LYS F 480 11.56 41.35 -5.34
CA LYS F 480 12.95 41.60 -5.72
C LYS F 480 12.96 42.57 -6.89
N ALA F 481 14.02 43.38 -6.98
CA ALA F 481 14.25 44.28 -8.12
C ALA F 481 15.74 44.35 -8.42
N GLY F 482 16.15 43.86 -9.59
CA GLY F 482 17.57 43.79 -9.91
C GLY F 482 17.92 44.26 -11.30
N ARG F 483 19.19 44.09 -11.66
CA ARG F 483 19.73 44.50 -12.96
C ARG F 483 20.27 43.30 -13.74
N GLN F 484 20.05 43.26 -15.04
CA GLN F 484 20.72 42.27 -15.87
C GLN F 484 21.60 42.97 -16.88
N VAL F 485 22.91 42.77 -16.76
CA VAL F 485 23.89 43.47 -17.58
C VAL F 485 23.96 42.93 -19.01
N ARG F 486 24.32 43.82 -19.94
CA ARG F 486 24.38 43.47 -21.35
C ARG F 486 25.62 44.07 -22.03
N GLU F 487 26.11 43.41 -23.06
CA GLU F 487 27.25 43.90 -23.85
C GLU F 487 26.85 44.06 -25.31
N PRO F 488 27.32 45.13 -25.98
CA PRO F 488 26.91 45.48 -27.34
C PRO F 488 26.97 44.30 -28.30
N GLY F 489 26.07 44.27 -29.29
CA GLY F 489 26.02 43.17 -30.23
C GLY F 489 25.16 42.04 -29.73
N GLN F 490 24.94 42.02 -28.41
CA GLN F 490 24.03 41.06 -27.75
C GLN F 490 22.58 41.45 -27.95
N ASP F 491 21.76 40.49 -28.35
CA ASP F 491 20.33 40.68 -28.38
C ASP F 491 19.72 39.74 -27.34
N LEU F 492 20.42 38.65 -27.08
CA LEU F 492 19.97 37.72 -26.06
C LEU F 492 20.88 37.72 -24.85
N VAL F 493 20.27 37.89 -23.67
CA VAL F 493 20.95 37.68 -22.41
C VAL F 493 20.05 36.84 -21.52
N VAL F 494 20.64 35.89 -20.81
CA VAL F 494 19.85 34.97 -20.01
C VAL F 494 19.99 35.25 -18.52
N LEU F 495 18.85 35.30 -17.84
CA LEU F 495 18.80 35.63 -16.42
C LEU F 495 18.57 34.38 -15.59
N PRO F 496 19.53 34.03 -14.72
CA PRO F 496 19.42 32.93 -13.78
C PRO F 496 18.52 33.35 -12.64
N LEU F 497 17.28 32.87 -12.67
CA LEU F 497 16.34 33.19 -11.62
C LEU F 497 16.20 32.00 -10.67
N SER F 498 16.82 32.11 -9.50
CA SER F 498 16.59 31.13 -8.44
C SER F 498 15.13 31.31 -8.09
N ILE F 499 14.47 30.22 -7.72
CA ILE F 499 13.05 30.28 -7.44
C ILE F 499 12.79 29.75 -6.04
N THR F 500 12.64 30.64 -5.07
CA THR F 500 12.38 30.17 -3.70
C THR F 500 10.89 30.15 -3.41
N THR F 501 10.55 29.56 -2.28
CA THR F 501 9.16 29.47 -1.83
C THR F 501 8.48 30.84 -1.72
N ASP F 502 9.26 31.90 -1.68
CA ASP F 502 8.72 33.26 -1.60
C ASP F 502 8.03 33.68 -2.90
N PHE F 503 8.05 32.81 -3.90
CA PHE F 503 7.49 33.16 -5.20
C PHE F 503 6.05 32.69 -5.36
N ILE F 504 5.70 31.67 -4.56
CA ILE F 504 4.37 31.05 -4.55
C ILE F 504 3.28 32.06 -4.19
N PRO F 505 2.12 31.96 -4.84
CA PRO F 505 1.70 30.96 -5.83
C PRO F 505 1.96 31.36 -7.27
N SER F 506 2.51 32.56 -7.47
CA SER F 506 2.67 33.15 -8.81
C SER F 506 3.40 34.48 -8.67
N PHE F 507 4.35 34.75 -9.54
CA PHE F 507 5.07 36.02 -9.50
C PHE F 507 5.08 36.73 -10.84
N ARG F 508 5.10 38.07 -10.80
CA ARG F 508 5.24 38.85 -12.03
C ARG F 508 6.63 39.42 -12.25
N LEU F 509 7.04 39.44 -13.50
CA LEU F 509 8.35 39.94 -13.87
C LEU F 509 8.21 41.06 -14.89
N VAL F 510 8.70 42.23 -14.53
CA VAL F 510 8.72 43.36 -15.45
C VAL F 510 10.14 43.87 -15.62
N ALA F 511 10.62 43.79 -16.86
CA ALA F 511 11.93 44.30 -17.18
C ALA F 511 11.73 45.52 -18.05
N TYR F 512 12.60 46.52 -17.86
CA TYR F 512 12.60 47.69 -18.72
C TYR F 512 14.02 48.21 -18.89
N TYR F 513 14.28 48.79 -20.07
CA TYR F 513 15.49 49.56 -20.31
C TYR F 513 15.11 50.97 -20.74
N THR F 514 16.09 51.85 -20.81
CA THR F 514 15.85 53.23 -21.22
C THR F 514 17.07 53.81 -21.92
N LEU F 515 16.85 54.73 -22.85
CA LEU F 515 17.93 55.33 -23.62
C LEU F 515 17.52 56.63 -24.34
N ILE F 516 18.51 57.36 -24.85
CA ILE F 516 18.29 58.50 -25.74
C ILE F 516 18.68 58.08 -27.16
N GLY F 517 17.85 58.43 -28.13
CA GLY F 517 18.06 57.99 -29.50
C GLY F 517 17.12 58.62 -30.51
N ALA F 518 17.20 58.13 -31.75
CA ALA F 518 16.51 58.77 -32.86
C ALA F 518 16.89 60.24 -32.90
N SER F 519 16.00 61.10 -32.40
CA SER F 519 16.25 62.53 -32.37
C SER F 519 16.15 63.09 -30.95
N GLY F 520 17.21 62.90 -30.17
CA GLY F 520 17.26 63.37 -28.80
C GLY F 520 15.99 63.10 -28.02
N GLN F 521 15.51 61.87 -28.08
CA GLN F 521 14.26 61.52 -27.41
C GLN F 521 14.51 60.52 -26.29
N ARG F 522 14.01 60.85 -25.10
CA ARG F 522 14.18 60.00 -23.91
C ARG F 522 13.19 58.85 -23.91
N GLU F 523 13.71 57.62 -24.00
CA GLU F 523 12.85 56.46 -24.26
C GLU F 523 12.81 55.42 -23.15
N VAL F 524 11.71 54.67 -23.13
CA VAL F 524 11.51 53.57 -22.20
C VAL F 524 10.88 52.40 -22.94
N VAL F 525 11.61 51.30 -23.05
CA VAL F 525 11.06 50.08 -23.61
C VAL F 525 11.01 49.00 -22.51
N ALA F 526 9.93 48.20 -22.48
CA ALA F 526 9.67 47.27 -21.38
C ALA F 526 8.83 46.04 -21.76
N ASP F 527 8.62 45.15 -20.79
CA ASP F 527 7.87 43.87 -20.98
C ASP F 527 7.51 43.22 -19.63
N SER F 528 6.26 42.75 -19.49
CA SER F 528 5.80 42.07 -18.28
C SER F 528 5.32 40.63 -18.52
N VAL F 529 5.67 39.71 -17.64
CA VAL F 529 5.33 38.30 -17.80
C VAL F 529 4.77 37.67 -16.52
N TRP F 530 3.67 36.90 -16.63
CA TRP F 530 3.14 36.17 -15.48
C TRP F 530 3.54 34.69 -15.56
N VAL F 531 3.92 34.14 -14.42
CA VAL F 531 4.33 32.73 -14.32
C VAL F 531 3.73 32.06 -13.07
N ASP F 532 2.63 31.33 -13.26
CA ASP F 532 1.98 30.64 -12.15
C ASP F 532 2.80 29.45 -11.68
N VAL F 533 3.38 29.55 -10.50
CA VAL F 533 4.20 28.48 -9.93
C VAL F 533 3.33 27.44 -9.25
N LYS F 534 3.92 26.26 -9.00
CA LYS F 534 3.20 25.18 -8.34
C LYS F 534 2.75 25.58 -6.94
N ASP F 535 1.44 25.63 -6.74
CA ASP F 535 0.89 26.00 -5.44
C ASP F 535 0.91 24.98 -4.30
N SER F 536 1.50 25.37 -3.18
CA SER F 536 1.59 24.50 -2.02
C SER F 536 2.14 25.27 -0.81
N CYS F 537 1.78 24.81 0.39
CA CYS F 537 2.24 25.45 1.61
C CYS F 537 3.61 26.09 1.38
N VAL F 538 3.88 27.19 2.08
CA VAL F 538 5.14 27.91 1.88
C VAL F 538 6.29 27.31 2.68
N GLY F 539 5.95 26.93 3.91
CA GLY F 539 6.75 25.99 4.66
C GLY F 539 6.11 24.64 4.44
N SER F 540 6.02 23.83 5.48
CA SER F 540 5.36 22.55 5.32
C SER F 540 4.60 22.13 6.55
N LEU F 541 3.73 21.16 6.34
CA LEU F 541 2.93 20.62 7.42
C LEU F 541 2.47 19.27 6.95
N VAL F 542 2.68 18.27 7.78
CA VAL F 542 2.21 16.93 7.48
C VAL F 542 1.88 16.21 8.76
N VAL F 543 0.83 15.40 8.71
CA VAL F 543 0.46 14.64 9.89
C VAL F 543 0.30 13.20 9.47
N LYS F 544 1.36 12.42 9.61
CA LYS F 544 1.27 11.02 9.29
C LYS F 544 1.12 10.20 10.56
N SER F 545 1.24 8.89 10.43
CA SER F 545 1.10 7.99 11.57
C SER F 545 2.35 7.93 12.44
N GLY F 546 2.17 7.55 13.71
CA GLY F 546 3.28 7.38 14.63
C GLY F 546 3.89 6.00 14.48
N GLN F 547 3.12 4.97 14.83
CA GLN F 547 3.58 3.59 14.67
C GLN F 547 3.79 3.25 13.19
N SER F 548 5.06 3.24 12.78
CA SER F 548 5.47 3.05 11.39
C SER F 548 4.57 2.02 10.69
N GLU F 549 4.32 0.92 11.38
CA GLU F 549 3.46 -0.13 10.86
C GLU F 549 2.59 -0.56 12.02
N ASP F 550 1.42 -1.11 11.70
CA ASP F 550 0.49 -1.51 12.73
C ASP F 550 -0.79 -1.99 12.08
N ARG F 551 -1.62 -2.65 12.90
CA ARG F 551 -3.00 -2.98 12.51
C ARG F 551 -3.89 -1.84 12.96
N GLN F 552 -5.10 -1.81 12.44
CA GLN F 552 -6.05 -0.79 12.86
C GLN F 552 -6.06 -0.66 14.37
N PRO F 553 -6.16 0.58 14.86
CA PRO F 553 -6.29 0.76 16.30
C PRO F 553 -7.70 0.34 16.71
N VAL F 554 -7.97 0.39 18.00
CA VAL F 554 -9.22 -0.09 18.53
C VAL F 554 -9.85 1.00 19.39
N PRO F 555 -11.20 1.09 19.40
CA PRO F 555 -11.96 2.09 20.14
C PRO F 555 -11.37 2.37 21.51
N GLY F 556 -10.92 3.60 21.75
CA GLY F 556 -10.39 3.98 23.05
C GLY F 556 -8.88 3.76 23.20
N GLN F 557 -8.27 3.18 22.17
CA GLN F 557 -6.85 2.83 22.19
C GLN F 557 -5.90 4.01 22.00
N GLN F 558 -4.70 3.88 22.55
CA GLN F 558 -3.66 4.89 22.40
C GLN F 558 -3.06 4.81 21.01
N MET F 559 -2.85 5.95 20.38
CA MET F 559 -2.19 5.99 19.07
C MET F 559 -1.24 7.17 19.03
N THR F 560 -0.06 6.97 18.45
CA THR F 560 0.90 8.05 18.38
C THR F 560 0.80 8.82 17.06
N LEU F 561 0.68 10.13 17.17
CA LEU F 561 0.49 10.98 16.01
C LEU F 561 1.80 11.68 15.71
N LYS F 562 2.14 11.78 14.43
CA LYS F 562 3.43 12.37 14.00
C LYS F 562 3.19 13.67 13.22
N ILE F 563 3.84 14.75 13.62
CA ILE F 563 3.66 16.05 12.95
C ILE F 563 4.98 16.62 12.46
N GLU F 564 5.18 16.64 11.14
CA GLU F 564 6.40 17.18 10.55
C GLU F 564 6.18 18.58 9.97
N GLY F 565 6.71 19.60 10.65
CA GLY F 565 6.55 20.96 10.19
C GLY F 565 7.69 21.93 10.49
N ASP F 566 7.49 23.18 10.08
CA ASP F 566 8.52 24.19 10.25
C ASP F 566 8.87 24.39 11.70
N HIS F 567 10.16 24.53 11.98
CA HIS F 567 10.63 24.80 13.34
C HIS F 567 9.91 26.01 13.92
N GLY F 568 9.54 25.92 15.19
CA GLY F 568 8.93 27.03 15.91
C GLY F 568 7.49 27.33 15.50
N ALA F 569 7.00 26.64 14.50
CA ALA F 569 5.62 26.86 14.06
C ALA F 569 4.63 26.41 15.13
N ARG F 570 3.42 26.94 15.01
CA ARG F 570 2.32 26.53 15.84
C ARG F 570 1.39 25.66 15.00
N VAL F 571 0.94 24.54 15.56
CA VAL F 571 -0.03 23.69 14.88
C VAL F 571 -1.33 23.74 15.68
N VAL F 572 -2.47 23.73 14.99
CA VAL F 572 -3.72 23.63 15.71
C VAL F 572 -4.55 22.47 15.18
N LEU F 573 -4.87 21.55 16.07
CA LEU F 573 -5.42 20.27 15.65
C LEU F 573 -6.92 20.17 15.82
N VAL F 574 -7.52 19.27 15.05
CA VAL F 574 -8.91 18.86 15.23
C VAL F 574 -9.15 17.60 14.44
N ALA F 575 -9.89 16.68 15.04
CA ALA F 575 -10.23 15.46 14.34
C ALA F 575 -11.76 15.37 14.27
N VAL F 576 -12.29 14.99 13.12
CA VAL F 576 -13.73 14.99 12.90
C VAL F 576 -14.26 13.68 12.31
N ASP F 577 -15.21 13.07 13.01
CA ASP F 577 -15.91 11.90 12.51
C ASP F 577 -16.36 12.20 11.08
N LYS F 578 -15.84 11.44 10.14
CA LYS F 578 -16.07 11.73 8.74
C LYS F 578 -17.55 11.54 8.40
N GLY F 579 -18.32 11.09 9.39
CA GLY F 579 -19.74 10.92 9.19
C GLY F 579 -20.41 12.27 9.06
N VAL F 580 -19.86 13.25 9.77
CA VAL F 580 -20.30 14.62 9.62
C VAL F 580 -20.26 14.95 8.14
N PHE F 581 -19.10 14.80 7.51
CA PHE F 581 -18.97 15.26 6.14
C PHE F 581 -19.97 14.62 5.17
N VAL F 582 -20.69 13.61 5.62
CA VAL F 582 -21.72 13.01 4.79
C VAL F 582 -23.04 13.76 4.90
N LEU F 583 -23.09 14.62 5.92
CA LEU F 583 -24.21 15.52 6.14
C LEU F 583 -23.89 16.87 5.58
N ASN F 584 -22.62 17.27 5.63
CA ASN F 584 -22.19 18.54 5.08
C ASN F 584 -20.69 18.64 4.86
N LYS F 585 -20.27 18.89 3.63
CA LYS F 585 -18.86 18.92 3.33
C LYS F 585 -18.43 20.27 2.87
N LYS F 586 -19.28 21.28 3.11
CA LYS F 586 -19.05 22.61 2.54
C LYS F 586 -18.39 23.52 3.56
N ASN F 587 -17.64 24.51 3.09
CA ASN F 587 -17.14 25.56 3.97
C ASN F 587 -15.96 25.13 4.80
N LYS F 588 -15.34 24.03 4.42
CA LYS F 588 -14.11 23.59 5.09
C LYS F 588 -12.94 24.52 4.74
N LEU F 589 -11.88 24.50 5.55
CA LEU F 589 -10.69 25.26 5.23
C LEU F 589 -9.71 24.41 4.42
N THR F 590 -9.13 25.04 3.38
CA THR F 590 -8.23 24.40 2.45
C THR F 590 -7.10 25.36 2.27
N GLN F 591 -5.91 24.89 1.94
CA GLN F 591 -4.86 25.85 1.63
C GLN F 591 -5.16 26.39 0.25
N SER F 592 -5.84 25.58 -0.55
CA SER F 592 -6.13 25.94 -1.92
C SER F 592 -7.11 27.07 -1.87
N LYS F 593 -7.90 27.09 -0.80
CA LYS F 593 -8.88 28.16 -0.67
C LYS F 593 -8.15 29.46 -0.38
N ILE F 594 -7.03 29.38 0.34
CA ILE F 594 -6.23 30.55 0.65
C ILE F 594 -5.49 31.07 -0.57
N TRP F 595 -4.84 30.18 -1.32
CA TRP F 595 -4.17 30.67 -2.50
C TRP F 595 -5.21 31.42 -3.34
N ASP F 596 -6.45 30.93 -3.35
CA ASP F 596 -7.47 31.56 -4.17
C ASP F 596 -7.83 32.95 -3.65
N VAL F 597 -7.72 33.15 -2.35
CA VAL F 597 -7.97 34.47 -1.77
C VAL F 597 -6.86 35.43 -2.16
N VAL F 598 -5.64 34.91 -2.23
CA VAL F 598 -4.46 35.71 -2.51
C VAL F 598 -4.33 36.15 -3.98
N GLU F 599 -4.77 35.31 -4.90
CA GLU F 599 -4.71 35.69 -6.31
C GLU F 599 -5.78 36.71 -6.65
N LYS F 600 -7.00 36.50 -6.18
CA LYS F 600 -8.07 37.45 -6.50
C LYS F 600 -7.75 38.79 -5.91
N ALA F 601 -6.71 38.83 -5.10
CA ALA F 601 -6.26 40.08 -4.53
C ALA F 601 -5.06 40.63 -5.27
N ASP F 602 -4.84 40.15 -6.50
CA ASP F 602 -3.70 40.64 -7.24
C ASP F 602 -4.05 42.02 -7.72
N ILE F 603 -3.05 42.89 -7.81
CA ILE F 603 -3.24 44.23 -8.32
C ILE F 603 -2.92 44.23 -9.81
N GLY F 604 -2.15 43.23 -10.24
CA GLY F 604 -1.89 43.05 -11.64
C GLY F 604 -3.04 42.33 -12.33
N CYS F 605 -3.49 42.87 -13.46
CA CYS F 605 -4.73 42.43 -14.06
C CYS F 605 -4.58 41.77 -15.42
N THR F 606 -3.34 41.69 -15.88
CA THR F 606 -3.06 41.13 -17.19
C THR F 606 -2.09 39.98 -17.08
N PRO F 607 -2.18 39.02 -17.99
CA PRO F 607 -1.20 37.94 -18.00
C PRO F 607 0.21 38.46 -18.32
N GLY F 608 0.32 39.31 -19.34
CA GLY F 608 1.60 39.90 -19.70
C GLY F 608 1.60 41.20 -20.49
N SER F 609 2.72 41.92 -20.45
CA SER F 609 2.96 43.09 -21.31
C SER F 609 2.20 44.38 -20.98
N GLY F 610 2.25 45.32 -21.92
CA GLY F 610 1.55 46.58 -21.81
C GLY F 610 1.23 47.07 -23.22
N LYS F 611 0.19 47.88 -23.36
CA LYS F 611 -0.14 48.44 -24.67
C LYS F 611 1.04 49.30 -25.10
N ASP F 612 1.61 50.01 -24.14
CA ASP F 612 2.77 50.87 -24.35
C ASP F 612 3.75 50.65 -23.19
N TYR F 613 4.91 51.30 -23.26
CA TYR F 613 5.86 51.24 -22.17
C TYR F 613 5.14 51.46 -20.84
N ALA F 614 4.15 52.38 -20.85
CA ALA F 614 3.46 52.83 -19.63
C ALA F 614 2.30 51.93 -19.21
N GLY F 615 1.97 50.96 -20.05
CA GLY F 615 0.93 49.99 -19.73
C GLY F 615 1.55 48.80 -19.01
N VAL F 616 2.56 48.20 -19.63
CA VAL F 616 3.36 47.16 -18.98
C VAL F 616 3.46 47.49 -17.49
N PHE F 617 3.66 48.77 -17.19
CA PHE F 617 3.84 49.18 -15.82
C PHE F 617 2.54 49.20 -14.99
N SER F 618 1.43 49.61 -15.60
CA SER F 618 0.17 49.67 -14.87
C SER F 618 -0.56 48.33 -14.91
N ASP F 619 -0.20 47.47 -15.86
CA ASP F 619 -0.82 46.15 -15.91
C ASP F 619 -0.35 45.27 -14.75
N ALA F 620 0.96 45.05 -14.62
CA ALA F 620 1.48 44.55 -13.35
C ALA F 620 1.22 45.67 -12.34
N GLY F 621 1.22 45.36 -11.06
CA GLY F 621 0.88 46.38 -10.07
C GLY F 621 2.00 47.39 -9.85
N LEU F 622 2.17 48.33 -10.78
CA LEU F 622 3.31 49.22 -10.75
C LEU F 622 3.08 50.62 -11.34
N THR F 623 3.89 51.56 -10.88
CA THR F 623 3.93 52.90 -11.44
C THR F 623 5.36 53.29 -11.74
N PHE F 624 5.56 54.03 -12.82
CA PHE F 624 6.88 54.50 -13.22
C PHE F 624 6.86 56.00 -13.42
N THR F 625 7.52 56.71 -12.52
CA THR F 625 7.63 58.14 -12.68
C THR F 625 9.09 58.55 -12.75
N SER F 626 9.44 59.25 -13.83
CA SER F 626 10.81 59.66 -14.05
C SER F 626 10.94 61.16 -14.05
N SER F 627 12.15 61.64 -13.79
CA SER F 627 12.47 63.04 -13.92
C SER F 627 11.96 63.61 -15.26
N SER F 628 12.31 62.93 -16.35
CA SER F 628 11.98 63.40 -17.69
C SER F 628 10.47 63.44 -17.94
N GLY F 629 9.69 63.14 -16.91
CA GLY F 629 8.24 63.30 -16.96
C GLY F 629 7.47 62.15 -17.56
N GLN F 630 8.17 61.09 -17.94
CA GLN F 630 7.49 59.93 -18.52
C GLN F 630 6.88 59.06 -17.42
N GLN F 631 5.70 59.48 -16.94
CA GLN F 631 5.01 58.79 -15.87
C GLN F 631 3.91 57.89 -16.42
N THR F 632 3.48 56.94 -15.60
CA THR F 632 2.44 56.00 -16.01
C THR F 632 1.05 56.56 -15.73
N ALA F 633 0.07 56.13 -16.50
CA ALA F 633 -1.31 56.48 -16.20
C ALA F 633 -1.51 56.27 -14.71
N GLN F 634 -1.78 57.35 -13.99
CA GLN F 634 -2.11 57.26 -12.56
C GLN F 634 -3.14 56.14 -12.35
N ARG F 635 -3.08 55.48 -11.20
CA ARG F 635 -4.09 54.49 -10.89
C ARG F 635 -5.01 54.97 -9.76
N ALA F 636 -6.30 55.03 -10.04
CA ALA F 636 -7.28 55.48 -9.06
C ALA F 636 -8.49 54.55 -8.98
N GLU F 637 -8.31 53.32 -9.42
CA GLU F 637 -9.34 52.30 -9.26
C GLU F 637 -8.82 51.14 -8.40
N LEU F 638 -9.55 50.80 -7.34
CA LEU F 638 -9.13 49.79 -6.39
C LEU F 638 -9.08 48.41 -7.02
N GLN F 639 -10.21 48.00 -7.62
CA GLN F 639 -10.28 46.71 -8.29
C GLN F 639 -9.76 46.79 -9.72
N CYS F 640 -9.49 45.62 -10.29
CA CYS F 640 -9.10 45.53 -11.69
C CYS F 640 -10.26 45.97 -12.59
N PRO F 641 -9.98 46.12 -13.90
CA PRO F 641 -11.04 46.50 -14.84
C PRO F 641 -12.22 45.57 -14.74
N GLN F 642 -13.35 46.09 -14.28
CA GLN F 642 -14.60 45.36 -14.30
C GLN F 642 -14.63 44.54 -15.59
N PRO F 643 -14.74 43.21 -15.44
CA PRO F 643 -14.66 42.29 -16.59
C PRO F 643 -15.50 42.79 -17.77
N CYS G 38 36.92 -34.82 8.04
CA CYS G 38 37.35 -33.92 9.09
C CYS G 38 38.64 -33.20 8.77
N ASN G 39 39.71 -33.64 9.44
CA ASN G 39 41.06 -33.16 9.16
C ASN G 39 41.32 -31.69 9.48
N LYS G 40 40.40 -30.80 9.11
CA LYS G 40 40.65 -29.39 9.41
C LYS G 40 40.33 -29.11 10.89
N PHE G 41 39.38 -29.87 11.42
CA PHE G 41 39.03 -29.79 12.83
C PHE G 41 39.03 -31.17 13.48
N ASP G 42 39.31 -31.23 14.78
CA ASP G 42 39.18 -32.46 15.56
C ASP G 42 37.92 -32.38 16.43
N LEU G 43 37.27 -33.49 16.69
CA LEU G 43 36.04 -33.45 17.49
C LEU G 43 35.78 -34.69 18.37
N LYS G 44 35.97 -34.53 19.68
CA LYS G 44 35.78 -35.61 20.65
C LYS G 44 34.62 -35.26 21.57
N VAL G 45 33.53 -36.00 21.43
CA VAL G 45 32.30 -35.69 22.14
C VAL G 45 31.95 -36.71 23.20
N THR G 46 32.24 -36.37 24.45
CA THR G 46 32.07 -37.29 25.56
C THR G 46 30.71 -37.12 26.25
N ILE G 47 29.83 -38.10 26.09
CA ILE G 47 28.53 -38.05 26.76
C ILE G 47 28.45 -38.99 28.00
N LYS G 48 28.80 -38.44 29.17
CA LYS G 48 28.90 -39.22 30.40
C LYS G 48 27.75 -38.88 31.35
N PRO G 49 27.35 -39.84 32.21
CA PRO G 49 26.43 -39.54 33.32
C PRO G 49 27.13 -38.85 34.47
N ALA G 50 26.42 -38.00 35.20
CA ALA G 50 26.99 -37.28 36.33
C ALA G 50 26.82 -38.06 37.63
N PRO G 51 27.68 -37.76 38.60
CA PRO G 51 27.63 -38.44 39.90
C PRO G 51 26.73 -37.71 40.88
N GLU G 52 26.56 -38.28 42.07
CA GLU G 52 25.71 -37.68 43.10
C GLU G 52 24.46 -38.52 43.33
N ALA G 60 15.84 -37.71 39.52
CA ALA G 60 16.71 -37.55 38.37
C ALA G 60 17.06 -38.91 37.77
N LYS G 61 18.30 -39.35 38.04
CA LYS G 61 18.75 -40.69 37.63
C LYS G 61 18.98 -40.80 36.13
N ASN G 62 18.75 -39.70 35.42
CA ASN G 62 18.91 -39.69 33.97
C ASN G 62 19.90 -38.63 33.50
N THR G 63 19.91 -37.48 34.19
CA THR G 63 20.74 -36.33 33.82
C THR G 63 22.26 -36.63 33.68
N MET G 64 22.90 -36.03 32.68
CA MET G 64 24.32 -36.27 32.37
C MET G 64 25.08 -35.03 31.87
N ILE G 65 26.37 -35.23 31.55
CA ILE G 65 27.25 -34.14 31.10
C ILE G 65 27.76 -34.33 29.67
N LEU G 66 27.52 -33.34 28.82
CA LEU G 66 28.04 -33.35 27.45
C LEU G 66 29.32 -32.55 27.38
N GLU G 67 30.39 -33.18 26.88
CA GLU G 67 31.68 -32.51 26.79
C GLU G 67 32.16 -32.46 25.34
N ILE G 68 32.56 -31.27 24.90
CA ILE G 68 32.98 -31.06 23.52
C ILE G 68 34.41 -30.56 23.46
N CYS G 69 35.23 -31.29 22.71
CA CYS G 69 36.65 -30.98 22.59
C CYS G 69 37.05 -30.82 21.13
N THR G 70 37.63 -29.67 20.81
CA THR G 70 38.00 -29.36 19.46
C THR G 70 39.39 -28.78 19.41
N ARG G 71 40.09 -29.08 18.32
CA ARG G 71 41.39 -28.48 18.02
C ARG G 71 41.44 -28.20 16.53
N TYR G 72 42.17 -27.17 16.14
CA TYR G 72 42.30 -26.84 14.73
C TYR G 72 43.60 -27.38 14.17
N ARG G 73 43.50 -28.05 13.04
CA ARG G 73 44.69 -28.57 12.38
C ARG G 73 45.26 -27.53 11.41
N GLY G 74 46.17 -26.70 11.93
CA GLY G 74 46.76 -25.61 11.18
C GLY G 74 47.86 -24.96 11.99
N ASP G 75 48.43 -23.88 11.45
CA ASP G 75 49.55 -23.19 12.10
C ASP G 75 49.12 -22.12 13.11
N GLN G 76 48.08 -21.37 12.76
CA GLN G 76 47.52 -20.36 13.66
C GLN G 76 46.25 -20.92 14.29
N ASP G 77 45.81 -20.33 15.40
CA ASP G 77 44.51 -20.67 15.96
C ASP G 77 43.42 -20.19 15.03
N ALA G 78 42.39 -21.00 14.80
CA ALA G 78 41.31 -20.57 13.92
C ALA G 78 40.71 -19.27 14.44
N THR G 79 40.00 -18.54 13.57
CA THR G 79 39.25 -17.38 14.03
C THR G 79 37.84 -17.80 14.40
N MET G 80 37.00 -16.81 14.68
CA MET G 80 35.61 -17.08 15.01
C MET G 80 35.13 -18.42 14.46
N SER G 81 34.59 -19.26 15.32
CA SER G 81 34.12 -20.58 14.89
C SER G 81 32.82 -20.99 15.56
N ILE G 82 32.06 -21.83 14.86
CA ILE G 82 30.73 -22.23 15.25
C ILE G 82 30.70 -23.64 15.84
N LEU G 83 30.02 -23.81 16.98
CA LEU G 83 29.67 -25.13 17.48
C LEU G 83 28.15 -25.35 17.35
N ASP G 84 27.76 -26.18 16.39
CA ASP G 84 26.34 -26.39 16.13
C ASP G 84 25.86 -27.73 16.72
N ILE G 85 25.30 -27.64 17.94
CA ILE G 85 24.93 -28.79 18.76
C ILE G 85 23.47 -29.14 18.62
N SER G 86 23.11 -30.40 18.86
CA SER G 86 21.71 -30.80 19.02
C SER G 86 21.50 -31.78 20.16
N MET G 87 20.36 -31.67 20.83
CA MET G 87 20.06 -32.50 22.00
C MET G 87 19.51 -33.87 21.62
N MET G 88 19.72 -34.83 22.50
CA MET G 88 19.15 -36.15 22.30
C MET G 88 17.68 -36.05 22.65
N THR G 89 16.81 -36.59 21.80
CA THR G 89 15.38 -36.46 22.06
C THR G 89 15.13 -36.73 23.55
N GLY G 90 14.68 -35.72 24.27
CA GLY G 90 14.42 -35.90 25.68
C GLY G 90 15.30 -35.03 26.55
N PHE G 91 16.34 -34.45 25.97
CA PHE G 91 17.22 -33.59 26.75
C PHE G 91 17.20 -32.14 26.30
N ALA G 92 17.77 -31.30 27.15
CA ALA G 92 18.04 -29.91 26.83
C ALA G 92 18.94 -29.31 27.92
N PRO G 93 19.88 -28.49 27.50
CA PRO G 93 20.96 -27.98 28.35
C PRO G 93 20.48 -27.43 29.68
N ASP G 94 21.28 -27.63 30.72
CA ASP G 94 21.08 -26.92 31.97
C ASP G 94 21.42 -25.46 31.74
N THR G 95 20.45 -24.59 32.00
CA THR G 95 20.57 -23.16 31.71
C THR G 95 21.67 -22.50 32.53
N ASP G 96 21.55 -22.61 33.84
CA ASP G 96 22.52 -22.03 34.77
C ASP G 96 23.95 -22.27 34.28
N ASP G 97 24.15 -23.38 33.55
CA ASP G 97 25.44 -23.70 32.96
C ASP G 97 25.69 -22.85 31.72
N LEU G 98 24.72 -22.86 30.81
CA LEU G 98 24.87 -22.18 29.53
C LEU G 98 25.24 -20.74 29.71
N LYS G 99 24.64 -20.07 30.68
CA LYS G 99 24.98 -18.68 30.94
C LYS G 99 26.46 -18.65 31.25
N GLN G 100 26.83 -19.32 32.33
CA GLN G 100 28.22 -19.38 32.77
C GLN G 100 29.13 -19.19 31.57
N LEU G 101 29.02 -20.14 30.64
CA LEU G 101 29.78 -20.15 29.40
C LEU G 101 29.78 -18.81 28.68
N ALA G 102 28.59 -18.31 28.35
CA ALA G 102 28.45 -17.08 27.56
C ALA G 102 29.07 -15.85 28.22
N ASN G 103 29.12 -15.88 29.55
CA ASN G 103 29.80 -14.87 30.34
C ASN G 103 31.28 -14.97 30.04
N GLY G 104 31.71 -16.19 29.77
CA GLY G 104 33.09 -16.46 29.43
C GLY G 104 33.54 -15.64 28.23
N VAL G 105 34.86 -15.42 28.16
CA VAL G 105 35.42 -14.77 26.99
C VAL G 105 35.89 -15.88 26.04
N ASP G 106 36.12 -15.52 24.78
CA ASP G 106 36.40 -16.51 23.73
C ASP G 106 35.10 -17.17 23.33
N ARG G 107 34.11 -17.06 24.20
CA ARG G 107 32.81 -17.65 23.96
C ARG G 107 31.65 -16.69 24.19
N TYR G 108 30.56 -16.99 23.51
CA TYR G 108 29.36 -16.18 23.60
C TYR G 108 28.18 -16.98 23.08
N ILE G 109 27.03 -16.82 23.72
CA ILE G 109 25.82 -17.33 23.14
C ILE G 109 24.83 -16.18 23.09
N SER G 110 24.09 -16.10 21.98
CA SER G 110 23.18 -14.97 21.72
C SER G 110 22.16 -14.88 22.81
N LYS G 111 21.81 -13.67 23.21
CA LYS G 111 20.73 -13.57 24.15
C LYS G 111 19.69 -14.50 23.61
N TYR G 112 19.21 -14.19 22.41
CA TYR G 112 18.11 -14.92 21.79
C TYR G 112 18.01 -16.37 22.22
N GLU G 113 19.15 -17.04 22.36
CA GLU G 113 19.12 -18.46 22.70
C GLU G 113 19.02 -18.67 24.22
N LEU G 114 19.65 -17.79 24.97
CA LEU G 114 19.55 -17.82 26.43
C LEU G 114 18.11 -17.65 26.92
N ASP G 115 17.42 -16.63 26.44
CA ASP G 115 16.07 -16.31 26.92
C ASP G 115 15.09 -17.49 26.89
N LYS G 116 15.11 -18.28 25.81
CA LYS G 116 14.18 -19.42 25.72
C LYS G 116 14.22 -20.33 26.95
N ALA G 117 13.10 -21.01 27.21
CA ALA G 117 12.98 -21.84 28.39
C ALA G 117 13.75 -23.10 28.06
N PHE G 118 14.55 -23.64 28.99
CA PHE G 118 15.46 -24.76 28.62
C PHE G 118 14.73 -25.78 27.76
N SER G 119 13.49 -26.08 28.14
CA SER G 119 12.65 -26.99 27.38
C SER G 119 12.53 -26.74 25.87
N ASP G 120 12.73 -25.50 25.43
CA ASP G 120 12.42 -25.12 24.05
C ASP G 120 13.71 -25.09 23.25
N ARG G 121 14.76 -25.65 23.82
CA ARG G 121 16.10 -25.47 23.27
C ARG G 121 16.76 -26.76 22.80
N ASN G 122 16.22 -27.40 21.78
CA ASN G 122 16.75 -28.68 21.33
C ASN G 122 17.88 -28.63 20.30
N THR G 123 18.12 -27.46 19.73
CA THR G 123 19.38 -27.21 19.05
C THR G 123 19.85 -25.89 19.62
N LEU G 124 21.07 -25.50 19.30
CA LEU G 124 21.68 -24.37 19.94
C LEU G 124 23.09 -24.20 19.41
N ILE G 125 23.49 -22.97 19.12
CA ILE G 125 24.82 -22.72 18.65
C ILE G 125 25.66 -22.00 19.69
N ILE G 126 26.91 -22.41 19.84
CA ILE G 126 27.85 -21.72 20.72
C ILE G 126 28.96 -21.11 19.88
N TYR G 127 29.00 -19.79 19.77
CA TYR G 127 30.04 -19.18 18.96
C TYR G 127 31.34 -19.10 19.77
N LEU G 128 32.47 -19.19 19.07
CA LEU G 128 33.80 -19.21 19.66
C LEU G 128 34.66 -18.14 18.99
N ASP G 129 35.40 -17.37 19.79
CA ASP G 129 36.29 -16.35 19.26
C ASP G 129 37.55 -16.96 18.63
N LYS G 130 37.80 -18.25 18.92
CA LYS G 130 38.99 -18.94 18.47
C LYS G 130 38.91 -20.43 18.83
N VAL G 131 39.74 -21.25 18.17
CA VAL G 131 40.02 -22.62 18.62
C VAL G 131 41.48 -22.96 18.37
N SER G 132 42.17 -23.35 19.43
CA SER G 132 43.62 -23.51 19.37
C SER G 132 44.08 -24.53 18.32
N HIS G 133 45.17 -24.21 17.64
CA HIS G 133 45.81 -25.14 16.70
C HIS G 133 46.69 -26.09 17.49
N SER G 134 46.99 -25.68 18.72
CA SER G 134 47.93 -26.36 19.61
C SER G 134 47.30 -27.54 20.32
N GLU G 135 46.59 -27.27 21.42
CA GLU G 135 45.89 -28.35 22.13
C GLU G 135 44.37 -28.29 22.02
N ASP G 136 43.69 -29.27 22.60
CA ASP G 136 42.23 -29.35 22.55
C ASP G 136 41.58 -28.27 23.42
N ASP G 137 40.61 -27.55 22.86
CA ASP G 137 39.81 -26.64 23.64
C ASP G 137 38.49 -27.31 23.96
N CYS G 138 38.23 -27.47 25.25
CA CYS G 138 37.10 -28.28 25.68
C CYS G 138 36.18 -27.52 26.60
N LEU G 139 34.97 -28.03 26.73
CA LEU G 139 33.99 -27.49 27.64
C LEU G 139 32.89 -28.53 27.78
N ALA G 140 31.94 -28.25 28.66
CA ALA G 140 30.83 -29.17 28.88
C ALA G 140 29.70 -28.49 29.66
N PHE G 141 28.51 -29.07 29.57
CA PHE G 141 27.34 -28.57 30.29
C PHE G 141 26.40 -29.71 30.61
N LYS G 142 25.89 -29.75 31.84
CA LYS G 142 24.98 -30.81 32.25
C LYS G 142 23.76 -30.74 31.37
N VAL G 143 23.33 -31.86 30.80
CA VAL G 143 22.02 -31.86 30.18
C VAL G 143 21.09 -32.70 31.05
N HIS G 144 19.78 -32.47 30.92
CA HIS G 144 18.76 -33.16 31.69
C HIS G 144 17.68 -33.67 30.75
N GLN G 145 17.30 -34.94 30.91
CA GLN G 145 16.15 -35.46 30.17
C GLN G 145 14.95 -35.04 30.96
N TYR G 146 14.00 -34.37 30.32
CA TYR G 146 12.78 -33.95 30.98
C TYR G 146 11.62 -34.79 30.47
N PHE G 147 11.90 -35.60 29.46
CA PHE G 147 10.86 -36.28 28.73
C PHE G 147 11.11 -37.79 28.66
N ASN G 148 10.14 -38.60 29.03
CA ASN G 148 10.38 -40.05 29.00
C ASN G 148 10.04 -40.68 27.65
N VAL G 149 11.04 -41.23 26.96
CA VAL G 149 10.80 -41.95 25.69
C VAL G 149 11.68 -43.15 25.45
N GLU G 150 11.11 -44.08 24.69
CA GLU G 150 11.83 -45.21 24.15
C GLU G 150 12.41 -44.79 22.81
N LEU G 151 13.57 -45.34 22.48
CA LEU G 151 14.25 -45.06 21.23
C LEU G 151 14.66 -43.60 21.12
N ILE G 152 15.66 -43.22 21.91
CA ILE G 152 16.13 -41.84 21.92
C ILE G 152 17.24 -41.59 20.89
N GLN G 153 16.90 -40.90 19.81
CA GLN G 153 17.87 -40.58 18.78
C GLN G 153 19.09 -39.86 19.33
N PRO G 154 20.23 -40.03 18.67
CA PRO G 154 21.49 -39.42 19.07
C PRO G 154 21.58 -37.94 18.74
N GLY G 155 22.08 -37.16 19.69
CA GLY G 155 22.49 -35.79 19.44
C GLY G 155 23.78 -35.76 18.62
N ALA G 156 24.15 -34.55 18.17
CA ALA G 156 25.40 -34.34 17.45
C ALA G 156 25.95 -32.93 17.56
N VAL G 157 27.26 -32.84 17.50
CA VAL G 157 27.97 -31.58 17.50
C VAL G 157 28.57 -31.34 16.12
N LYS G 158 28.70 -30.07 15.70
CA LYS G 158 29.39 -29.74 14.47
C LYS G 158 30.31 -28.55 14.67
N VAL G 159 31.45 -28.53 13.97
CA VAL G 159 32.34 -27.37 14.04
C VAL G 159 32.78 -26.83 12.69
N TYR G 160 33.20 -25.56 12.68
CA TYR G 160 33.80 -24.95 11.50
C TYR G 160 34.14 -23.52 11.78
N ALA G 161 34.98 -22.94 10.93
CA ALA G 161 35.23 -21.52 11.01
C ALA G 161 34.20 -20.80 10.14
N TYR G 162 33.77 -19.63 10.61
CA TYR G 162 32.69 -18.91 9.96
C TYR G 162 32.93 -18.80 8.46
N TYR G 163 34.19 -18.57 8.06
CA TYR G 163 34.48 -18.34 6.65
C TYR G 163 34.08 -19.50 5.76
N ASN G 164 34.50 -20.71 6.11
CA ASN G 164 34.26 -21.86 5.24
C ASN G 164 33.57 -23.06 5.90
N LEU G 165 32.38 -23.36 5.38
CA LEU G 165 31.51 -24.39 5.94
C LEU G 165 31.84 -25.82 5.50
N GLU G 166 32.33 -25.99 4.28
CA GLU G 166 32.60 -27.35 3.78
C GLU G 166 33.74 -27.99 4.55
N GLU G 167 34.61 -27.18 5.16
CA GLU G 167 35.60 -27.71 6.07
C GLU G 167 35.07 -27.75 7.50
N SER G 168 34.15 -28.68 7.73
CA SER G 168 33.56 -28.91 9.03
C SER G 168 33.99 -30.28 9.54
N CYS G 169 33.68 -30.56 10.79
CA CYS G 169 33.74 -31.91 11.33
C CYS G 169 32.49 -32.07 12.17
N THR G 170 32.10 -33.30 12.45
CA THR G 170 30.74 -33.56 12.88
C THR G 170 30.67 -34.85 13.67
N ARG G 171 30.64 -34.74 15.00
CA ARG G 171 30.62 -35.91 15.87
C ARG G 171 29.29 -36.16 16.57
N PHE G 172 28.77 -37.38 16.48
CA PHE G 172 27.56 -37.77 17.20
C PHE G 172 27.87 -38.27 18.62
N TYR G 173 26.82 -38.34 19.44
CA TYR G 173 26.92 -38.89 20.78
C TYR G 173 25.60 -39.55 21.22
N HIS G 174 25.65 -40.46 22.20
CA HIS G 174 24.48 -41.24 22.61
C HIS G 174 24.84 -42.10 23.79
N PRO G 175 23.87 -42.32 24.70
CA PRO G 175 24.16 -43.01 25.96
C PRO G 175 24.57 -44.48 25.76
N GLU G 176 23.89 -45.20 24.88
CA GLU G 176 24.16 -46.62 24.68
C GLU G 176 24.98 -46.88 23.42
N LYS G 177 24.46 -46.44 22.27
CA LYS G 177 25.21 -46.57 21.02
C LYS G 177 26.64 -46.08 21.23
N GLU G 178 27.59 -46.89 20.79
CA GLU G 178 28.99 -46.60 21.08
C GLU G 178 29.40 -45.18 20.67
N ASP G 179 29.28 -44.87 19.38
CA ASP G 179 29.78 -43.62 18.81
C ASP G 179 28.70 -42.61 18.46
N GLY G 180 27.49 -42.82 18.97
CA GLY G 180 26.34 -42.07 18.50
C GLY G 180 26.00 -42.58 17.13
N LYS G 181 26.57 -43.74 16.81
CA LYS G 181 26.43 -44.35 15.50
C LYS G 181 25.22 -45.28 15.46
N LEU G 182 24.36 -45.11 14.47
CA LEU G 182 23.24 -46.01 14.33
C LEU G 182 23.74 -47.42 14.06
N ASN G 183 22.83 -48.38 14.13
CA ASN G 183 23.21 -49.78 13.94
C ASN G 183 23.02 -50.26 12.51
N LYS G 184 24.14 -50.40 11.80
CA LYS G 184 24.12 -50.92 10.44
C LYS G 184 24.95 -52.19 10.25
N LEU G 185 24.76 -52.81 9.11
CA LEU G 185 25.37 -54.09 8.83
C LEU G 185 25.95 -54.01 7.43
N CYS G 186 27.26 -53.84 7.34
CA CYS G 186 27.88 -53.62 6.04
C CYS G 186 28.98 -54.62 5.73
N ARG G 187 28.84 -55.31 4.60
CA ARG G 187 29.91 -56.17 4.12
C ARG G 187 30.49 -55.57 2.85
N ASP G 188 31.79 -55.27 2.89
CA ASP G 188 32.48 -54.64 1.78
C ASP G 188 31.85 -53.27 1.48
N GLU G 189 30.98 -53.19 0.49
CA GLU G 189 30.43 -51.89 0.11
C GLU G 189 28.93 -51.76 0.32
N LEU G 190 28.27 -52.88 0.57
CA LEU G 190 26.82 -52.90 0.67
C LEU G 190 26.39 -52.84 2.15
N CYS G 191 25.53 -51.88 2.47
CA CYS G 191 25.00 -51.76 3.83
C CYS G 191 23.50 -51.90 3.88
N ARG G 192 22.99 -52.39 5.00
CA ARG G 192 21.55 -52.49 5.18
C ARG G 192 21.26 -52.24 6.65
N CYS G 193 20.04 -51.76 6.91
CA CYS G 193 19.71 -51.19 8.21
C CYS G 193 19.48 -52.24 9.28
N ALA G 194 20.02 -51.97 10.47
CA ALA G 194 19.89 -52.87 11.58
C ALA G 194 19.69 -52.10 12.88
N GLU G 195 18.71 -51.19 12.85
CA GLU G 195 18.29 -50.51 14.06
C GLU G 195 16.99 -51.12 14.57
N GLU G 196 16.67 -52.30 14.08
CA GLU G 196 15.47 -53.00 14.51
C GLU G 196 15.77 -53.76 15.80
N ASN G 197 14.88 -54.66 16.16
CA ASN G 197 15.06 -55.47 17.36
C ASN G 197 15.81 -56.75 16.99
N CYS G 198 16.48 -57.38 17.94
CA CYS G 198 16.97 -58.73 17.73
C CYS G 198 15.78 -59.69 17.58
N PHE G 199 16.05 -60.96 17.29
CA PHE G 199 15.00 -61.95 17.12
C PHE G 199 14.11 -62.03 18.36
N ILE G 200 12.83 -62.30 18.14
CA ILE G 200 11.87 -62.40 19.23
C ILE G 200 10.52 -62.93 18.74
N LYS G 206 5.83 -70.18 26.97
CA LYS G 206 4.64 -69.79 26.24
C LYS G 206 4.71 -70.28 24.79
N VAL G 207 5.58 -71.25 24.54
CA VAL G 207 5.75 -71.81 23.20
C VAL G 207 5.02 -73.13 23.06
N THR G 208 4.09 -73.20 22.12
CA THR G 208 3.32 -74.41 21.87
C THR G 208 3.34 -74.79 20.40
N LEU G 209 3.31 -76.10 20.12
CA LEU G 209 3.32 -76.59 18.75
C LEU G 209 2.37 -75.74 17.92
N GLU G 210 1.37 -75.20 18.59
CA GLU G 210 0.37 -74.34 17.97
C GLU G 210 0.91 -72.94 17.66
N GLU G 211 1.64 -72.36 18.62
CA GLU G 211 2.22 -71.03 18.44
C GLU G 211 3.25 -71.04 17.32
N ARG G 212 3.63 -72.22 16.86
CA ARG G 212 4.66 -72.37 15.83
C ARG G 212 4.03 -72.73 14.50
N LEU G 213 2.98 -73.54 14.52
CA LEU G 213 2.20 -73.79 13.32
C LEU G 213 1.46 -72.52 12.91
N ASP G 214 1.59 -71.48 13.73
CA ASP G 214 1.12 -70.16 13.38
C ASP G 214 2.25 -69.27 12.85
N LYS G 215 3.00 -68.65 13.76
CA LYS G 215 4.06 -67.73 13.37
C LYS G 215 4.94 -68.26 12.24
N ALA G 216 4.97 -69.59 12.06
CA ALA G 216 5.84 -70.20 11.06
C ALA G 216 5.16 -70.53 9.75
N CYS G 217 4.17 -69.75 9.36
CA CYS G 217 3.51 -69.92 8.06
C CYS G 217 3.13 -68.58 7.48
N GLU G 218 3.54 -67.52 8.18
CA GLU G 218 3.29 -66.16 7.74
C GLU G 218 3.83 -65.96 6.32
N PRO G 219 3.67 -64.74 5.76
CA PRO G 219 4.19 -64.49 4.42
C PRO G 219 5.72 -64.60 4.37
N GLY G 220 6.37 -63.92 5.31
CA GLY G 220 7.82 -63.84 5.37
C GLY G 220 8.54 -65.18 5.36
N VAL G 221 8.10 -66.10 6.21
CA VAL G 221 8.73 -67.41 6.31
C VAL G 221 8.94 -67.99 4.92
N ASP G 222 10.15 -68.51 4.69
CA ASP G 222 10.57 -68.95 3.37
C ASP G 222 11.69 -69.99 3.55
N TYR G 223 12.29 -69.99 4.74
CA TYR G 223 13.23 -71.03 5.12
C TYR G 223 13.00 -71.49 6.55
N VAL G 224 12.81 -72.80 6.72
CA VAL G 224 12.68 -73.42 8.02
C VAL G 224 13.72 -74.52 8.14
N TYR G 225 14.66 -74.36 9.07
CA TYR G 225 15.81 -75.26 9.15
C TYR G 225 16.08 -75.85 10.54
N LYS G 226 16.64 -77.07 10.56
CA LYS G 226 17.26 -77.64 11.75
C LYS G 226 18.75 -77.81 11.45
N THR G 227 19.57 -76.88 11.94
CA THR G 227 20.97 -76.82 11.55
C THR G 227 21.94 -76.88 12.72
N ARG G 228 23.09 -77.49 12.47
CA ARG G 228 24.15 -77.60 13.46
C ARG G 228 25.20 -76.53 13.16
N LEU G 229 25.79 -75.98 14.22
CA LEU G 229 26.67 -74.82 14.09
C LEU G 229 28.15 -75.19 14.11
N VAL G 230 28.81 -74.98 12.97
CA VAL G 230 30.21 -75.35 12.80
C VAL G 230 31.15 -74.32 13.42
N LYS G 231 31.33 -73.19 12.73
CA LYS G 231 32.32 -72.18 13.08
C LYS G 231 31.68 -70.96 13.72
N VAL G 232 32.18 -70.56 14.88
CA VAL G 232 31.71 -69.34 15.55
C VAL G 232 32.77 -68.23 15.49
N GLN G 233 32.69 -67.40 14.44
CA GLN G 233 33.61 -66.27 14.29
C GLN G 233 33.05 -65.01 14.94
N LEU G 234 33.89 -63.98 15.05
CA LEU G 234 33.46 -62.69 15.58
C LEU G 234 34.37 -61.58 15.04
N SER G 235 33.87 -60.35 15.10
CA SER G 235 34.64 -59.18 14.70
C SER G 235 34.20 -57.99 15.54
N ASN G 236 34.91 -56.86 15.42
CA ASN G 236 34.55 -55.66 16.18
C ASN G 236 33.31 -55.01 15.61
N ASP G 237 33.03 -55.30 14.33
CA ASP G 237 31.87 -54.75 13.64
C ASP G 237 30.69 -55.73 13.57
N PHE G 238 30.86 -56.84 12.84
CA PHE G 238 29.78 -57.81 12.68
C PHE G 238 30.25 -59.26 12.83
N ASP G 239 29.70 -59.97 13.80
CA ASP G 239 30.00 -61.39 13.99
C ASP G 239 29.13 -62.27 13.08
N GLU G 240 29.70 -63.39 12.62
CA GLU G 240 28.97 -64.30 11.73
C GLU G 240 28.84 -65.73 12.30
N TYR G 241 28.27 -66.62 11.50
CA TYR G 241 28.08 -68.00 11.91
C TYR G 241 27.94 -68.91 10.69
N ILE G 242 28.79 -69.91 10.62
CA ILE G 242 28.75 -70.88 9.52
C ILE G 242 28.01 -72.13 9.96
N MET G 243 26.69 -72.08 9.94
CA MET G 243 25.90 -73.25 10.30
C MET G 243 25.58 -74.10 9.07
N ALA G 244 25.84 -75.40 9.19
CA ALA G 244 25.49 -76.34 8.13
C ALA G 244 24.10 -76.91 8.40
N ILE G 245 23.35 -77.17 7.32
CA ILE G 245 21.95 -77.59 7.42
C ILE G 245 21.76 -79.10 7.52
N GLU G 246 21.20 -79.55 8.65
CA GLU G 246 21.00 -80.98 8.86
C GLU G 246 19.71 -81.52 8.25
N GLN G 247 18.73 -80.65 8.04
CA GLN G 247 17.51 -81.03 7.30
C GLN G 247 16.71 -79.84 6.78
N THR G 248 16.49 -79.81 5.47
CA THR G 248 15.73 -78.73 4.84
C THR G 248 14.22 -78.91 5.05
N ILE G 249 13.72 -78.38 6.18
CA ILE G 249 12.32 -78.52 6.58
C ILE G 249 11.35 -77.85 5.60
N LYS G 250 11.59 -76.58 5.27
CA LYS G 250 10.90 -75.94 4.15
C LYS G 250 11.88 -75.15 3.29
N SER G 251 12.07 -75.62 2.06
CA SER G 251 13.04 -75.01 1.14
C SER G 251 12.62 -73.62 0.70
N GLY G 252 13.60 -72.79 0.37
CA GLY G 252 13.34 -71.43 -0.08
C GLY G 252 13.99 -71.10 -1.41
N SER G 253 14.05 -69.80 -1.70
CA SER G 253 14.65 -69.30 -2.92
C SER G 253 16.13 -69.66 -2.95
N ASP G 254 16.55 -70.37 -1.92
CA ASP G 254 17.91 -70.88 -1.79
C ASP G 254 17.90 -72.36 -2.12
N GLU G 255 18.56 -72.73 -3.21
CA GLU G 255 18.64 -74.13 -3.63
C GLU G 255 19.71 -74.88 -2.84
N VAL G 256 19.41 -75.19 -1.58
CA VAL G 256 20.39 -75.80 -0.70
C VAL G 256 20.02 -77.24 -0.33
N GLN G 257 20.90 -78.17 -0.69
CA GLN G 257 20.74 -79.58 -0.36
C GLN G 257 21.18 -79.87 1.08
N VAL G 258 20.56 -80.89 1.68
CA VAL G 258 20.91 -81.28 3.04
C VAL G 258 22.43 -81.39 3.18
N GLY G 259 22.97 -80.83 4.26
CA GLY G 259 24.38 -80.96 4.54
C GLY G 259 25.24 -79.75 4.22
N GLN G 260 24.91 -79.04 3.14
CA GLN G 260 25.67 -77.87 2.74
C GLN G 260 25.77 -76.85 3.88
N GLN G 261 26.74 -75.96 3.81
CA GLN G 261 26.96 -74.94 4.83
C GLN G 261 26.42 -73.56 4.41
N ARG G 262 25.70 -72.91 5.32
CA ARG G 262 25.16 -71.58 5.05
C ARG G 262 25.58 -70.57 6.10
N THR G 263 25.90 -69.36 5.64
CA THR G 263 26.54 -68.34 6.47
C THR G 263 25.58 -67.25 6.99
N PHE G 264 25.29 -67.28 8.28
CA PHE G 264 24.41 -66.30 8.93
C PHE G 264 25.22 -65.15 9.54
N ILE G 265 24.60 -63.97 9.70
CA ILE G 265 25.28 -62.82 10.35
C ILE G 265 24.42 -62.06 11.36
N SER G 266 25.07 -61.41 12.31
CA SER G 266 24.38 -60.60 13.33
C SER G 266 25.21 -59.43 13.79
N PRO G 267 24.55 -58.36 14.28
CA PRO G 267 25.22 -57.20 14.89
C PRO G 267 25.93 -57.55 16.20
N ILE G 268 27.06 -56.91 16.44
CA ILE G 268 27.89 -57.16 17.62
C ILE G 268 27.12 -56.82 18.90
N LYS G 269 25.95 -56.24 18.74
CA LYS G 269 25.17 -55.75 19.86
C LYS G 269 24.16 -56.77 20.36
N CYS G 270 24.17 -57.95 19.75
CA CYS G 270 23.19 -58.99 20.07
C CYS G 270 23.82 -60.20 20.77
N ARG G 271 25.00 -60.01 21.37
CA ARG G 271 25.72 -61.09 22.03
C ARG G 271 24.89 -61.76 23.12
N GLU G 272 23.98 -60.98 23.71
CA GLU G 272 23.20 -61.46 24.84
C GLU G 272 21.96 -62.23 24.40
N ALA G 273 21.34 -61.78 23.32
CA ALA G 273 20.11 -62.37 22.82
C ALA G 273 20.24 -63.88 22.59
N LEU G 274 21.37 -64.31 22.05
CA LEU G 274 21.56 -65.73 21.77
C LEU G 274 22.85 -66.34 22.34
N LYS G 275 22.66 -67.32 23.23
CA LYS G 275 23.81 -68.06 23.75
C LYS G 275 24.38 -68.98 22.68
N LEU G 276 25.57 -68.61 22.23
CA LEU G 276 26.22 -69.30 21.12
C LEU G 276 27.09 -70.47 21.56
N GLU G 277 26.83 -71.62 20.95
CA GLU G 277 27.58 -72.83 21.25
C GLU G 277 27.81 -73.51 19.92
N GLU G 278 28.95 -74.16 19.78
CA GLU G 278 29.26 -74.90 18.56
C GLU G 278 28.79 -76.35 18.67
N LYS G 279 28.45 -76.95 17.53
CA LYS G 279 27.89 -78.29 17.48
C LYS G 279 26.52 -78.36 18.16
N LYS G 280 26.08 -77.26 18.76
CA LYS G 280 24.72 -77.14 19.27
C LYS G 280 23.76 -77.01 18.11
N HIS G 281 22.79 -77.91 18.05
CA HIS G 281 21.82 -77.91 16.97
C HIS G 281 20.76 -76.84 17.19
N TYR G 282 20.09 -76.42 16.12
CA TYR G 282 19.20 -75.27 16.21
C TYR G 282 17.98 -75.34 15.28
N LEU G 283 16.84 -74.88 15.80
CA LEU G 283 15.65 -74.62 14.99
C LEU G 283 15.55 -73.13 14.77
N MET G 284 15.33 -72.74 13.52
CA MET G 284 15.25 -71.33 13.18
C MET G 284 14.50 -71.14 11.87
N TRP G 285 13.79 -70.03 11.75
CA TRP G 285 13.22 -69.66 10.45
C TRP G 285 13.21 -68.15 10.33
N GLY G 286 13.06 -67.68 9.10
CA GLY G 286 13.03 -66.24 8.82
C GLY G 286 12.33 -65.96 7.50
N LEU G 287 12.79 -64.91 6.81
CA LEU G 287 12.19 -64.54 5.54
C LEU G 287 13.21 -64.60 4.42
N SER G 288 12.75 -64.46 3.18
CA SER G 288 13.65 -64.41 2.04
C SER G 288 14.14 -62.98 1.79
N SER G 289 13.84 -62.09 2.73
CA SER G 289 14.36 -60.73 2.73
C SER G 289 15.53 -60.65 3.72
N ASP G 290 15.89 -61.81 4.25
CA ASP G 290 17.04 -61.91 5.13
C ASP G 290 18.22 -62.41 4.33
N PHE G 291 18.05 -62.44 3.01
CA PHE G 291 19.10 -62.92 2.14
C PHE G 291 20.09 -61.79 1.83
N TRP G 292 21.37 -62.13 1.86
CA TRP G 292 22.45 -61.15 1.73
C TRP G 292 23.26 -61.40 0.46
N GLY G 293 23.39 -60.37 -0.38
CA GLY G 293 24.12 -60.52 -1.62
C GLY G 293 23.58 -61.63 -2.50
N GLU G 294 24.26 -61.87 -3.61
CA GLU G 294 23.75 -62.73 -4.67
C GLU G 294 24.01 -64.22 -4.44
N LYS G 295 23.42 -65.03 -5.31
CA LYS G 295 23.56 -66.48 -5.27
C LYS G 295 24.75 -66.90 -6.12
N PRO G 296 25.30 -68.10 -5.85
CA PRO G 296 24.93 -69.04 -4.78
C PRO G 296 25.79 -68.85 -3.52
N ASN G 297 26.50 -67.72 -3.45
CA ASN G 297 27.24 -67.38 -2.24
C ASN G 297 26.32 -66.61 -1.32
N LEU G 298 25.17 -67.21 -1.00
CA LEU G 298 24.12 -66.55 -0.22
C LEU G 298 24.38 -66.61 1.28
N SER G 299 23.84 -65.62 1.99
CA SER G 299 24.00 -65.53 3.43
C SER G 299 22.65 -65.33 4.09
N TYR G 300 22.63 -65.41 5.42
CA TYR G 300 21.39 -65.17 6.14
C TYR G 300 21.56 -64.03 7.15
N ILE G 301 20.55 -63.19 7.27
CA ILE G 301 20.65 -62.03 8.13
C ILE G 301 19.90 -62.28 9.42
N ILE G 302 20.56 -62.02 10.54
CA ILE G 302 19.95 -62.21 11.85
C ILE G 302 19.11 -61.00 12.23
N GLY G 303 17.80 -61.12 12.04
CA GLY G 303 16.89 -60.03 12.32
C GLY G 303 15.83 -60.18 13.40
N LYS G 304 14.80 -59.37 13.24
CA LYS G 304 13.62 -59.40 14.09
C LYS G 304 12.69 -60.47 13.56
N ASP G 305 12.36 -60.39 12.27
CA ASP G 305 11.43 -61.32 11.67
C ASP G 305 11.93 -62.76 11.70
N THR G 306 13.14 -62.97 12.20
CA THR G 306 13.68 -64.31 12.36
C THR G 306 13.50 -64.80 13.80
N TRP G 307 13.48 -66.12 13.93
CA TRP G 307 13.16 -66.78 15.18
C TRP G 307 14.29 -67.72 15.57
N VAL G 308 14.73 -67.65 16.82
CA VAL G 308 15.77 -68.57 17.26
C VAL G 308 15.55 -69.31 18.58
N GLU G 309 15.71 -70.63 18.48
CA GLU G 309 15.47 -71.58 19.55
C GLU G 309 16.54 -72.68 19.56
N HIS G 310 17.08 -72.95 20.73
CA HIS G 310 18.11 -73.96 20.90
C HIS G 310 17.53 -75.38 20.87
N TRP G 311 17.80 -76.11 19.79
CA TRP G 311 17.33 -77.48 19.67
C TRP G 311 18.23 -78.40 20.50
N PRO G 312 17.64 -79.10 21.48
CA PRO G 312 18.39 -79.95 22.42
C PRO G 312 19.16 -81.06 21.72
N GLU G 313 19.79 -81.92 22.52
CA GLU G 313 20.57 -83.02 21.99
C GLU G 313 19.86 -84.35 22.20
N GLU G 314 20.29 -85.37 21.46
CA GLU G 314 19.74 -86.71 21.59
C GLU G 314 19.51 -87.06 23.05
N ASP G 315 20.60 -87.18 23.80
CA ASP G 315 20.56 -87.64 25.17
C ASP G 315 20.35 -86.52 26.19
N GLU G 316 20.05 -85.31 25.72
CA GLU G 316 19.71 -84.21 26.62
C GLU G 316 18.21 -84.16 26.82
N CYS G 317 17.48 -84.69 25.85
CA CYS G 317 16.03 -84.72 25.90
C CYS G 317 15.51 -85.78 26.86
N GLN G 318 16.41 -86.60 27.38
CA GLN G 318 16.03 -87.61 28.36
C GLN G 318 15.66 -86.93 29.68
N ASP G 319 16.10 -85.68 29.85
CA ASP G 319 15.78 -84.88 31.03
C ASP G 319 14.27 -84.71 31.16
N GLU G 320 13.80 -84.44 32.38
CA GLU G 320 12.36 -84.35 32.63
C GLU G 320 11.85 -82.92 32.69
N GLU G 321 12.53 -82.01 32.01
CA GLU G 321 12.08 -80.63 31.89
C GLU G 321 12.28 -80.13 30.46
N ASN G 322 13.10 -80.86 29.71
CA ASN G 322 13.33 -80.59 28.28
C ASN G 322 12.26 -81.23 27.41
N GLN G 323 11.48 -82.13 28.00
CA GLN G 323 10.50 -82.93 27.25
C GLN G 323 9.39 -82.08 26.62
N LYS G 324 8.98 -81.02 27.32
CA LYS G 324 7.93 -80.13 26.81
C LYS G 324 8.35 -79.50 25.49
N GLN G 325 9.65 -79.54 25.22
CA GLN G 325 10.20 -78.95 24.01
C GLN G 325 10.43 -80.01 22.94
N CYS G 326 11.30 -80.98 23.25
CA CYS G 326 11.68 -82.03 22.31
C CYS G 326 10.47 -82.63 21.62
N GLN G 327 9.34 -82.64 22.32
CA GLN G 327 8.11 -83.18 21.78
C GLN G 327 7.44 -82.19 20.83
N ASP G 328 7.18 -80.97 21.31
CA ASP G 328 6.66 -79.92 20.45
C ASP G 328 7.45 -79.89 19.14
N LEU G 329 8.77 -79.86 19.25
CA LEU G 329 9.65 -79.88 18.08
C LEU G 329 9.33 -81.06 17.17
N GLY G 330 9.55 -82.26 17.68
CA GLY G 330 9.30 -83.48 16.93
C GLY G 330 8.05 -83.36 16.09
N ALA G 331 6.92 -83.16 16.76
CA ALA G 331 5.64 -83.02 16.07
C ALA G 331 5.73 -81.99 14.96
N PHE G 332 6.22 -80.81 15.31
CA PHE G 332 6.37 -79.72 14.35
C PHE G 332 7.06 -80.20 13.08
N THR G 333 8.05 -81.05 13.24
CA THR G 333 8.81 -81.56 12.09
C THR G 333 7.91 -82.28 11.12
N GLU G 334 7.16 -83.25 11.63
CA GLU G 334 6.26 -84.06 10.82
C GLU G 334 5.11 -83.22 10.29
N SER G 335 4.68 -82.24 11.09
CA SER G 335 3.52 -81.42 10.75
C SER G 335 3.81 -80.40 9.66
N MET G 336 5.10 -80.24 9.33
CA MET G 336 5.52 -79.28 8.32
C MET G 336 6.04 -79.98 7.05
N VAL G 337 6.34 -81.28 7.18
CA VAL G 337 6.85 -82.07 6.06
C VAL G 337 5.76 -82.83 5.29
N VAL G 338 4.84 -83.46 6.04
CA VAL G 338 3.79 -84.27 5.42
C VAL G 338 2.57 -83.45 5.00
N PHE G 339 2.17 -82.51 5.84
CA PHE G 339 1.02 -81.65 5.56
C PHE G 339 1.44 -80.30 4.96
N GLY G 340 2.08 -79.47 5.78
CA GLY G 340 2.47 -78.14 5.37
C GLY G 340 1.68 -77.10 6.12
N CYS G 341 1.52 -75.93 5.50
CA CYS G 341 0.80 -74.83 6.13
C CYS G 341 -0.69 -74.90 5.85
N PRO G 342 -1.51 -74.77 6.91
CA PRO G 342 -2.97 -74.85 6.83
C PRO G 342 -3.54 -73.95 5.73
N ASN G 343 -2.98 -72.76 5.57
CA ASN G 343 -3.47 -71.83 4.55
C ASN G 343 -3.03 -72.28 3.17
N LEU H 3 -22.58 -18.85 33.64
CA LEU H 3 -21.55 -17.93 34.04
C LEU H 3 -20.22 -18.66 34.05
N ASP H 4 -20.13 -19.64 33.15
CA ASP H 4 -19.02 -20.60 33.03
C ASP H 4 -19.09 -21.20 31.60
N GLU H 5 -19.95 -20.61 30.78
CA GLU H 5 -20.07 -21.04 29.40
C GLU H 5 -18.88 -20.52 28.60
N ASP H 6 -18.88 -20.87 27.31
CA ASP H 6 -17.90 -20.39 26.36
C ASP H 6 -18.23 -18.94 25.95
N ILE H 7 -18.44 -18.07 26.95
CA ILE H 7 -18.84 -16.69 26.69
C ILE H 7 -18.55 -15.68 27.78
N ILE H 8 -18.54 -14.43 27.37
CA ILE H 8 -18.19 -13.32 28.23
C ILE H 8 -19.43 -12.89 28.97
N ALA H 9 -19.24 -12.35 30.17
CA ALA H 9 -20.38 -11.98 31.01
C ALA H 9 -20.69 -10.51 31.00
N GLU H 10 -21.98 -10.20 30.97
CA GLU H 10 -22.43 -8.83 31.14
C GLU H 10 -21.72 -8.17 32.34
N GLU H 11 -21.30 -8.96 33.32
CA GLU H 11 -20.56 -8.42 34.47
C GLU H 11 -19.28 -7.80 33.96
N ASN H 12 -18.80 -8.30 32.83
CA ASN H 12 -17.45 -8.01 32.36
C ASN H 12 -17.42 -7.25 31.06
N ILE H 13 -18.59 -6.88 30.55
CA ILE H 13 -18.66 -6.05 29.34
C ILE H 13 -18.60 -4.58 29.73
N VAL H 14 -17.56 -3.90 29.29
CA VAL H 14 -17.50 -2.46 29.47
C VAL H 14 -17.82 -1.76 28.15
N SER H 15 -18.97 -1.09 28.07
CA SER H 15 -19.45 -0.57 26.80
C SER H 15 -18.61 0.61 26.25
N ARG H 16 -18.88 0.96 24.99
CA ARG H 16 -18.33 2.18 24.41
C ARG H 16 -19.41 3.23 24.60
N SER H 17 -18.98 4.45 24.92
CA SER H 17 -19.92 5.53 25.24
C SER H 17 -19.48 6.91 24.78
N GLU H 18 -18.19 7.09 24.53
CA GLU H 18 -17.65 8.42 24.21
C GLU H 18 -17.58 8.70 22.70
N PHE H 19 -18.66 9.18 22.10
CA PHE H 19 -18.66 9.40 20.66
C PHE H 19 -18.75 10.86 20.26
N PRO H 20 -17.69 11.64 20.52
CA PRO H 20 -17.65 13.02 20.02
C PRO H 20 -17.79 13.10 18.50
N GLU H 21 -18.20 14.26 17.99
CA GLU H 21 -18.26 14.44 16.54
C GLU H 21 -17.01 15.16 16.05
N SER H 22 -16.32 15.77 16.99
CA SER H 22 -15.07 16.45 16.72
C SER H 22 -14.30 16.44 18.01
N TRP H 23 -12.98 16.36 17.92
CA TRP H 23 -12.15 16.36 19.12
C TRP H 23 -10.74 16.66 18.76
N LEU H 24 -9.86 16.63 19.76
CA LEU H 24 -8.46 16.93 19.55
C LEU H 24 -8.34 18.37 19.08
N TRP H 25 -9.12 19.23 19.70
CA TRP H 25 -9.05 20.66 19.42
C TRP H 25 -7.90 21.22 20.26
N ASN H 26 -6.69 20.71 19.97
CA ASN H 26 -5.48 20.97 20.76
C ASN H 26 -4.49 21.90 20.07
N VAL H 27 -3.48 22.33 20.83
CA VAL H 27 -2.46 23.23 20.31
C VAL H 27 -1.05 22.77 20.65
N GLU H 28 -0.28 22.39 19.64
CA GLU H 28 1.07 21.91 19.86
C GLU H 28 2.08 22.82 19.20
N ASP H 29 3.31 22.80 19.69
CA ASP H 29 4.32 23.73 19.23
C ASP H 29 5.60 23.02 18.82
N LEU H 30 6.00 23.24 17.56
CA LEU H 30 7.19 22.59 17.04
C LEU H 30 8.48 23.23 17.57
N LYS H 31 8.78 23.00 18.84
CA LYS H 31 9.96 23.55 19.49
C LYS H 31 11.13 22.56 19.42
N GLU H 32 10.86 21.42 18.80
CA GLU H 32 11.83 20.33 18.71
C GLU H 32 13.03 20.70 17.87
N PRO H 33 14.13 19.92 17.99
CA PRO H 33 15.37 20.17 17.26
C PRO H 33 15.22 19.95 15.76
N PRO H 34 15.15 21.03 14.98
CA PRO H 34 14.96 20.93 13.54
C PRO H 34 15.97 19.96 12.96
N LYS H 35 15.58 19.17 11.97
CA LYS H 35 16.53 18.30 11.27
C LYS H 35 16.22 18.25 9.79
N ASN H 36 17.15 18.73 8.97
CA ASN H 36 16.88 18.90 7.56
C ASN H 36 15.79 19.92 7.40
N GLY H 37 15.75 20.87 8.33
CA GLY H 37 14.78 21.96 8.31
C GLY H 37 13.38 21.67 8.84
N ILE H 38 13.18 20.45 9.35
CA ILE H 38 11.85 19.97 9.68
C ILE H 38 11.69 19.52 11.12
N SER H 39 11.21 20.42 11.99
CA SER H 39 10.91 20.04 13.37
C SER H 39 9.88 18.93 13.34
N THR H 40 10.00 17.99 14.27
CA THR H 40 9.10 16.85 14.31
C THR H 40 8.56 16.64 15.71
N LYS H 41 7.24 16.65 15.88
CA LYS H 41 6.67 16.36 17.18
C LYS H 41 5.92 15.05 17.15
N LEU H 42 6.11 14.25 18.21
CA LEU H 42 5.35 13.02 18.40
C LEU H 42 4.27 13.26 19.44
N MET H 43 3.04 12.92 19.07
CA MET H 43 1.88 13.26 19.89
C MET H 43 1.20 12.03 20.43
N ASN H 44 0.88 12.08 21.71
CA ASN H 44 0.18 10.95 22.30
C ASN H 44 -1.29 11.21 22.45
N ILE H 45 -2.09 10.63 21.56
CA ILE H 45 -3.52 10.86 21.59
C ILE H 45 -4.28 9.55 21.86
N PHE H 46 -5.42 9.65 22.53
CA PHE H 46 -6.25 8.48 22.82
C PHE H 46 -7.50 8.51 21.97
N LEU H 47 -7.68 7.53 21.11
CA LEU H 47 -8.85 7.53 20.26
C LEU H 47 -10.14 7.38 21.04
N LYS H 48 -11.19 7.97 20.50
CA LYS H 48 -12.51 7.95 21.14
C LYS H 48 -13.23 6.68 20.67
N ASP H 49 -14.26 6.30 21.40
CA ASP H 49 -14.93 5.00 21.25
C ASP H 49 -15.59 4.73 19.89
N SER H 50 -15.93 5.78 19.15
CA SER H 50 -16.69 5.60 17.91
C SER H 50 -15.99 4.64 16.97
N ILE H 51 -16.78 3.84 16.25
CA ILE H 51 -16.23 3.02 15.17
C ILE H 51 -16.52 3.69 13.83
N THR H 52 -15.52 4.41 13.33
CA THR H 52 -15.68 5.24 12.15
C THR H 52 -14.32 5.52 11.52
N THR H 53 -14.24 6.57 10.71
CA THR H 53 -12.96 7.12 10.29
C THR H 53 -12.82 8.55 10.76
N TRP H 54 -11.77 8.81 11.53
CA TRP H 54 -11.47 10.16 11.96
C TRP H 54 -10.71 10.87 10.88
N GLU H 55 -11.02 12.15 10.70
CA GLU H 55 -10.24 13.00 9.82
C GLU H 55 -9.58 14.14 10.58
N ILE H 56 -8.26 14.07 10.68
CA ILE H 56 -7.50 15.05 11.41
C ILE H 56 -6.97 16.14 10.50
N LEU H 57 -7.28 17.39 10.88
CA LEU H 57 -6.83 18.55 10.13
C LEU H 57 -5.94 19.42 11.02
N ALA H 58 -4.77 19.76 10.48
CA ALA H 58 -3.81 20.62 11.16
C ALA H 58 -3.59 21.92 10.38
N VAL H 59 -3.54 23.05 11.08
CA VAL H 59 -3.08 24.27 10.44
C VAL H 59 -1.87 24.74 11.21
N SER H 60 -0.87 25.25 10.48
CA SER H 60 0.32 25.77 11.10
C SER H 60 0.45 27.25 10.82
N MET H 61 0.88 27.97 11.83
CA MET H 61 1.11 29.40 11.72
C MET H 61 2.53 29.67 12.16
N SER H 62 3.35 30.18 11.25
CA SER H 62 4.70 30.65 11.61
C SER H 62 4.95 32.02 11.03
N ASP H 63 5.51 32.92 11.83
CA ASP H 63 5.76 34.29 11.36
C ASP H 63 6.88 34.34 10.33
N LYS H 64 7.69 33.29 10.28
CA LYS H 64 8.67 33.19 9.24
C LYS H 64 7.98 32.72 7.94
N LYS H 65 7.23 31.63 8.02
CA LYS H 65 6.72 30.99 6.82
C LYS H 65 5.19 31.09 6.62
N GLY H 66 4.49 31.66 7.60
CA GLY H 66 3.04 31.87 7.54
C GLY H 66 2.06 30.76 7.93
N ILE H 67 0.91 30.77 7.25
CA ILE H 67 -0.15 29.78 7.48
C ILE H 67 0.00 28.57 6.56
N CYS H 68 -0.65 27.47 6.95
CA CYS H 68 -0.48 26.20 6.23
C CYS H 68 -1.50 25.14 6.58
N VAL H 69 -2.50 25.01 5.73
CA VAL H 69 -3.49 23.97 5.85
C VAL H 69 -2.88 22.62 5.47
N ALA H 70 -2.38 21.91 6.47
CA ALA H 70 -1.94 20.54 6.25
C ALA H 70 -2.99 19.74 5.49
N ASP H 71 -2.56 18.73 4.74
CA ASP H 71 -3.50 17.85 4.09
C ASP H 71 -4.32 17.23 5.20
N PRO H 72 -5.47 16.63 4.86
CA PRO H 72 -6.23 15.86 5.84
C PRO H 72 -5.49 14.56 6.02
N PHE H 73 -5.64 13.91 7.17
CA PHE H 73 -5.00 12.63 7.39
C PHE H 73 -5.98 11.73 8.10
N GLU H 74 -6.30 10.60 7.48
CA GLU H 74 -7.35 9.71 7.99
C GLU H 74 -6.82 8.60 8.90
N VAL H 75 -7.66 8.22 9.86
CA VAL H 75 -7.34 7.17 10.82
C VAL H 75 -8.64 6.36 10.98
N THR H 76 -8.60 5.05 10.70
CA THR H 76 -9.82 4.25 10.84
C THR H 76 -9.81 3.32 12.07
N VAL H 77 -10.73 3.59 13.00
CA VAL H 77 -10.91 2.72 14.15
C VAL H 77 -11.98 1.74 13.82
N MET H 78 -11.68 0.45 13.94
CA MET H 78 -12.69 -0.57 13.71
C MET H 78 -12.58 -1.81 14.57
N GLN H 79 -13.35 -2.84 14.21
CA GLN H 79 -13.42 -4.05 15.02
C GLN H 79 -13.99 -5.13 14.12
N ASP H 80 -13.71 -6.39 14.41
CA ASP H 80 -14.27 -7.47 13.60
C ASP H 80 -15.76 -7.73 13.89
N PHE H 81 -16.16 -7.46 15.13
CA PHE H 81 -17.56 -7.52 15.58
C PHE H 81 -17.85 -6.38 16.55
N PHE H 82 -19.04 -5.79 16.43
CA PHE H 82 -19.45 -4.65 17.26
C PHE H 82 -20.93 -4.36 17.05
N ILE H 83 -21.48 -3.49 17.88
CA ILE H 83 -22.89 -3.10 17.74
C ILE H 83 -23.02 -1.66 17.27
N ASP H 84 -24.04 -1.41 16.46
CA ASP H 84 -24.44 -0.06 16.05
C ASP H 84 -25.78 0.25 16.68
N LEU H 85 -25.79 1.05 17.73
CA LEU H 85 -27.04 1.45 18.35
C LEU H 85 -27.61 2.70 17.69
N ARG H 86 -28.50 2.50 16.75
CA ARG H 86 -29.02 3.61 15.97
C ARG H 86 -30.28 4.25 16.60
N LEU H 87 -30.02 5.22 17.47
CA LEU H 87 -31.09 5.99 18.08
C LEU H 87 -31.38 7.19 17.20
N PRO H 88 -32.64 7.64 17.19
CA PRO H 88 -33.03 8.78 16.37
C PRO H 88 -32.71 10.03 17.16
N TYR H 89 -33.04 11.19 16.65
CA TYR H 89 -32.68 12.42 17.34
C TYR H 89 -33.41 12.59 18.68
N SER H 90 -34.73 12.35 18.66
CA SER H 90 -35.59 12.62 19.82
C SER H 90 -36.89 11.83 19.80
N VAL H 91 -37.23 11.24 20.95
CA VAL H 91 -38.53 10.64 21.13
C VAL H 91 -39.42 11.43 22.11
N VAL H 92 -40.72 11.14 22.04
CA VAL H 92 -41.69 11.83 22.86
C VAL H 92 -42.15 10.91 23.99
N ARG H 93 -41.98 11.37 25.23
CA ARG H 93 -42.34 10.58 26.41
C ARG H 93 -43.68 9.88 26.20
N ASN H 94 -43.73 8.58 26.46
CA ASN H 94 -44.98 7.82 26.45
C ASN H 94 -45.48 7.40 25.07
N GLU H 95 -44.68 7.59 24.03
CA GLU H 95 -44.99 6.98 22.74
C GLU H 95 -44.08 5.79 22.50
N GLN H 96 -44.66 4.74 21.91
CA GLN H 96 -43.92 3.50 21.72
C GLN H 96 -43.22 3.48 20.37
N VAL H 97 -41.94 3.20 20.40
CA VAL H 97 -41.16 3.10 19.19
C VAL H 97 -40.39 1.79 19.17
N GLU H 98 -39.45 1.70 18.24
CA GLU H 98 -38.63 0.52 18.08
C GLU H 98 -37.23 0.89 17.72
N ILE H 99 -36.34 0.83 18.68
CA ILE H 99 -34.98 1.06 18.31
C ILE H 99 -34.38 -0.22 17.72
N ARG H 100 -33.38 -0.03 16.85
CA ARG H 100 -32.66 -1.15 16.26
C ARG H 100 -31.19 -1.15 16.67
N ALA H 101 -30.79 -2.30 17.21
CA ALA H 101 -29.40 -2.64 17.46
C ALA H 101 -28.92 -3.41 16.24
N VAL H 102 -27.98 -2.84 15.48
CA VAL H 102 -27.41 -3.53 14.32
C VAL H 102 -26.09 -4.16 14.71
N LEU H 103 -26.02 -5.48 14.53
CA LEU H 103 -24.85 -6.24 14.92
C LEU H 103 -24.01 -6.56 13.68
N TYR H 104 -22.79 -6.02 13.65
CA TYR H 104 -21.93 -6.22 12.51
C TYR H 104 -20.93 -7.34 12.80
N ASN H 105 -20.85 -8.30 11.87
CA ASN H 105 -19.81 -9.34 11.86
C ASN H 105 -18.91 -9.31 10.62
N TYR H 106 -17.72 -8.73 10.76
CA TYR H 106 -16.83 -8.62 9.61
C TYR H 106 -15.70 -9.66 9.63
N ARG H 107 -15.99 -10.79 10.30
CA ARG H 107 -15.11 -11.95 10.27
C ARG H 107 -15.15 -12.57 8.89
N GLN H 108 -13.95 -12.86 8.38
CA GLN H 108 -13.75 -13.52 7.10
C GLN H 108 -14.76 -14.63 6.77
N ASN H 109 -14.71 -15.71 7.53
CA ASN H 109 -15.35 -16.95 7.12
C ASN H 109 -15.85 -17.83 8.26
N GLN H 110 -16.90 -17.40 8.93
CA GLN H 110 -17.55 -18.22 9.94
C GLN H 110 -18.70 -17.42 10.51
N GLU H 111 -19.85 -18.06 10.71
CA GLU H 111 -20.96 -17.35 11.33
C GLU H 111 -20.78 -17.21 12.84
N LEU H 112 -21.35 -16.13 13.37
CA LEU H 112 -21.22 -15.80 14.79
C LEU H 112 -22.52 -16.02 15.55
N LYS H 113 -22.42 -16.63 16.73
CA LYS H 113 -23.59 -16.81 17.58
C LYS H 113 -23.51 -15.85 18.77
N VAL H 114 -24.43 -14.89 18.85
CA VAL H 114 -24.39 -13.88 19.90
C VAL H 114 -25.60 -13.94 20.81
N ARG H 115 -25.37 -13.74 22.11
CA ARG H 115 -26.44 -13.42 23.06
C ARG H 115 -26.40 -11.91 23.29
N VAL H 116 -27.29 -11.18 22.59
CA VAL H 116 -27.39 -9.72 22.71
C VAL H 116 -28.54 -9.34 23.61
N GLU H 117 -28.40 -8.20 24.29
CA GLU H 117 -29.20 -7.94 25.47
C GLU H 117 -29.45 -6.42 25.70
N LEU H 118 -30.71 -6.02 25.70
CA LEU H 118 -31.04 -4.65 26.03
C LEU H 118 -31.12 -4.51 27.54
N LEU H 119 -30.20 -3.73 28.11
CA LEU H 119 -30.18 -3.53 29.55
C LEU H 119 -31.41 -2.83 30.06
N HIS H 120 -31.79 -3.12 31.29
CA HIS H 120 -32.98 -2.55 31.87
C HIS H 120 -32.75 -1.11 32.25
N ASN H 121 -33.71 -0.25 31.94
CA ASN H 121 -33.68 1.14 32.40
C ASN H 121 -35.03 1.55 32.95
N PRO H 122 -35.10 1.82 34.27
CA PRO H 122 -36.35 2.23 34.88
C PRO H 122 -37.03 3.35 34.09
N ALA H 123 -36.25 4.19 33.43
CA ALA H 123 -36.83 5.35 32.76
C ALA H 123 -37.40 4.98 31.38
N PHE H 124 -37.61 3.70 31.12
CA PHE H 124 -38.09 3.22 29.83
C PHE H 124 -38.96 2.02 30.09
N CYS H 125 -39.92 1.78 29.21
CA CYS H 125 -40.76 0.60 29.39
C CYS H 125 -40.42 -0.45 28.37
N SER H 126 -39.62 -1.42 28.79
CA SER H 126 -39.04 -2.45 27.92
C SER H 126 -39.30 -3.83 28.52
N LEU H 127 -39.22 -4.88 27.70
CA LEU H 127 -39.37 -6.24 28.22
C LEU H 127 -38.35 -6.58 29.29
N ALA H 128 -37.59 -5.59 29.71
CA ALA H 128 -36.50 -5.81 30.65
C ALA H 128 -36.84 -5.25 32.00
N THR H 129 -36.79 -6.11 33.00
CA THR H 129 -37.16 -5.76 34.35
C THR H 129 -35.95 -5.79 35.27
N THR H 130 -36.12 -5.21 36.47
CA THR H 130 -35.08 -5.23 37.50
C THR H 130 -34.51 -6.63 37.68
N LYS H 131 -35.35 -7.63 37.47
CA LYS H 131 -35.00 -9.03 37.75
C LYS H 131 -34.78 -9.85 36.48
N ARG H 132 -35.78 -9.86 35.61
CA ARG H 132 -35.70 -10.54 34.31
C ARG H 132 -34.93 -9.67 33.30
N ARG H 133 -33.96 -10.26 32.58
CA ARG H 133 -33.26 -9.55 31.51
C ARG H 133 -33.97 -9.76 30.17
N HIS H 134 -33.58 -8.99 29.16
CA HIS H 134 -34.14 -9.23 27.83
C HIS H 134 -33.11 -9.61 26.76
N GLN H 135 -32.94 -10.91 26.55
CA GLN H 135 -31.99 -11.38 25.54
C GLN H 135 -32.63 -12.29 24.48
N GLN H 136 -32.07 -12.25 23.28
CA GLN H 136 -32.30 -13.28 22.29
C GLN H 136 -30.95 -13.95 22.14
N THR H 137 -30.90 -15.02 21.37
CA THR H 137 -29.62 -15.59 20.97
C THR H 137 -29.66 -15.72 19.47
N VAL H 138 -28.76 -15.02 18.80
CA VAL H 138 -28.84 -14.91 17.35
C VAL H 138 -27.59 -15.24 16.58
N THR H 139 -27.83 -15.48 15.30
CA THR H 139 -26.81 -15.90 14.37
C THR H 139 -26.65 -14.90 13.22
N ILE H 140 -25.43 -14.40 13.07
CA ILE H 140 -25.08 -13.48 12.00
C ILE H 140 -24.25 -14.24 11.00
N PRO H 141 -24.65 -14.22 9.72
CA PRO H 141 -23.71 -14.75 8.72
C PRO H 141 -22.41 -13.96 8.76
N PRO H 142 -21.36 -14.43 8.08
CA PRO H 142 -20.14 -13.64 8.07
C PRO H 142 -20.28 -12.62 6.99
N LYS H 143 -19.42 -11.61 7.03
CA LYS H 143 -19.50 -10.47 6.14
C LYS H 143 -20.93 -10.01 6.03
N SER H 144 -21.57 -9.71 7.16
CA SER H 144 -22.84 -8.98 7.14
C SER H 144 -23.44 -8.61 8.49
N SER H 145 -24.66 -8.12 8.42
CA SER H 145 -25.29 -7.47 9.54
C SER H 145 -26.57 -8.17 9.97
N LEU H 146 -26.75 -8.31 11.27
CA LEU H 146 -28.05 -8.70 11.81
C LEU H 146 -28.73 -7.54 12.53
N SER H 147 -29.98 -7.29 12.20
CA SER H 147 -30.73 -6.24 12.87
C SER H 147 -31.50 -6.80 14.07
N VAL H 148 -31.49 -6.08 15.18
CA VAL H 148 -32.14 -6.60 16.37
C VAL H 148 -33.08 -5.56 16.94
N PRO H 149 -34.39 -5.75 16.71
CA PRO H 149 -35.44 -4.89 17.23
C PRO H 149 -35.50 -4.94 18.74
N TYR H 150 -35.61 -3.76 19.32
CA TYR H 150 -36.01 -3.61 20.71
C TYR H 150 -37.07 -2.53 20.69
N VAL H 151 -38.29 -2.87 21.13
CA VAL H 151 -39.36 -1.87 21.24
C VAL H 151 -39.40 -1.38 22.67
N ILE H 152 -39.55 -0.07 22.81
CA ILE H 152 -39.53 0.55 24.13
C ILE H 152 -40.52 1.70 24.19
N VAL H 153 -40.63 2.28 25.37
CA VAL H 153 -41.47 3.43 25.62
C VAL H 153 -40.74 4.34 26.59
N PRO H 154 -40.41 5.57 26.16
CA PRO H 154 -39.69 6.52 27.00
C PRO H 154 -40.61 6.98 28.12
N LEU H 155 -40.12 7.05 29.34
CA LEU H 155 -41.02 7.30 30.45
C LEU H 155 -40.76 8.62 31.17
N LYS H 156 -39.57 9.20 30.98
CA LYS H 156 -39.30 10.50 31.61
C LYS H 156 -38.64 11.44 30.64
N THR H 157 -39.10 12.68 30.63
CA THR H 157 -38.52 13.68 29.76
C THR H 157 -37.05 13.84 30.06
N GLY H 158 -36.44 14.81 29.39
CA GLY H 158 -35.02 15.00 29.47
C GLY H 158 -34.22 13.89 28.83
N LEU H 159 -32.96 13.81 29.27
CA LEU H 159 -31.96 12.99 28.61
C LEU H 159 -31.91 11.56 29.16
N GLN H 160 -32.43 10.61 28.38
CA GLN H 160 -32.44 9.19 28.76
C GLN H 160 -31.45 8.30 27.99
N GLU H 161 -31.18 7.12 28.55
CA GLU H 161 -30.09 6.30 28.00
C GLU H 161 -30.38 4.81 27.71
N VAL H 162 -30.30 4.46 26.43
CA VAL H 162 -30.45 3.09 26.00
C VAL H 162 -29.08 2.43 25.97
N GLU H 163 -29.00 1.16 26.40
CA GLU H 163 -27.73 0.42 26.39
C GLU H 163 -27.89 -1.03 25.97
N VAL H 164 -27.13 -1.44 24.95
CA VAL H 164 -27.11 -2.83 24.52
C VAL H 164 -25.74 -3.49 24.67
N LYS H 165 -25.75 -4.79 24.99
CA LYS H 165 -24.55 -5.58 25.11
C LYS H 165 -24.72 -6.88 24.35
N ALA H 166 -23.65 -7.33 23.73
CA ALA H 166 -23.67 -8.61 23.07
C ALA H 166 -22.32 -9.29 23.25
N ALA H 167 -22.35 -10.62 23.25
CA ALA H 167 -21.13 -11.41 23.30
C ALA H 167 -21.24 -12.58 22.33
N VAL H 168 -20.12 -12.88 21.66
CA VAL H 168 -20.05 -14.03 20.76
C VAL H 168 -19.59 -15.24 21.55
N TYR H 169 -20.11 -16.40 21.16
CA TYR H 169 -19.76 -17.65 21.82
C TYR H 169 -18.48 -18.23 21.26
N HIS H 170 -17.71 -18.89 22.11
CA HIS H 170 -16.55 -19.65 21.66
C HIS H 170 -15.36 -18.74 21.39
N HIS H 171 -15.63 -17.56 20.85
CA HIS H 171 -14.66 -16.48 20.90
C HIS H 171 -14.82 -15.90 22.28
N PHE H 172 -14.08 -14.83 22.55
CA PHE H 172 -14.32 -14.06 23.75
C PHE H 172 -14.31 -12.65 23.27
N ILE H 173 -15.22 -12.39 22.34
CA ILE H 173 -15.41 -11.05 21.84
C ILE H 173 -16.74 -10.50 22.34
N SER H 174 -16.74 -9.22 22.64
CA SER H 174 -17.89 -8.58 23.22
C SER H 174 -17.83 -7.11 22.90
N ASP H 175 -19.01 -6.54 22.71
CA ASP H 175 -19.16 -5.11 22.59
C ASP H 175 -20.34 -4.69 23.48
N GLY H 176 -20.42 -3.39 23.74
CA GLY H 176 -21.58 -2.81 24.40
C GLY H 176 -21.60 -1.33 24.11
N VAL H 177 -22.74 -0.81 23.65
CA VAL H 177 -22.84 0.63 23.38
C VAL H 177 -23.79 1.33 24.34
N ARG H 178 -23.42 2.54 24.72
CA ARG H 178 -24.28 3.35 25.56
C ARG H 178 -24.57 4.73 24.92
N LYS H 179 -25.65 4.80 24.15
CA LYS H 179 -26.04 6.03 23.51
C LYS H 179 -27.16 6.72 24.28
N SER H 180 -27.31 8.03 24.11
CA SER H 180 -28.37 8.79 24.77
C SER H 180 -29.19 9.61 23.80
N LEU H 181 -30.50 9.66 24.07
CA LEU H 181 -31.45 10.32 23.18
C LEU H 181 -32.30 11.34 23.94
N LYS H 182 -32.75 12.38 23.24
CA LYS H 182 -33.62 13.40 23.82
C LYS H 182 -35.03 12.88 23.97
N VAL H 183 -35.52 12.89 25.20
CA VAL H 183 -36.93 12.67 25.47
C VAL H 183 -37.62 14.01 25.63
N VAL H 184 -38.74 14.16 24.92
CA VAL H 184 -39.51 15.40 24.97
C VAL H 184 -40.97 15.13 25.28
N PRO H 185 -41.57 15.98 26.13
CA PRO H 185 -42.98 15.83 26.51
C PRO H 185 -43.91 16.27 25.39
N GLU H 186 -45.15 15.78 25.43
CA GLU H 186 -46.14 16.14 24.41
C GLU H 186 -46.96 17.36 24.84
C1 NAG I . 9.68 13.00 -45.66
C2 NAG I . 10.04 12.02 -44.53
C3 NAG I . 9.05 10.86 -44.44
C4 NAG I . 8.22 10.74 -45.73
C5 NAG I . 7.45 12.03 -46.01
C6 NAG I . 6.20 12.17 -45.13
C7 NAG I . 12.45 11.87 -43.93
C8 NAG I . 12.22 12.90 -42.86
N2 NAG I . 11.42 11.56 -44.72
O3 NAG I . 8.20 11.00 -43.33
O4 NAG I . 9.04 10.43 -46.83
O5 NAG I . 8.28 13.19 -45.83
O6 NAG I . 5.07 11.56 -45.72
O7 NAG I . 13.56 11.37 -44.06
C1 NAG J . 18.35 44.81 -2.00
C2 NAG J . 17.12 43.98 -1.64
C3 NAG J . 17.24 43.35 -0.26
C4 NAG J . 18.34 44.03 0.57
C5 NAG J . 19.69 43.94 -0.14
C6 NAG J . 20.34 42.55 0.00
C7 NAG J . 14.98 44.67 -2.70
C8 NAG J . 15.21 43.68 -3.79
N2 NAG J . 15.92 44.81 -1.76
O3 NAG J . 17.49 41.95 -0.34
O4 NAG J . 18.02 45.38 0.81
O5 NAG J . 19.57 44.25 -1.53
O6 NAG J . 21.13 42.46 1.17
O7 NAG J . 13.93 45.32 -2.69
#